data_2J8L
#
_entry.id   2J8L
#
_cell.length_a   1.000
_cell.length_b   1.000
_cell.length_c   1.000
_cell.angle_alpha   90.00
_cell.angle_beta   90.00
_cell.angle_gamma   90.00
#
_symmetry.space_group_name_H-M   'P 1'
#
_entity_poly.entity_id   1
_entity_poly.type   'polypeptide(L)'
_entity_poly.pdbx_seq_one_letter_code
;FCHSSFYHDTDFLGEELDIVAAKSHEACQKLCTNAVRCQFFTYTPAQASCNEGKGKCYLKLSSNGSPTKILHGRGGISGY
TLRLCKMDNE
;
_entity_poly.pdbx_strand_id   A,B
#
# COMPACT_ATOMS: atom_id res chain seq x y z
N PHE A 1 -24.04 -10.10 -2.70
CA PHE A 1 -23.85 -11.39 -2.00
C PHE A 1 -22.82 -12.23 -2.75
N CYS A 2 -21.68 -12.45 -2.11
CA CYS A 2 -20.57 -13.20 -2.71
C CYS A 2 -19.43 -13.35 -1.70
N HIS A 3 -18.62 -12.31 -1.57
CA HIS A 3 -17.52 -12.33 -0.62
C HIS A 3 -17.30 -10.92 -0.06
N SER A 4 -18.37 -10.35 0.50
CA SER A 4 -18.30 -9.06 1.19
C SER A 4 -17.12 -9.02 2.16
N SER A 5 -16.09 -8.29 1.79
CA SER A 5 -14.88 -8.21 2.59
C SER A 5 -14.83 -6.87 3.31
N PHE A 6 -14.89 -6.91 4.64
CA PHE A 6 -14.80 -5.70 5.44
C PHE A 6 -13.76 -5.88 6.55
N TYR A 7 -12.53 -5.42 6.27
CA TYR A 7 -11.44 -5.55 7.23
C TYR A 7 -11.26 -4.24 7.98
N HIS A 8 -10.86 -4.34 9.25
CA HIS A 8 -10.69 -3.16 10.08
C HIS A 8 -9.23 -2.99 10.48
N ASP A 9 -8.68 -1.81 10.19
CA ASP A 9 -7.32 -1.43 10.61
C ASP A 9 -6.23 -2.17 9.81
N THR A 10 -6.50 -3.42 9.47
CA THR A 10 -5.56 -4.24 8.72
C THR A 10 -5.91 -4.22 7.24
N ASP A 11 -4.90 -4.06 6.39
CA ASP A 11 -5.13 -4.02 4.97
C ASP A 11 -4.67 -5.30 4.31
N PHE A 12 -5.58 -5.96 3.63
CA PHE A 12 -5.28 -7.17 2.87
C PHE A 12 -5.07 -6.81 1.40
N LEU A 13 -3.84 -6.92 0.93
CA LEU A 13 -3.50 -6.50 -0.42
C LEU A 13 -3.18 -7.73 -1.28
N GLY A 14 -3.73 -7.76 -2.49
CA GLY A 14 -3.45 -8.85 -3.41
C GLY A 14 -2.62 -8.40 -4.60
N GLU A 15 -3.29 -7.83 -5.60
CA GLU A 15 -2.61 -7.44 -6.82
C GLU A 15 -2.89 -5.99 -7.20
N GLU A 16 -4.02 -5.75 -7.84
CA GLU A 16 -4.29 -4.45 -8.44
C GLU A 16 -4.63 -3.41 -7.38
N LEU A 17 -4.18 -2.17 -7.58
CA LEU A 17 -4.47 -1.10 -6.64
C LEU A 17 -4.48 0.26 -7.34
N ASP A 18 -5.41 1.11 -6.94
CA ASP A 18 -5.46 2.51 -7.39
C ASP A 18 -6.23 3.33 -6.36
N ILE A 19 -5.92 4.62 -6.24
CA ILE A 19 -6.54 5.43 -5.21
C ILE A 19 -7.41 6.53 -5.81
N VAL A 20 -8.63 6.62 -5.29
CA VAL A 20 -9.55 7.68 -5.63
C VAL A 20 -9.80 8.51 -4.37
N ALA A 21 -10.33 9.71 -4.49
CA ALA A 21 -10.61 10.52 -3.32
C ALA A 21 -11.87 10.03 -2.63
N ALA A 22 -11.96 10.27 -1.33
CA ALA A 22 -13.10 9.81 -0.55
C ALA A 22 -14.11 10.93 -0.38
N LYS A 23 -14.00 11.94 -1.23
CA LYS A 23 -14.95 13.03 -1.27
C LYS A 23 -16.32 12.45 -1.59
N SER A 24 -17.23 12.52 -0.62
CA SER A 24 -18.50 11.76 -0.60
C SER A 24 -18.22 10.26 -0.70
N HIS A 25 -18.47 9.55 0.40
CA HIS A 25 -18.14 8.13 0.51
C HIS A 25 -18.71 7.29 -0.64
N GLU A 26 -19.89 7.67 -1.12
CA GLU A 26 -20.54 6.93 -2.20
C GLU A 26 -19.72 6.99 -3.49
N ALA A 27 -18.90 8.05 -3.62
CA ALA A 27 -18.14 8.30 -4.84
C ALA A 27 -17.32 7.10 -5.27
N CYS A 28 -16.51 6.56 -4.36
CA CYS A 28 -15.65 5.45 -4.74
C CYS A 28 -16.46 4.17 -4.90
N GLN A 29 -17.65 4.12 -4.31
CA GLN A 29 -18.53 2.98 -4.54
C GLN A 29 -18.99 3.00 -5.99
N LYS A 30 -19.09 4.22 -6.54
CA LYS A 30 -19.48 4.40 -7.93
C LYS A 30 -18.41 3.92 -8.89
N LEU A 31 -17.21 3.61 -8.36
CA LEU A 31 -16.18 3.03 -9.21
C LEU A 31 -16.69 1.71 -9.76
N CYS A 32 -17.47 1.02 -8.92
CA CYS A 32 -18.03 -0.26 -9.28
C CYS A 32 -19.27 -0.10 -10.17
N THR A 33 -19.79 1.11 -10.28
CA THR A 33 -20.95 1.35 -11.15
C THR A 33 -20.51 1.73 -12.56
N ASN A 34 -19.21 1.90 -12.75
CA ASN A 34 -18.66 2.18 -14.07
C ASN A 34 -18.09 0.89 -14.65
N ALA A 35 -17.67 0.01 -13.75
CA ALA A 35 -17.12 -1.28 -14.12
C ALA A 35 -17.09 -2.19 -12.89
N VAL A 36 -17.87 -3.24 -12.91
CA VAL A 36 -17.94 -4.16 -11.77
C VAL A 36 -16.70 -5.06 -11.74
N ARG A 37 -15.58 -4.48 -11.36
CA ARG A 37 -14.33 -5.21 -11.24
C ARG A 37 -13.68 -4.96 -9.88
N CYS A 38 -14.10 -3.89 -9.21
CA CYS A 38 -13.60 -3.56 -7.88
C CYS A 38 -14.18 -4.51 -6.84
N GLN A 39 -13.34 -5.34 -6.25
CA GLN A 39 -13.81 -6.36 -5.33
C GLN A 39 -13.86 -5.85 -3.89
N PHE A 40 -12.89 -5.01 -3.52
CA PHE A 40 -12.89 -4.41 -2.19
C PHE A 40 -12.00 -3.18 -2.16
N PHE A 41 -12.46 -2.12 -1.50
CA PHE A 41 -11.66 -0.90 -1.44
C PHE A 41 -11.35 -0.52 0.00
N THR A 42 -10.15 0.01 0.21
CA THR A 42 -9.73 0.46 1.52
C THR A 42 -10.14 1.90 1.76
N TYR A 43 -10.93 2.10 2.79
CA TYR A 43 -11.41 3.42 3.15
C TYR A 43 -10.64 3.96 4.34
N THR A 44 -10.26 5.22 4.26
CA THR A 44 -9.65 5.90 5.38
C THR A 44 -10.39 7.23 5.63
N PRO A 45 -11.06 7.35 6.78
CA PRO A 45 -11.89 8.51 7.13
C PRO A 45 -11.06 9.67 7.68
N ALA A 46 -9.93 9.94 7.05
CA ALA A 46 -9.03 11.00 7.50
C ALA A 46 -9.55 12.37 7.08
N GLN A 47 -10.46 12.91 7.89
CA GLN A 47 -10.95 14.27 7.69
C GLN A 47 -11.18 14.96 9.03
N ALA A 48 -12.07 14.37 9.83
CA ALA A 48 -12.39 14.93 11.14
C ALA A 48 -11.22 14.77 12.10
N SER A 49 -10.28 15.70 11.99
CA SER A 49 -9.08 15.71 12.81
C SER A 49 -8.34 17.00 12.56
N CYS A 50 -7.98 17.23 11.30
CA CYS A 50 -7.24 18.44 10.92
C CYS A 50 -7.58 18.84 9.48
N ASN A 51 -7.50 17.86 8.57
CA ASN A 51 -7.69 18.13 7.15
C ASN A 51 -9.18 18.24 6.80
N GLU A 52 -9.58 19.41 6.34
CA GLU A 52 -10.98 19.67 5.99
C GLU A 52 -11.31 19.11 4.61
N GLY A 53 -10.31 18.54 3.95
CA GLY A 53 -10.53 17.97 2.64
C GLY A 53 -11.27 16.64 2.70
N LYS A 54 -10.53 15.55 2.60
CA LYS A 54 -11.09 14.21 2.64
C LYS A 54 -9.99 13.17 2.68
N GLY A 55 -10.38 11.91 2.69
CA GLY A 55 -9.42 10.83 2.63
C GLY A 55 -9.36 10.25 1.24
N LYS A 56 -9.24 8.93 1.15
CA LYS A 56 -9.13 8.27 -0.14
C LYS A 56 -9.69 6.86 -0.09
N CYS A 57 -9.92 6.29 -1.26
CA CYS A 57 -10.46 4.95 -1.39
C CYS A 57 -9.52 4.10 -2.23
N TYR A 58 -8.95 3.08 -1.62
CA TYR A 58 -8.02 2.19 -2.32
C TYR A 58 -8.76 1.08 -3.06
N LEU A 59 -8.93 1.27 -4.36
CA LEU A 59 -9.59 0.27 -5.19
C LEU A 59 -8.60 -0.84 -5.49
N LYS A 60 -8.89 -2.04 -5.01
CA LYS A 60 -8.01 -3.16 -5.25
C LYS A 60 -8.79 -4.41 -5.63
N LEU A 61 -8.09 -5.35 -6.24
CA LEU A 61 -8.67 -6.58 -6.71
C LEU A 61 -7.82 -7.75 -6.25
N SER A 62 -8.45 -8.94 -6.23
CA SER A 62 -7.86 -10.22 -5.83
C SER A 62 -7.63 -10.27 -4.31
N SER A 63 -8.62 -10.81 -3.62
CA SER A 63 -8.55 -10.99 -2.18
C SER A 63 -8.04 -12.39 -1.82
N ASN A 64 -8.66 -13.40 -2.44
CA ASN A 64 -8.45 -14.79 -2.04
C ASN A 64 -7.47 -15.52 -2.96
N GLY A 65 -7.74 -15.46 -4.26
CA GLY A 65 -6.93 -16.20 -5.23
C GLY A 65 -5.56 -15.61 -5.46
N SER A 66 -5.29 -14.51 -4.79
CA SER A 66 -4.00 -13.83 -4.90
C SER A 66 -3.12 -14.18 -3.72
N PRO A 67 -1.85 -13.74 -3.73
CA PRO A 67 -1.01 -13.79 -2.53
C PRO A 67 -1.49 -12.78 -1.52
N THR A 68 -2.21 -13.23 -0.52
CA THR A 68 -2.87 -12.34 0.41
C THR A 68 -1.87 -11.77 1.41
N LYS A 69 -1.53 -10.51 1.22
CA LYS A 69 -0.58 -9.83 2.08
C LYS A 69 -1.31 -9.01 3.14
N ILE A 70 -0.94 -9.20 4.40
CA ILE A 70 -1.54 -8.46 5.48
C ILE A 70 -0.57 -7.41 6.02
N LEU A 71 -0.87 -6.15 5.78
CA LEU A 71 -0.02 -5.08 6.27
C LEU A 71 -0.81 -4.10 7.13
N HIS A 72 -0.10 -3.30 7.90
CA HIS A 72 -0.72 -2.37 8.84
C HIS A 72 0.00 -1.03 8.83
N GLY A 73 -0.59 -0.03 9.46
CA GLY A 73 0.04 1.27 9.54
C GLY A 73 -0.71 2.32 8.75
N ARG A 74 -1.37 1.91 7.69
CA ARG A 74 -2.09 2.84 6.83
C ARG A 74 -3.49 2.32 6.53
N GLY A 75 -3.94 1.35 7.32
CA GLY A 75 -5.22 0.74 7.07
C GLY A 75 -6.34 1.42 7.85
N GLY A 76 -7.56 1.30 7.34
CA GLY A 76 -8.70 1.86 8.02
C GLY A 76 -9.84 0.87 8.02
N ILE A 77 -10.53 0.78 6.89
CA ILE A 77 -11.54 -0.24 6.71
C ILE A 77 -11.66 -0.59 5.22
N SER A 78 -11.23 -1.80 4.87
CA SER A 78 -11.35 -2.28 3.50
C SER A 78 -12.68 -2.97 3.33
N GLY A 79 -13.59 -2.36 2.58
CA GLY A 79 -14.93 -2.88 2.49
C GLY A 79 -15.50 -2.86 1.09
N TYR A 80 -16.08 -3.99 0.70
CA TYR A 80 -16.88 -4.10 -0.53
C TYR A 80 -17.72 -5.37 -0.49
N THR A 81 -18.68 -5.50 -1.39
CA THR A 81 -19.57 -6.65 -1.42
C THR A 81 -19.48 -7.37 -2.77
N LEU A 82 -20.22 -6.84 -3.75
CA LEU A 82 -20.13 -7.27 -5.16
C LEU A 82 -20.51 -8.73 -5.39
N ARG A 83 -20.36 -9.14 -6.64
CA ARG A 83 -20.57 -10.52 -7.06
C ARG A 83 -19.42 -10.97 -7.97
N LEU A 84 -18.49 -10.05 -8.20
CA LEU A 84 -17.41 -10.28 -9.17
C LEU A 84 -16.32 -11.17 -8.59
N CYS A 85 -16.40 -11.45 -7.30
CA CYS A 85 -15.40 -12.27 -6.62
C CYS A 85 -15.39 -13.70 -7.17
N LYS A 86 -16.36 -14.01 -8.04
CA LYS A 86 -16.38 -15.29 -8.73
C LYS A 86 -15.10 -15.47 -9.54
N MET A 87 -14.63 -14.39 -10.16
CA MET A 87 -13.43 -14.44 -10.98
C MET A 87 -12.17 -14.10 -10.18
N ASP A 88 -12.29 -14.11 -8.85
CA ASP A 88 -11.15 -13.79 -7.98
C ASP A 88 -10.05 -14.84 -8.11
N ASN A 89 -10.46 -16.09 -8.32
CA ASN A 89 -9.51 -17.18 -8.51
C ASN A 89 -9.02 -17.16 -9.96
N GLU A 90 -9.97 -17.15 -10.89
CA GLU A 90 -9.70 -17.04 -12.31
C GLU A 90 -11.02 -16.89 -13.07
N PHE B 1 25.74 -5.76 -11.13
CA PHE B 1 26.01 -4.93 -9.94
C PHE B 1 24.71 -4.55 -9.26
N CYS B 2 24.78 -4.15 -8.01
CA CYS B 2 23.60 -3.78 -7.26
C CYS B 2 23.59 -2.27 -7.05
N HIS B 3 22.87 -1.57 -7.90
CA HIS B 3 22.88 -0.12 -7.92
C HIS B 3 21.75 0.46 -7.07
N SER B 4 22.09 1.43 -6.24
CA SER B 4 21.12 2.11 -5.39
C SER B 4 20.44 3.24 -6.15
N SER B 5 19.13 3.15 -6.29
CA SER B 5 18.38 4.15 -7.03
C SER B 5 17.18 4.62 -6.22
N PHE B 6 16.80 5.89 -6.38
CA PHE B 6 15.70 6.48 -5.62
C PHE B 6 14.70 7.16 -6.53
N TYR B 7 13.43 6.79 -6.40
CA TYR B 7 12.37 7.40 -7.19
C TYR B 7 11.23 7.83 -6.28
N HIS B 8 10.76 9.06 -6.45
CA HIS B 8 9.72 9.60 -5.61
C HIS B 8 8.47 9.91 -6.42
N ASP B 9 7.35 10.13 -5.73
CA ASP B 9 6.06 10.40 -6.38
C ASP B 9 5.55 9.14 -7.10
N THR B 10 6.15 8.01 -6.75
CA THR B 10 5.78 6.71 -7.31
C THR B 10 6.20 5.61 -6.35
N ASP B 11 5.36 4.61 -6.16
CA ASP B 11 5.70 3.49 -5.28
C ASP B 11 5.33 2.16 -5.91
N PHE B 12 6.16 1.16 -5.67
CA PHE B 12 5.91 -0.18 -6.14
C PHE B 12 5.75 -1.13 -4.96
N LEU B 13 4.61 -1.78 -4.86
CA LEU B 13 4.29 -2.63 -3.73
C LEU B 13 4.79 -4.05 -3.98
N GLY B 14 5.56 -4.57 -3.04
CA GLY B 14 6.01 -5.94 -3.13
C GLY B 14 5.08 -6.88 -2.39
N GLU B 15 5.66 -7.76 -1.57
CA GLU B 15 4.87 -8.69 -0.79
C GLU B 15 4.94 -8.37 0.70
N GLU B 16 6.00 -8.79 1.35
CA GLU B 16 6.15 -8.59 2.78
C GLU B 16 6.36 -7.12 3.09
N LEU B 17 5.38 -6.53 3.77
CA LEU B 17 5.35 -5.09 3.96
C LEU B 17 4.97 -4.73 5.38
N ASP B 18 5.85 -3.97 6.05
CA ASP B 18 5.56 -3.43 7.37
C ASP B 18 5.90 -1.96 7.40
N ILE B 19 5.53 -1.28 8.49
CA ILE B 19 5.73 0.16 8.62
C ILE B 19 6.27 0.49 10.01
N VAL B 20 7.49 1.00 10.06
CA VAL B 20 8.13 1.36 11.32
C VAL B 20 8.96 2.63 11.19
N ALA B 21 8.67 3.61 12.03
CA ALA B 21 9.53 4.77 12.20
C ALA B 21 9.16 5.55 13.46
N ALA B 22 10.06 6.37 13.93
CA ALA B 22 9.77 7.29 15.02
C ALA B 22 10.40 8.65 14.75
N LYS B 23 11.72 8.69 14.79
CA LYS B 23 12.46 9.91 14.54
C LYS B 23 13.73 9.63 13.77
N SER B 24 14.43 10.68 13.36
CA SER B 24 15.70 10.57 12.64
C SER B 24 15.51 9.89 11.28
N HIS B 25 15.21 10.70 10.27
CA HIS B 25 14.91 10.22 8.93
C HIS B 25 15.94 9.23 8.40
N GLU B 26 17.21 9.59 8.51
CA GLU B 26 18.29 8.75 8.01
C GLU B 26 18.39 7.45 8.81
N ALA B 27 18.13 7.55 10.10
CA ALA B 27 18.38 6.45 11.02
C ALA B 27 17.56 5.21 10.67
N CYS B 28 16.30 5.43 10.27
CA CYS B 28 15.42 4.30 10.00
C CYS B 28 15.92 3.50 8.80
N GLN B 29 16.77 4.10 7.97
CA GLN B 29 17.35 3.38 6.84
C GLN B 29 18.12 2.17 7.37
N LYS B 30 18.85 2.40 8.45
CA LYS B 30 19.66 1.37 9.07
C LYS B 30 18.81 0.28 9.70
N LEU B 31 17.49 0.49 9.76
CA LEU B 31 16.61 -0.53 10.28
C LEU B 31 16.65 -1.74 9.36
N CYS B 32 16.95 -1.52 8.07
CA CYS B 32 17.05 -2.64 7.16
C CYS B 32 18.48 -3.15 7.09
N THR B 33 19.39 -2.53 7.79
CA THR B 33 20.75 -3.02 7.74
C THR B 33 21.01 -4.03 8.84
N ASN B 34 20.01 -4.29 9.67
CA ASN B 34 20.12 -5.29 10.72
C ASN B 34 20.47 -6.65 10.13
N ALA B 35 19.74 -7.01 9.08
CA ALA B 35 19.98 -8.22 8.31
C ALA B 35 19.03 -8.22 7.10
N VAL B 36 18.59 -7.03 6.75
CA VAL B 36 17.48 -6.83 5.84
C VAL B 36 17.96 -6.44 4.45
N ARG B 37 17.83 -7.35 3.51
CA ARG B 37 18.20 -7.05 2.13
C ARG B 37 17.44 -5.82 1.61
N CYS B 38 16.29 -5.53 2.25
CA CYS B 38 15.42 -4.39 1.92
C CYS B 38 15.35 -4.11 0.42
N GLN B 39 14.46 -4.84 -0.25
CA GLN B 39 14.33 -4.76 -1.70
C GLN B 39 13.77 -3.40 -2.09
N PHE B 40 12.81 -2.91 -1.32
CA PHE B 40 12.42 -1.51 -1.39
C PHE B 40 12.50 -0.91 0.00
N PHE B 41 13.34 0.08 0.19
CA PHE B 41 13.27 0.87 1.38
C PHE B 41 12.84 2.27 1.00
N THR B 42 11.60 2.58 1.30
CA THR B 42 10.99 3.79 0.80
C THR B 42 10.46 4.65 1.95
N TYR B 43 10.28 5.93 1.67
CA TYR B 43 9.80 6.87 2.66
C TYR B 43 8.51 7.49 2.21
N THR B 44 7.78 8.06 3.14
CA THR B 44 6.62 8.84 2.79
C THR B 44 6.65 10.17 3.55
N PRO B 45 7.26 11.20 2.95
CA PRO B 45 7.42 12.52 3.57
C PRO B 45 6.09 13.15 3.95
N ALA B 46 5.96 13.49 5.23
CA ALA B 46 4.74 14.10 5.73
C ALA B 46 5.04 15.01 6.90
N GLN B 47 4.15 15.97 7.10
CA GLN B 47 4.22 16.88 8.24
C GLN B 47 2.98 17.76 8.24
N ALA B 48 2.56 18.19 7.06
CA ALA B 48 1.37 19.01 6.91
C ALA B 48 0.11 18.16 7.06
N SER B 49 -0.17 17.77 8.30
CA SER B 49 -1.37 16.99 8.60
C SER B 49 -1.92 17.41 9.96
N CYS B 50 -1.30 16.91 11.02
CA CYS B 50 -1.74 17.24 12.38
C CYS B 50 -0.56 17.56 13.27
N ASN B 51 -0.16 18.83 13.26
CA ASN B 51 0.96 19.31 14.09
C ASN B 51 2.26 18.60 13.73
N GLU B 52 2.52 17.48 14.41
CA GLU B 52 3.71 16.69 14.15
C GLU B 52 3.32 15.33 13.56
N GLY B 53 3.37 15.25 12.24
CA GLY B 53 3.10 13.99 11.57
C GLY B 53 4.35 13.47 10.90
N LYS B 54 5.31 13.08 11.72
CA LYS B 54 6.66 12.83 11.24
C LYS B 54 6.84 11.47 10.56
N GLY B 55 8.10 11.08 10.38
CA GLY B 55 8.46 10.01 9.48
C GLY B 55 7.84 8.67 9.82
N LYS B 56 7.35 8.02 8.77
CA LYS B 56 6.95 6.62 8.83
C LYS B 56 7.60 5.89 7.65
N CYS B 57 8.56 5.01 7.95
CA CYS B 57 9.38 4.40 6.91
C CYS B 57 8.72 3.13 6.36
N TYR B 58 8.85 2.97 5.05
CA TYR B 58 8.11 1.97 4.29
C TYR B 58 9.07 0.84 3.87
N LEU B 59 8.82 -0.38 4.32
CA LEU B 59 9.69 -1.50 3.98
C LEU B 59 8.90 -2.63 3.34
N LYS B 60 9.27 -3.02 2.12
CA LYS B 60 8.63 -4.12 1.43
C LYS B 60 9.63 -4.94 0.60
N LEU B 61 9.21 -6.17 0.28
CA LEU B 61 10.10 -7.16 -0.34
C LEU B 61 9.29 -7.98 -1.35
N SER B 62 9.79 -8.15 -2.57
CA SER B 62 9.04 -8.90 -3.57
C SER B 62 9.90 -9.80 -4.46
N SER B 63 10.65 -9.18 -5.38
CA SER B 63 11.07 -9.75 -6.70
C SER B 63 11.09 -11.28 -6.84
N ASN B 64 10.01 -11.95 -6.51
CA ASN B 64 9.86 -13.36 -6.80
C ASN B 64 8.93 -13.51 -8.00
N GLY B 65 8.19 -14.62 -8.05
CA GLY B 65 7.10 -14.74 -9.01
C GLY B 65 6.14 -13.56 -8.94
N SER B 66 6.06 -12.93 -7.78
CA SER B 66 5.31 -11.69 -7.61
C SER B 66 6.23 -10.50 -7.88
N PRO B 67 6.10 -9.85 -9.04
CA PRO B 67 6.96 -8.74 -9.44
C PRO B 67 6.68 -7.47 -8.64
N THR B 68 5.57 -6.80 -8.96
CA THR B 68 5.22 -5.56 -8.30
C THR B 68 3.74 -5.22 -8.49
N LYS B 69 3.16 -4.61 -7.46
CA LYS B 69 1.83 -4.03 -7.56
C LYS B 69 2.00 -2.51 -7.52
N ILE B 70 1.66 -1.83 -8.60
CA ILE B 70 2.03 -0.42 -8.75
C ILE B 70 1.07 0.52 -8.03
N LEU B 71 1.62 1.42 -7.22
CA LEU B 71 0.85 2.49 -6.59
C LEU B 71 1.18 3.81 -7.27
N HIS B 72 0.18 4.35 -7.96
CA HIS B 72 0.35 5.60 -8.70
C HIS B 72 -0.01 6.78 -7.82
N GLY B 73 0.59 7.94 -8.12
CA GLY B 73 0.17 9.16 -7.47
C GLY B 73 1.02 9.55 -6.28
N ARG B 74 0.40 9.63 -5.12
CA ARG B 74 1.03 10.23 -3.94
C ARG B 74 1.91 9.23 -3.20
N GLY B 75 2.95 8.76 -3.85
CA GLY B 75 3.95 7.97 -3.17
C GLY B 75 5.05 8.87 -2.63
N GLY B 76 5.80 8.41 -1.65
CA GLY B 76 6.84 9.23 -1.08
C GLY B 76 8.10 9.19 -1.90
N ILE B 77 9.09 8.48 -1.39
CA ILE B 77 10.37 8.33 -2.09
C ILE B 77 10.96 6.95 -1.83
N SER B 78 10.95 6.12 -2.86
CA SER B 78 11.36 4.73 -2.73
C SER B 78 12.78 4.53 -3.25
N GLY B 79 13.61 3.86 -2.46
CA GLY B 79 14.97 3.63 -2.88
C GLY B 79 15.38 2.17 -2.78
N TYR B 80 16.16 1.72 -3.74
CA TYR B 80 16.75 0.39 -3.69
C TYR B 80 18.11 0.49 -3.01
N THR B 81 18.36 -0.37 -2.04
CA THR B 81 19.62 -0.35 -1.33
C THR B 81 20.71 -1.15 -2.06
N LEU B 82 21.13 -2.26 -1.47
CA LEU B 82 22.24 -3.05 -2.02
C LEU B 82 21.95 -4.54 -1.98
N ARG B 83 21.88 -5.08 -0.75
CA ARG B 83 21.83 -6.54 -0.53
C ARG B 83 20.60 -7.18 -1.15
N LEU B 84 19.64 -6.36 -1.55
CA LEU B 84 18.42 -6.85 -2.19
C LEU B 84 18.72 -7.70 -3.42
N CYS B 85 19.77 -7.36 -4.14
CA CYS B 85 20.09 -8.01 -5.40
C CYS B 85 20.35 -9.51 -5.22
N LYS B 86 21.02 -9.85 -4.12
CA LYS B 86 21.41 -11.22 -3.85
C LYS B 86 20.21 -12.03 -3.37
N MET B 87 19.22 -11.32 -2.88
CA MET B 87 18.00 -11.94 -2.42
C MET B 87 16.92 -11.80 -3.48
N ASP B 88 17.29 -11.14 -4.58
CA ASP B 88 16.33 -10.71 -5.60
C ASP B 88 15.38 -11.84 -5.96
N ASN B 89 15.90 -12.98 -6.38
CA ASN B 89 15.04 -14.12 -6.66
C ASN B 89 15.39 -15.29 -5.76
N GLU B 90 14.77 -15.36 -4.60
CA GLU B 90 14.93 -16.52 -3.74
C GLU B 90 13.94 -17.61 -4.14
N PHE A 1 -23.15 -15.85 -3.81
CA PHE A 1 -22.83 -15.88 -2.37
C PHE A 1 -21.71 -14.90 -2.07
N CYS A 2 -22.00 -13.91 -1.23
CA CYS A 2 -21.01 -12.92 -0.84
C CYS A 2 -21.45 -12.22 0.44
N HIS A 3 -20.58 -12.21 1.43
CA HIS A 3 -20.89 -11.57 2.70
C HIS A 3 -20.20 -10.21 2.78
N SER A 4 -20.98 -9.17 3.06
CA SER A 4 -20.42 -7.85 3.28
C SER A 4 -19.49 -7.88 4.49
N SER A 5 -18.19 -7.99 4.22
CA SER A 5 -17.20 -8.15 5.27
C SER A 5 -16.27 -6.95 5.30
N PHE A 6 -16.10 -6.37 6.48
CA PHE A 6 -15.29 -5.16 6.63
C PHE A 6 -14.26 -5.33 7.76
N TYR A 7 -13.07 -4.79 7.55
CA TYR A 7 -12.03 -4.82 8.56
C TYR A 7 -11.27 -3.49 8.59
N HIS A 8 -10.85 -3.09 9.78
CA HIS A 8 -10.36 -1.72 10.02
C HIS A 8 -8.83 -1.70 10.12
N ASP A 9 -8.26 -0.56 9.70
CA ASP A 9 -6.82 -0.22 9.82
C ASP A 9 -5.88 -1.24 9.17
N THR A 10 -6.43 -2.25 8.54
CA THR A 10 -5.65 -3.23 7.82
C THR A 10 -6.32 -3.57 6.50
N ASP A 11 -5.52 -3.82 5.48
CA ASP A 11 -6.07 -4.18 4.17
C ASP A 11 -5.15 -5.17 3.48
N PHE A 12 -5.72 -5.99 2.62
CA PHE A 12 -4.94 -7.05 1.98
C PHE A 12 -4.38 -6.62 0.63
N LEU A 13 -3.24 -7.21 0.29
CA LEU A 13 -2.56 -6.93 -0.96
C LEU A 13 -2.66 -8.13 -1.90
N GLY A 14 -3.04 -7.86 -3.14
CA GLY A 14 -3.08 -8.90 -4.15
C GLY A 14 -2.20 -8.55 -5.33
N GLU A 15 -2.79 -7.98 -6.37
CA GLU A 15 -2.01 -7.57 -7.54
C GLU A 15 -1.93 -6.05 -7.63
N GLU A 16 -3.00 -5.42 -8.06
CA GLU A 16 -3.00 -3.98 -8.30
C GLU A 16 -3.55 -3.21 -7.10
N LEU A 17 -3.19 -1.94 -7.00
CA LEU A 17 -3.68 -1.05 -5.96
C LEU A 17 -3.73 0.39 -6.47
N ASP A 18 -4.92 0.91 -6.65
CA ASP A 18 -5.10 2.25 -7.18
C ASP A 18 -6.08 3.04 -6.32
N ILE A 19 -5.66 4.20 -5.85
CA ILE A 19 -6.48 5.00 -4.95
C ILE A 19 -6.71 6.40 -5.51
N VAL A 20 -7.93 6.90 -5.35
CA VAL A 20 -8.27 8.25 -5.79
C VAL A 20 -8.98 9.01 -4.66
N ALA A 21 -8.87 10.33 -4.68
CA ALA A 21 -9.54 11.16 -3.69
C ALA A 21 -10.90 11.58 -4.21
N ALA A 22 -11.95 11.10 -3.57
CA ALA A 22 -13.30 11.34 -4.03
C ALA A 22 -14.13 12.08 -2.98
N LYS A 23 -15.40 12.28 -3.28
CA LYS A 23 -16.31 12.99 -2.39
C LYS A 23 -17.46 12.07 -1.98
N SER A 24 -17.57 11.80 -0.67
CA SER A 24 -18.66 10.98 -0.14
C SER A 24 -18.49 9.50 -0.50
N HIS A 25 -18.25 8.67 0.53
CA HIS A 25 -17.92 7.25 0.31
C HIS A 25 -18.96 6.51 -0.54
N GLU A 26 -20.21 6.96 -0.51
CA GLU A 26 -21.25 6.36 -1.34
C GLU A 26 -20.90 6.52 -2.81
N ALA A 27 -20.52 7.75 -3.17
CA ALA A 27 -20.14 8.07 -4.54
C ALA A 27 -18.94 7.23 -4.98
N CYS A 28 -18.01 7.00 -4.06
CA CYS A 28 -16.86 6.13 -4.32
C CYS A 28 -17.32 4.81 -4.91
N GLN A 29 -18.39 4.24 -4.35
CA GLN A 29 -18.84 2.91 -4.72
C GLN A 29 -19.31 2.84 -6.17
N LYS A 30 -19.45 3.99 -6.82
CA LYS A 30 -19.80 4.02 -8.23
C LYS A 30 -18.69 3.38 -9.05
N LEU A 31 -17.50 3.25 -8.46
CA LEU A 31 -16.38 2.62 -9.15
C LEU A 31 -16.71 1.17 -9.49
N CYS A 32 -17.62 0.57 -8.71
CA CYS A 32 -18.01 -0.81 -8.93
C CYS A 32 -19.23 -0.90 -9.84
N THR A 33 -19.93 0.19 -10.01
CA THR A 33 -21.04 0.22 -10.96
C THR A 33 -20.53 0.67 -12.32
N ASN A 34 -19.30 1.16 -12.33
CA ASN A 34 -18.62 1.48 -13.57
C ASN A 34 -17.92 0.24 -14.09
N ALA A 35 -17.35 -0.50 -13.15
CA ALA A 35 -16.69 -1.76 -13.46
C ALA A 35 -16.72 -2.67 -12.25
N VAL A 36 -17.43 -3.79 -12.38
CA VAL A 36 -17.53 -4.79 -11.31
C VAL A 36 -16.22 -5.58 -11.16
N ARG A 37 -15.10 -4.92 -11.41
CA ARG A 37 -13.81 -5.57 -11.37
C ARG A 37 -13.11 -5.30 -10.05
N CYS A 38 -13.77 -4.49 -9.24
CA CYS A 38 -13.29 -4.18 -7.90
C CYS A 38 -13.42 -5.41 -7.01
N GLN A 39 -12.62 -5.49 -5.96
CA GLN A 39 -12.72 -6.60 -5.04
C GLN A 39 -12.56 -6.10 -3.62
N PHE A 40 -11.46 -5.43 -3.37
CA PHE A 40 -11.21 -4.82 -2.07
C PHE A 40 -11.50 -3.33 -2.15
N PHE A 41 -12.45 -2.88 -1.36
CA PHE A 41 -12.74 -1.45 -1.26
C PHE A 41 -12.21 -0.92 0.05
N THR A 42 -11.10 -0.20 -0.01
CA THR A 42 -10.47 0.34 1.19
C THR A 42 -10.83 1.81 1.36
N TYR A 43 -11.56 2.12 2.42
CA TYR A 43 -11.99 3.48 2.70
C TYR A 43 -11.14 4.08 3.81
N THR A 44 -10.55 5.23 3.56
CA THR A 44 -9.80 5.92 4.59
C THR A 44 -10.10 7.43 4.57
N PRO A 45 -10.89 7.90 5.54
CA PRO A 45 -11.32 9.29 5.60
C PRO A 45 -10.39 10.20 6.39
N ALA A 46 -10.24 9.92 7.68
CA ALA A 46 -9.53 10.81 8.62
C ALA A 46 -10.29 12.11 8.78
N GLN A 47 -10.05 13.05 7.86
CA GLN A 47 -10.68 14.37 7.88
C GLN A 47 -10.42 15.07 9.21
N ALA A 48 -9.36 14.65 9.88
CA ALA A 48 -8.98 15.22 11.15
C ALA A 48 -7.47 15.42 11.18
N SER A 49 -7.03 16.43 11.94
CA SER A 49 -5.60 16.79 12.04
C SER A 49 -4.93 16.87 10.67
N CYS A 50 -5.73 17.25 9.68
CA CYS A 50 -5.28 17.30 8.29
C CYS A 50 -6.39 17.89 7.43
N ASN A 51 -7.60 17.38 7.64
CA ASN A 51 -8.80 17.85 6.94
C ASN A 51 -8.65 17.64 5.43
N GLU A 52 -8.34 18.73 4.71
CA GLU A 52 -8.17 18.70 3.26
C GLU A 52 -9.47 18.27 2.56
N GLY A 53 -9.68 16.97 2.45
CA GLY A 53 -10.85 16.46 1.78
C GLY A 53 -11.68 15.59 2.69
N LYS A 54 -11.97 14.38 2.25
CA LYS A 54 -12.71 13.43 3.07
C LYS A 54 -12.30 12.01 2.76
N GLY A 55 -12.87 11.43 1.71
CA GLY A 55 -12.69 10.03 1.46
C GLY A 55 -11.73 9.76 0.32
N LYS A 56 -10.64 9.09 0.64
CA LYS A 56 -9.73 8.64 -0.39
C LYS A 56 -9.88 7.14 -0.53
N CYS A 57 -10.55 6.73 -1.58
CA CYS A 57 -11.01 5.36 -1.72
C CYS A 57 -10.03 4.52 -2.55
N TYR A 58 -9.63 3.41 -1.97
CA TYR A 58 -8.60 2.56 -2.54
C TYR A 58 -9.21 1.33 -3.21
N LEU A 59 -8.81 1.07 -4.45
CA LEU A 59 -9.25 -0.10 -5.18
C LEU A 59 -8.10 -1.08 -5.32
N LYS A 60 -8.32 -2.33 -4.91
CA LYS A 60 -7.35 -3.39 -5.16
C LYS A 60 -7.99 -4.51 -5.95
N LEU A 61 -7.18 -5.24 -6.70
CA LEU A 61 -7.66 -6.31 -7.55
C LEU A 61 -6.69 -7.49 -7.50
N SER A 62 -7.23 -8.67 -7.27
CA SER A 62 -6.48 -9.91 -7.29
C SER A 62 -7.17 -10.91 -8.22
N SER A 63 -6.95 -10.75 -9.52
CA SER A 63 -7.52 -11.64 -10.52
C SER A 63 -6.87 -13.01 -10.44
N ASN A 64 -5.56 -13.01 -10.23
CA ASN A 64 -4.84 -14.25 -9.94
C ASN A 64 -4.59 -14.32 -8.46
N GLY A 65 -4.86 -15.45 -7.85
CA GLY A 65 -4.49 -15.66 -6.46
C GLY A 65 -2.99 -15.69 -6.24
N SER A 66 -2.31 -14.60 -6.61
CA SER A 66 -0.88 -14.44 -6.36
C SER A 66 -0.58 -14.47 -4.85
N PRO A 67 0.70 -14.59 -4.45
CA PRO A 67 1.12 -14.55 -3.05
C PRO A 67 0.44 -13.42 -2.28
N THR A 68 -0.46 -13.80 -1.38
CA THR A 68 -1.28 -12.84 -0.68
C THR A 68 -0.54 -12.23 0.49
N LYS A 69 -0.76 -10.94 0.70
CA LYS A 69 -0.12 -10.21 1.79
C LYS A 69 -1.11 -9.29 2.47
N ILE A 70 -0.69 -8.70 3.58
CA ILE A 70 -1.52 -7.75 4.31
C ILE A 70 -0.74 -6.48 4.60
N LEU A 71 -1.33 -5.34 4.32
CA LEU A 71 -0.72 -4.07 4.63
C LEU A 71 -0.93 -3.76 6.11
N HIS A 72 0.16 -3.42 6.76
CA HIS A 72 0.15 -3.15 8.19
C HIS A 72 0.11 -1.65 8.41
N GLY A 73 -0.33 -1.24 9.59
CA GLY A 73 -0.40 0.17 9.89
C GLY A 73 -1.81 0.61 10.26
N ARG A 74 -2.15 1.85 9.90
CA ARG A 74 -3.41 2.44 10.33
C ARG A 74 -4.27 2.85 9.13
N GLY A 75 -4.67 1.87 8.32
CA GLY A 75 -5.59 2.14 7.23
C GLY A 75 -6.98 2.51 7.73
N GLY A 76 -7.94 2.61 6.82
CA GLY A 76 -9.29 2.95 7.23
C GLY A 76 -10.12 1.72 7.49
N ILE A 77 -10.92 1.35 6.51
CA ILE A 77 -11.72 0.15 6.61
C ILE A 77 -11.95 -0.43 5.20
N SER A 78 -11.56 -1.68 5.02
CA SER A 78 -11.72 -2.34 3.74
C SER A 78 -12.90 -3.31 3.80
N GLY A 79 -13.59 -3.45 2.68
CA GLY A 79 -14.74 -4.33 2.66
C GLY A 79 -14.97 -5.00 1.33
N TYR A 80 -15.64 -6.14 1.38
CA TYR A 80 -16.08 -6.86 0.19
C TYR A 80 -17.60 -6.99 0.26
N THR A 81 -18.28 -7.00 -0.89
CA THR A 81 -19.73 -7.10 -0.87
C THR A 81 -20.30 -7.39 -2.27
N LEU A 82 -21.59 -7.77 -2.28
CA LEU A 82 -22.37 -7.95 -3.51
C LEU A 82 -21.90 -9.13 -4.35
N ARG A 83 -21.09 -8.85 -5.37
CA ARG A 83 -20.65 -9.87 -6.31
C ARG A 83 -19.16 -9.72 -6.64
N LEU A 84 -18.70 -8.47 -6.61
CA LEU A 84 -17.33 -8.12 -6.95
C LEU A 84 -16.30 -8.90 -6.13
N CYS A 85 -16.69 -9.31 -4.92
CA CYS A 85 -15.82 -10.03 -4.02
C CYS A 85 -15.30 -11.33 -4.65
N LYS A 86 -16.10 -11.88 -5.56
CA LYS A 86 -15.80 -13.18 -6.17
C LYS A 86 -14.71 -13.07 -7.22
N MET A 87 -14.22 -11.87 -7.47
CA MET A 87 -13.09 -11.69 -8.37
C MET A 87 -11.79 -11.95 -7.63
N ASP A 88 -11.89 -11.95 -6.31
CA ASP A 88 -10.82 -12.48 -5.47
C ASP A 88 -10.97 -14.01 -5.50
N ASN A 89 -10.94 -14.53 -6.72
CA ASN A 89 -11.20 -15.94 -7.00
C ASN A 89 -10.07 -16.83 -6.57
N GLU A 90 -8.94 -16.20 -6.26
CA GLU A 90 -7.72 -16.92 -5.90
C GLU A 90 -7.28 -17.81 -7.07
N PHE B 1 24.04 -4.04 -12.88
CA PHE B 1 23.09 -5.14 -12.60
C PHE B 1 21.89 -4.62 -11.82
N CYS B 2 22.13 -4.27 -10.56
CA CYS B 2 21.12 -3.63 -9.75
C CYS B 2 21.77 -2.47 -8.99
N HIS B 3 21.02 -1.39 -8.81
CA HIS B 3 21.58 -0.16 -8.30
C HIS B 3 20.73 0.41 -7.17
N SER B 4 21.40 0.95 -6.16
CA SER B 4 20.73 1.67 -5.09
C SER B 4 20.14 2.97 -5.65
N SER B 5 18.84 2.95 -5.93
CA SER B 5 18.20 4.07 -6.60
C SER B 5 17.06 4.61 -5.75
N PHE B 6 16.87 5.92 -5.80
CA PHE B 6 15.79 6.56 -5.09
C PHE B 6 14.81 7.18 -6.06
N TYR B 7 13.53 6.88 -5.87
CA TYR B 7 12.48 7.37 -6.76
C TYR B 7 11.53 8.29 -5.99
N HIS B 8 11.33 9.50 -6.47
CA HIS B 8 10.46 10.45 -5.80
C HIS B 8 9.10 10.53 -6.49
N ASP B 9 8.03 10.66 -5.69
CA ASP B 9 6.66 10.79 -6.19
C ASP B 9 6.12 9.47 -6.75
N THR B 10 6.84 8.40 -6.48
CA THR B 10 6.41 7.09 -6.92
C THR B 10 6.84 6.04 -5.90
N ASP B 11 5.89 5.23 -5.46
CA ASP B 11 6.10 4.23 -4.43
C ASP B 11 5.98 2.84 -5.03
N PHE B 12 7.08 2.11 -5.06
CA PHE B 12 7.09 0.77 -5.63
C PHE B 12 6.77 -0.28 -4.57
N LEU B 13 5.93 -1.23 -4.93
CA LEU B 13 5.60 -2.34 -4.05
C LEU B 13 5.70 -3.66 -4.80
N GLY B 14 5.81 -4.75 -4.06
CA GLY B 14 5.81 -6.07 -4.67
C GLY B 14 4.89 -7.03 -3.96
N GLU B 15 5.12 -7.25 -2.67
CA GLU B 15 4.25 -8.10 -1.89
C GLU B 15 3.78 -7.42 -0.61
N GLU B 16 4.58 -7.55 0.45
CA GLU B 16 4.13 -7.10 1.77
C GLU B 16 4.79 -5.78 2.14
N LEU B 17 4.13 -5.03 3.01
CA LEU B 17 4.68 -3.83 3.57
C LEU B 17 4.28 -3.68 5.04
N ASP B 18 5.24 -3.30 5.86
CA ASP B 18 4.98 -3.01 7.26
C ASP B 18 5.50 -1.61 7.57
N ILE B 19 4.59 -0.70 7.90
CA ILE B 19 4.97 0.68 8.09
C ILE B 19 5.56 0.91 9.48
N VAL B 20 6.82 1.31 9.50
CA VAL B 20 7.53 1.56 10.74
C VAL B 20 7.32 3.01 11.17
N ALA B 21 6.63 3.20 12.28
CA ALA B 21 6.37 4.52 12.80
C ALA B 21 7.45 4.95 13.78
N ALA B 22 8.46 5.63 13.26
CA ALA B 22 9.57 6.10 14.08
C ALA B 22 10.11 7.42 13.52
N LYS B 23 10.43 8.34 14.40
CA LYS B 23 10.94 9.64 13.99
C LYS B 23 12.36 9.51 13.46
N SER B 24 12.80 10.52 12.72
CA SER B 24 14.09 10.49 12.02
C SER B 24 14.08 9.42 10.93
N HIS B 25 13.69 9.81 9.72
CA HIS B 25 13.57 8.86 8.62
C HIS B 25 14.93 8.39 8.14
N GLU B 26 15.98 9.07 8.59
CA GLU B 26 17.34 8.62 8.37
C GLU B 26 17.57 7.30 9.09
N ALA B 27 17.00 7.19 10.29
CA ALA B 27 17.17 6.03 11.14
C ALA B 27 16.54 4.78 10.53
N CYS B 28 15.71 4.98 9.53
CA CYS B 28 15.07 3.87 8.85
C CYS B 28 16.11 3.06 8.08
N GLN B 29 17.25 3.68 7.77
CA GLN B 29 18.34 2.97 7.13
C GLN B 29 18.85 1.89 8.07
N LYS B 30 18.82 2.19 9.37
CA LYS B 30 19.27 1.25 10.40
C LYS B 30 18.41 0.00 10.40
N LEU B 31 17.19 0.12 9.87
CA LEU B 31 16.27 -1.00 9.74
C LEU B 31 16.96 -2.14 8.99
N CYS B 32 17.71 -1.78 7.94
CA CYS B 32 18.35 -2.78 7.11
C CYS B 32 19.79 -3.01 7.56
N THR B 33 20.19 -2.28 8.59
CA THR B 33 21.52 -2.45 9.16
C THR B 33 21.46 -3.50 10.28
N ASN B 34 20.32 -3.55 10.95
CA ASN B 34 20.10 -4.55 12.00
C ASN B 34 19.90 -5.91 11.36
N ALA B 35 19.11 -5.92 10.30
CA ALA B 35 18.88 -7.14 9.53
C ALA B 35 18.88 -6.81 8.04
N VAL B 36 19.97 -7.16 7.37
CA VAL B 36 20.05 -6.99 5.91
C VAL B 36 19.10 -7.94 5.18
N ARG B 37 17.82 -7.63 5.25
CA ARG B 37 16.79 -8.45 4.62
C ARG B 37 15.77 -7.56 3.92
N CYS B 38 16.11 -6.30 3.75
CA CYS B 38 15.21 -5.36 3.12
C CYS B 38 15.40 -5.41 1.61
N GLN B 39 14.30 -5.52 0.87
CA GLN B 39 14.38 -5.46 -0.56
C GLN B 39 14.30 -4.02 -1.01
N PHE B 40 13.30 -3.32 -0.48
CA PHE B 40 13.19 -1.89 -0.70
C PHE B 40 12.28 -1.29 0.37
N PHE B 41 12.75 -0.23 1.01
CA PHE B 41 11.93 0.44 2.00
C PHE B 41 11.73 1.87 1.58
N THR B 42 10.48 2.31 1.60
CA THR B 42 10.15 3.61 1.04
C THR B 42 9.89 4.65 2.14
N TYR B 43 10.35 5.86 1.88
CA TYR B 43 10.20 6.97 2.81
C TYR B 43 8.96 7.76 2.49
N THR B 44 8.23 8.16 3.52
CA THR B 44 7.15 9.12 3.40
C THR B 44 6.99 9.88 4.70
N PRO B 45 7.67 11.03 4.81
CA PRO B 45 7.72 11.81 6.04
C PRO B 45 6.47 12.67 6.27
N ALA B 46 5.76 13.01 5.19
CA ALA B 46 4.56 13.86 5.26
C ALA B 46 4.88 15.18 5.98
N GLN B 47 6.12 15.63 5.83
CA GLN B 47 6.64 16.79 6.54
C GLN B 47 5.76 18.02 6.38
N ALA B 48 5.33 18.55 7.52
CA ALA B 48 4.64 19.84 7.59
C ALA B 48 3.27 19.82 6.91
N SER B 49 2.87 18.67 6.39
CA SER B 49 1.60 18.58 5.69
C SER B 49 0.44 18.49 6.68
N CYS B 50 0.34 17.37 7.39
CA CYS B 50 -0.73 17.16 8.33
C CYS B 50 -0.18 16.60 9.64
N ASN B 51 0.08 17.49 10.60
CA ASN B 51 0.63 17.13 11.90
C ASN B 51 2.02 16.51 11.75
N GLU B 52 2.59 16.06 12.85
CA GLU B 52 3.88 15.41 12.81
C GLU B 52 3.73 13.93 12.48
N GLY B 53 3.56 13.63 11.20
CA GLY B 53 3.55 12.25 10.76
C GLY B 53 4.89 11.87 10.19
N LYS B 54 5.92 12.44 10.81
CA LYS B 54 7.28 12.48 10.29
C LYS B 54 7.83 11.09 9.92
N GLY B 55 7.58 10.11 10.75
CA GLY B 55 8.21 8.82 10.54
C GLY B 55 7.27 7.79 9.98
N LYS B 56 7.22 7.71 8.65
CA LYS B 56 6.50 6.64 7.97
C LYS B 56 7.41 5.96 6.95
N CYS B 57 8.11 4.94 7.40
CA CYS B 57 8.99 4.17 6.52
C CYS B 57 8.39 2.80 6.24
N TYR B 58 8.21 2.50 4.96
CA TYR B 58 7.62 1.24 4.54
C TYR B 58 8.65 0.13 4.46
N LEU B 59 8.55 -0.84 5.36
CA LEU B 59 9.38 -2.03 5.25
C LEU B 59 8.72 -2.98 4.25
N LYS B 60 9.26 -3.01 3.04
CA LYS B 60 8.68 -3.84 1.99
C LYS B 60 9.65 -4.93 1.56
N LEU B 61 9.10 -6.07 1.16
CA LEU B 61 9.90 -7.19 0.70
C LEU B 61 9.18 -7.92 -0.43
N SER B 62 9.93 -8.35 -1.42
CA SER B 62 9.42 -9.15 -2.51
C SER B 62 10.16 -10.47 -2.55
N SER B 63 9.46 -11.56 -2.27
CA SER B 63 10.06 -12.87 -2.30
C SER B 63 9.89 -13.51 -3.68
N ASN B 64 8.69 -14.01 -3.96
CA ASN B 64 8.37 -14.59 -5.26
C ASN B 64 7.56 -13.58 -6.05
N GLY B 65 7.04 -12.59 -5.34
CA GLY B 65 6.18 -11.60 -5.93
C GLY B 65 6.97 -10.43 -6.47
N SER B 66 7.40 -10.56 -7.72
CA SER B 66 8.09 -9.49 -8.42
C SER B 66 7.41 -8.14 -8.19
N PRO B 67 8.20 -7.09 -7.91
CA PRO B 67 7.69 -5.77 -7.53
C PRO B 67 7.04 -5.01 -8.69
N THR B 68 6.07 -5.63 -9.36
CA THR B 68 5.36 -4.95 -10.41
C THR B 68 3.96 -4.56 -9.94
N LYS B 69 3.94 -3.55 -9.09
CA LYS B 69 2.71 -2.87 -8.68
C LYS B 69 3.11 -1.52 -8.07
N ILE B 70 2.89 -0.46 -8.82
CA ILE B 70 3.48 0.83 -8.47
C ILE B 70 2.42 1.85 -8.10
N LEU B 71 2.63 2.47 -6.95
CA LEU B 71 1.74 3.51 -6.46
C LEU B 71 2.25 4.87 -6.93
N HIS B 72 1.68 5.38 -8.01
CA HIS B 72 2.13 6.63 -8.60
C HIS B 72 1.46 7.82 -7.92
N GLY B 73 2.25 8.83 -7.59
CA GLY B 73 1.69 10.06 -7.02
C GLY B 73 1.49 9.98 -5.52
N ARG B 74 1.15 8.79 -5.03
CA ARG B 74 0.86 8.61 -3.60
C ARG B 74 2.13 8.30 -2.82
N GLY B 75 3.23 8.14 -3.54
CA GLY B 75 4.47 7.71 -2.92
C GLY B 75 5.43 8.85 -2.69
N GLY B 76 6.18 8.76 -1.60
CA GLY B 76 7.18 9.77 -1.32
C GLY B 76 8.50 9.45 -1.98
N ILE B 77 9.27 8.56 -1.37
CA ILE B 77 10.59 8.22 -1.87
C ILE B 77 10.83 6.72 -1.79
N SER B 78 11.04 6.08 -2.92
CA SER B 78 11.38 4.67 -2.92
C SER B 78 12.89 4.50 -2.84
N GLY B 79 13.33 3.59 -1.96
CA GLY B 79 14.76 3.41 -1.76
C GLY B 79 15.19 2.00 -2.06
N TYR B 80 15.91 1.83 -3.17
CA TYR B 80 16.40 0.52 -3.57
C TYR B 80 17.89 0.42 -3.22
N THR B 81 18.38 -0.81 -3.13
CA THR B 81 19.77 -1.05 -2.75
C THR B 81 20.41 -2.09 -3.69
N LEU B 82 21.57 -2.61 -3.32
CA LEU B 82 22.37 -3.40 -4.24
C LEU B 82 22.07 -4.90 -4.19
N ARG B 83 22.83 -5.66 -3.40
CA ARG B 83 22.93 -7.12 -3.58
C ARG B 83 21.60 -7.84 -3.35
N LEU B 84 20.70 -7.22 -2.60
CA LEU B 84 19.42 -7.85 -2.28
C LEU B 84 18.53 -8.00 -3.52
N CYS B 85 18.88 -7.29 -4.59
CA CYS B 85 18.10 -7.29 -5.82
C CYS B 85 17.80 -8.71 -6.29
N LYS B 86 18.76 -9.62 -6.06
CA LYS B 86 18.67 -10.99 -6.55
C LYS B 86 17.46 -11.73 -5.99
N MET B 87 17.03 -11.35 -4.79
CA MET B 87 15.96 -12.09 -4.10
C MET B 87 14.59 -11.49 -4.40
N ASP B 88 14.48 -10.72 -5.48
CA ASP B 88 13.21 -10.07 -5.81
C ASP B 88 12.19 -11.10 -6.30
N ASN B 89 12.67 -12.15 -6.95
CA ASN B 89 11.81 -13.22 -7.43
C ASN B 89 12.24 -14.57 -6.85
N GLU B 90 13.15 -14.53 -5.89
CA GLU B 90 13.69 -15.74 -5.28
C GLU B 90 12.87 -16.14 -4.06
N PHE A 1 -19.34 -18.46 -0.56
CA PHE A 1 -19.53 -17.13 -1.19
C PHE A 1 -18.75 -16.06 -0.44
N CYS A 2 -19.09 -14.80 -0.68
CA CYS A 2 -18.30 -13.70 -0.15
C CYS A 2 -19.04 -12.96 0.97
N HIS A 3 -20.21 -12.42 0.66
CA HIS A 3 -20.99 -11.58 1.59
C HIS A 3 -20.33 -10.21 1.77
N SER A 4 -21.13 -9.16 1.72
CA SER A 4 -20.61 -7.81 1.86
C SER A 4 -20.27 -7.51 3.32
N SER A 5 -18.98 -7.58 3.64
CA SER A 5 -18.53 -7.37 5.00
C SER A 5 -17.49 -6.25 5.07
N PHE A 6 -17.30 -5.71 6.26
CA PHE A 6 -16.35 -4.60 6.46
C PHE A 6 -15.22 -4.99 7.41
N TYR A 7 -14.00 -4.80 6.94
CA TYR A 7 -12.80 -5.08 7.72
C TYR A 7 -11.86 -3.89 7.67
N HIS A 8 -11.24 -3.52 8.78
CA HIS A 8 -10.16 -2.57 8.72
C HIS A 8 -9.26 -2.59 9.96
N ASP A 9 -8.69 -1.42 10.27
CA ASP A 9 -7.44 -1.32 11.01
C ASP A 9 -6.35 -2.09 10.28
N THR A 10 -6.64 -2.38 9.02
CA THR A 10 -5.84 -3.25 8.18
C THR A 10 -6.00 -2.84 6.72
N ASP A 11 -5.02 -3.15 5.90
CA ASP A 11 -5.08 -2.84 4.48
C ASP A 11 -5.02 -4.13 3.66
N PHE A 12 -6.15 -4.53 3.12
CA PHE A 12 -6.24 -5.73 2.29
C PHE A 12 -5.97 -5.39 0.84
N LEU A 13 -5.03 -6.07 0.22
CA LEU A 13 -4.70 -5.82 -1.17
C LEU A 13 -4.30 -7.11 -1.89
N GLY A 14 -4.56 -7.16 -3.18
CA GLY A 14 -4.18 -8.31 -3.96
C GLY A 14 -3.28 -7.94 -5.13
N GLU A 15 -3.88 -7.54 -6.23
CA GLU A 15 -3.15 -7.25 -7.45
C GLU A 15 -3.03 -5.75 -7.71
N GLU A 16 -4.10 -5.13 -8.15
CA GLU A 16 -4.07 -3.73 -8.51
C GLU A 16 -4.42 -2.87 -7.31
N LEU A 17 -3.85 -1.67 -7.25
CA LEU A 17 -4.14 -0.75 -6.17
C LEU A 17 -4.00 0.68 -6.67
N ASP A 18 -5.12 1.37 -6.81
CA ASP A 18 -5.12 2.77 -7.22
C ASP A 18 -5.70 3.63 -6.09
N ILE A 19 -5.32 4.90 -6.05
CA ILE A 19 -5.80 5.79 -5.01
C ILE A 19 -6.39 7.06 -5.62
N VAL A 20 -7.51 7.51 -5.05
CA VAL A 20 -8.17 8.72 -5.51
C VAL A 20 -8.73 9.50 -4.32
N ALA A 21 -8.85 10.81 -4.48
CA ALA A 21 -9.47 11.65 -3.45
C ALA A 21 -10.97 11.50 -3.55
N ALA A 22 -11.58 10.97 -2.50
CA ALA A 22 -12.96 10.55 -2.56
C ALA A 22 -13.90 11.50 -1.84
N LYS A 23 -14.85 12.02 -2.60
CA LYS A 23 -15.99 12.71 -2.05
C LYS A 23 -17.23 11.89 -2.38
N SER A 24 -18.14 11.77 -1.41
CA SER A 24 -19.23 10.79 -1.48
C SER A 24 -18.64 9.39 -1.35
N HIS A 25 -18.55 8.91 -0.12
CA HIS A 25 -17.86 7.65 0.18
C HIS A 25 -18.49 6.45 -0.51
N GLU A 26 -19.80 6.52 -0.76
CA GLU A 26 -20.50 5.42 -1.42
C GLU A 26 -20.17 5.38 -2.91
N ALA A 27 -19.78 6.53 -3.45
CA ALA A 27 -19.52 6.67 -4.88
C ALA A 27 -18.54 5.60 -5.37
N CYS A 28 -17.55 5.27 -4.53
CA CYS A 28 -16.55 4.29 -4.91
C CYS A 28 -17.24 2.98 -5.32
N GLN A 29 -18.16 2.49 -4.50
CA GLN A 29 -18.78 1.21 -4.79
C GLN A 29 -19.62 1.32 -6.05
N LYS A 30 -20.11 2.52 -6.32
CA LYS A 30 -20.95 2.74 -7.48
C LYS A 30 -20.14 2.55 -8.74
N LEU A 31 -18.86 2.93 -8.70
CA LEU A 31 -18.03 2.79 -9.89
C LEU A 31 -17.67 1.33 -10.10
N CYS A 32 -17.84 0.54 -9.04
CA CYS A 32 -17.63 -0.89 -9.12
C CYS A 32 -18.95 -1.61 -9.34
N THR A 33 -19.99 -0.84 -9.62
CA THR A 33 -21.27 -1.41 -10.02
C THR A 33 -21.29 -1.55 -11.55
N ASN A 34 -20.63 -0.60 -12.21
CA ASN A 34 -20.50 -0.65 -13.66
C ASN A 34 -19.18 -1.29 -14.05
N ALA A 35 -18.15 -1.05 -13.25
CA ALA A 35 -16.83 -1.64 -13.49
C ALA A 35 -16.30 -2.28 -12.23
N VAL A 36 -16.56 -3.57 -12.08
CA VAL A 36 -16.12 -4.32 -10.90
C VAL A 36 -14.61 -4.49 -10.91
N ARG A 37 -13.91 -3.57 -10.24
CA ARG A 37 -12.46 -3.61 -10.18
C ARG A 37 -11.94 -3.32 -8.78
N CYS A 38 -12.84 -3.21 -7.82
CA CYS A 38 -12.44 -3.02 -6.44
C CYS A 38 -13.02 -4.15 -5.58
N GLN A 39 -12.18 -5.12 -5.25
CA GLN A 39 -12.60 -6.19 -4.37
C GLN A 39 -12.77 -5.63 -2.97
N PHE A 40 -11.80 -4.85 -2.54
CA PHE A 40 -11.92 -4.13 -1.30
C PHE A 40 -11.70 -2.66 -1.58
N PHE A 41 -12.68 -1.83 -1.34
CA PHE A 41 -12.45 -0.41 -1.47
C PHE A 41 -12.09 0.15 -0.10
N THR A 42 -10.86 0.61 0.01
CA THR A 42 -10.33 1.05 1.29
C THR A 42 -10.52 2.55 1.45
N TYR A 43 -11.36 2.91 2.40
CA TYR A 43 -11.71 4.30 2.59
C TYR A 43 -11.50 4.70 4.04
N THR A 44 -11.23 5.97 4.26
CA THR A 44 -11.19 6.49 5.60
C THR A 44 -12.37 7.43 5.80
N PRO A 45 -13.29 7.06 6.73
CA PRO A 45 -14.61 7.68 6.90
C PRO A 45 -14.72 9.15 6.49
N ALA A 46 -13.96 10.01 7.14
CA ALA A 46 -13.98 11.43 6.79
C ALA A 46 -12.57 11.96 6.64
N GLN A 47 -11.89 12.13 7.77
CA GLN A 47 -10.52 12.62 7.79
C GLN A 47 -9.92 12.40 9.17
N ALA A 48 -8.65 12.76 9.33
CA ALA A 48 -7.99 12.64 10.63
C ALA A 48 -8.39 13.79 11.54
N SER A 49 -7.74 14.93 11.35
CA SER A 49 -8.01 16.13 12.14
C SER A 49 -7.14 17.27 11.65
N CYS A 50 -7.39 18.48 12.17
CA CYS A 50 -6.58 19.68 11.91
C CYS A 50 -6.09 19.76 10.46
N ASN A 51 -7.04 19.86 9.53
CA ASN A 51 -6.74 19.97 8.11
C ASN A 51 -8.00 20.33 7.35
N GLU A 52 -9.08 19.63 7.69
CA GLU A 52 -10.39 19.87 7.11
C GLU A 52 -10.40 19.59 5.61
N GLY A 53 -10.17 18.33 5.27
CA GLY A 53 -10.22 17.89 3.89
C GLY A 53 -11.25 16.79 3.71
N LYS A 54 -10.97 15.83 2.85
CA LYS A 54 -11.89 14.72 2.63
C LYS A 54 -11.17 13.38 2.60
N GLY A 55 -11.88 12.35 2.15
CA GLY A 55 -11.43 11.00 2.32
C GLY A 55 -10.57 10.49 1.17
N LYS A 56 -9.95 9.35 1.40
CA LYS A 56 -9.09 8.70 0.43
C LYS A 56 -9.67 7.34 0.05
N CYS A 57 -9.88 7.13 -1.25
CA CYS A 57 -10.46 5.87 -1.71
C CYS A 57 -9.40 5.02 -2.39
N TYR A 58 -9.13 3.85 -1.82
CA TYR A 58 -8.19 2.90 -2.38
C TYR A 58 -8.94 1.82 -3.15
N LEU A 59 -8.64 1.68 -4.43
CA LEU A 59 -9.24 0.65 -5.24
C LEU A 59 -8.26 -0.51 -5.41
N LYS A 60 -8.52 -1.60 -4.68
CA LYS A 60 -7.66 -2.77 -4.75
C LYS A 60 -8.48 -4.05 -4.91
N LEU A 61 -7.97 -4.98 -5.72
CA LEU A 61 -8.65 -6.25 -5.99
C LEU A 61 -7.62 -7.36 -6.11
N SER A 62 -8.03 -8.59 -5.87
CA SER A 62 -7.12 -9.72 -6.00
C SER A 62 -7.46 -10.53 -7.25
N SER A 63 -6.69 -10.34 -8.30
CA SER A 63 -6.81 -11.18 -9.47
C SER A 63 -6.08 -12.49 -9.20
N ASN A 64 -6.15 -13.42 -10.13
CA ASN A 64 -5.56 -14.74 -9.92
C ASN A 64 -4.05 -14.65 -9.69
N GLY A 65 -3.37 -13.85 -10.49
CA GLY A 65 -1.93 -13.78 -10.41
C GLY A 65 -1.42 -13.31 -9.07
N SER A 66 -2.09 -12.33 -8.49
CA SER A 66 -1.64 -11.75 -7.23
C SER A 66 -2.49 -12.21 -6.06
N PRO A 67 -1.90 -12.93 -5.10
CA PRO A 67 -2.59 -13.33 -3.88
C PRO A 67 -2.84 -12.17 -2.93
N THR A 68 -3.76 -12.34 -2.01
CA THR A 68 -4.16 -11.28 -1.10
C THR A 68 -3.26 -11.19 0.13
N LYS A 69 -2.65 -10.03 0.34
CA LYS A 69 -1.84 -9.79 1.51
C LYS A 69 -2.41 -8.63 2.32
N ILE A 70 -1.92 -8.42 3.54
CA ILE A 70 -2.54 -7.51 4.48
C ILE A 70 -1.50 -6.82 5.35
N LEU A 71 -1.82 -5.61 5.77
CA LEU A 71 -0.96 -4.84 6.66
C LEU A 71 -1.82 -3.97 7.58
N HIS A 72 -1.18 -3.22 8.46
CA HIS A 72 -1.92 -2.40 9.41
C HIS A 72 -1.55 -0.92 9.26
N GLY A 73 -2.35 -0.04 9.86
CA GLY A 73 -1.96 1.36 9.97
C GLY A 73 -2.89 2.35 9.30
N ARG A 74 -2.38 3.00 8.26
CA ARG A 74 -2.97 4.22 7.67
C ARG A 74 -4.31 4.00 6.94
N GLY A 75 -5.34 3.61 7.66
CA GLY A 75 -6.65 3.48 7.03
C GLY A 75 -7.79 3.77 7.99
N GLY A 76 -9.01 3.45 7.53
CA GLY A 76 -10.21 3.68 8.33
C GLY A 76 -11.15 2.49 8.28
N ILE A 77 -11.70 2.21 7.11
CA ILE A 77 -12.56 1.04 6.92
C ILE A 77 -12.50 0.53 5.48
N SER A 78 -12.61 -0.77 5.30
CA SER A 78 -12.65 -1.36 3.96
C SER A 78 -13.85 -2.28 3.86
N GLY A 79 -14.52 -2.24 2.72
CA GLY A 79 -15.67 -3.09 2.52
C GLY A 79 -15.60 -3.86 1.23
N TYR A 80 -15.94 -5.13 1.27
CA TYR A 80 -16.00 -5.95 0.07
C TYR A 80 -17.42 -6.43 -0.16
N THR A 81 -17.97 -6.06 -1.30
CA THR A 81 -19.35 -6.38 -1.64
C THR A 81 -19.42 -7.71 -2.38
N LEU A 82 -20.37 -8.56 -2.00
CA LEU A 82 -20.49 -9.92 -2.54
C LEU A 82 -20.63 -9.98 -4.06
N ARG A 83 -20.89 -8.85 -4.70
CA ARG A 83 -21.10 -8.83 -6.15
C ARG A 83 -19.76 -8.95 -6.88
N LEU A 84 -18.81 -8.08 -6.57
CA LEU A 84 -17.54 -8.06 -7.28
C LEU A 84 -16.59 -9.15 -6.82
N CYS A 85 -16.95 -9.81 -5.72
CA CYS A 85 -16.14 -10.91 -5.17
C CYS A 85 -16.03 -12.05 -6.17
N LYS A 86 -16.90 -12.06 -7.17
CA LYS A 86 -16.89 -13.13 -8.16
C LYS A 86 -15.63 -13.08 -9.02
N MET A 87 -15.01 -11.90 -9.12
CA MET A 87 -13.77 -11.80 -9.87
C MET A 87 -12.59 -11.96 -8.93
N ASP A 88 -12.85 -11.78 -7.63
CA ASP A 88 -11.86 -12.12 -6.63
C ASP A 88 -11.77 -13.61 -6.59
N ASN A 89 -10.74 -14.08 -7.25
CA ASN A 89 -10.41 -15.49 -7.36
C ASN A 89 -10.67 -16.23 -6.05
N GLU A 90 -11.88 -16.77 -5.93
CA GLU A 90 -12.24 -17.62 -4.81
C GLU A 90 -11.87 -19.06 -5.13
N PHE B 1 26.11 -3.19 -12.28
CA PHE B 1 26.29 -2.89 -10.84
C PHE B 1 24.96 -2.48 -10.24
N CYS B 2 24.90 -2.44 -8.90
CA CYS B 2 23.66 -2.09 -8.22
C CYS B 2 23.81 -0.71 -7.58
N HIS B 3 22.91 0.19 -7.93
CA HIS B 3 22.97 1.56 -7.43
C HIS B 3 21.79 1.87 -6.54
N SER B 4 21.94 2.85 -5.67
CA SER B 4 20.84 3.29 -4.82
C SER B 4 19.90 4.17 -5.63
N SER B 5 18.91 3.54 -6.26
CA SER B 5 18.00 4.24 -7.14
C SER B 5 16.69 4.51 -6.42
N PHE B 6 16.45 5.76 -6.07
CA PHE B 6 15.25 6.16 -5.36
C PHE B 6 14.35 7.02 -6.24
N TYR B 7 13.22 6.46 -6.63
CA TYR B 7 12.28 7.14 -7.48
C TYR B 7 11.18 7.80 -6.67
N HIS B 8 10.71 8.93 -7.16
CA HIS B 8 9.75 9.75 -6.42
C HIS B 8 8.32 9.41 -6.81
N ASP B 9 7.40 9.59 -5.84
CA ASP B 9 5.96 9.49 -6.10
C ASP B 9 5.57 8.07 -6.52
N THR B 10 6.48 7.14 -6.27
CA THR B 10 6.30 5.77 -6.73
C THR B 10 6.56 4.79 -5.60
N ASP B 11 5.69 3.80 -5.45
CA ASP B 11 5.84 2.80 -4.41
C ASP B 11 5.67 1.40 -5.01
N PHE B 12 6.73 0.61 -4.98
CA PHE B 12 6.66 -0.77 -5.46
C PHE B 12 6.32 -1.70 -4.31
N LEU B 13 5.29 -2.50 -4.51
CA LEU B 13 4.81 -3.41 -3.48
C LEU B 13 4.83 -4.84 -4.03
N GLY B 14 5.30 -5.78 -3.22
CA GLY B 14 5.33 -7.17 -3.64
C GLY B 14 4.55 -8.09 -2.72
N GLU B 15 5.25 -8.65 -1.73
CA GLU B 15 4.65 -9.66 -0.87
C GLU B 15 4.62 -9.20 0.59
N GLU B 16 5.79 -9.07 1.18
CA GLU B 16 5.91 -8.66 2.58
C GLU B 16 5.85 -7.14 2.68
N LEU B 17 5.26 -6.65 3.77
CA LEU B 17 5.15 -5.20 3.95
C LEU B 17 5.08 -4.83 5.44
N ASP B 18 6.15 -4.22 5.93
CA ASP B 18 6.16 -3.63 7.26
C ASP B 18 5.97 -2.12 7.11
N ILE B 19 5.30 -1.51 8.06
CA ILE B 19 4.85 -0.14 7.88
C ILE B 19 5.82 0.91 8.45
N VAL B 20 5.53 2.16 8.10
CA VAL B 20 6.40 3.30 8.35
C VAL B 20 6.51 3.74 9.80
N ALA B 21 7.33 3.05 10.59
CA ALA B 21 7.43 3.37 12.01
C ALA B 21 8.89 3.47 12.47
N ALA B 22 9.36 4.70 12.65
CA ALA B 22 10.70 4.96 13.15
C ALA B 22 10.86 6.42 13.58
N LYS B 23 12.01 6.72 14.15
CA LYS B 23 12.36 8.09 14.46
C LYS B 23 13.83 8.30 14.12
N SER B 24 14.19 9.54 13.78
CA SER B 24 15.52 9.85 13.24
C SER B 24 15.64 9.23 11.83
N HIS B 25 15.59 10.09 10.82
CA HIS B 25 15.53 9.64 9.43
C HIS B 25 16.69 8.69 9.08
N GLU B 26 17.86 8.93 9.64
CA GLU B 26 19.02 8.10 9.34
C GLU B 26 18.94 6.75 10.06
N ALA B 27 18.32 6.75 11.24
CA ALA B 27 18.23 5.54 12.05
C ALA B 27 17.51 4.44 11.29
N CYS B 28 16.49 4.82 10.52
CA CYS B 28 15.74 3.86 9.73
C CYS B 28 16.66 3.15 8.74
N GLN B 29 17.59 3.90 8.16
CA GLN B 29 18.51 3.38 7.17
C GLN B 29 19.32 2.22 7.77
N LYS B 30 19.52 2.29 9.09
CA LYS B 30 20.30 1.28 9.79
C LYS B 30 19.73 -0.12 9.55
N LEU B 31 18.41 -0.22 9.37
CA LEU B 31 17.79 -1.54 9.25
C LEU B 31 18.30 -2.26 8.00
N CYS B 32 18.76 -1.51 7.02
CA CYS B 32 19.31 -2.12 5.80
C CYS B 32 20.83 -2.16 5.83
N THR B 33 21.46 -1.39 6.72
CA THR B 33 22.91 -1.37 6.77
C THR B 33 23.42 -2.43 7.75
N ASN B 34 22.66 -2.69 8.80
CA ASN B 34 23.00 -3.74 9.76
C ASN B 34 22.47 -5.08 9.26
N ALA B 35 21.35 -5.02 8.55
CA ALA B 35 20.76 -6.21 7.95
C ALA B 35 20.62 -6.02 6.44
N VAL B 36 21.65 -6.39 5.71
CA VAL B 36 21.66 -6.25 4.26
C VAL B 36 20.81 -7.33 3.59
N ARG B 37 19.49 -7.22 3.73
CA ARG B 37 18.59 -8.18 3.14
C ARG B 37 17.29 -7.48 2.73
N CYS B 38 17.41 -6.21 2.38
CA CYS B 38 16.26 -5.43 1.93
C CYS B 38 16.10 -5.56 0.42
N GLN B 39 14.98 -5.07 -0.10
CA GLN B 39 14.80 -4.97 -1.54
C GLN B 39 14.29 -3.58 -1.88
N PHE B 40 13.06 -3.29 -1.48
CA PHE B 40 12.50 -1.96 -1.68
C PHE B 40 12.45 -1.24 -0.35
N PHE B 41 13.17 -0.14 -0.25
CA PHE B 41 13.11 0.70 0.92
C PHE B 41 12.43 2.01 0.57
N THR B 42 11.18 2.16 1.00
CA THR B 42 10.43 3.34 0.66
C THR B 42 10.60 4.41 1.74
N TYR B 43 11.38 5.41 1.40
CA TYR B 43 11.75 6.48 2.30
C TYR B 43 10.72 7.59 2.23
N THR B 44 10.14 7.93 3.37
CA THR B 44 9.16 8.99 3.42
C THR B 44 9.38 9.86 4.65
N PRO B 45 10.00 11.02 4.47
CA PRO B 45 10.27 11.96 5.56
C PRO B 45 9.02 12.72 5.97
N ALA B 46 8.31 13.24 4.98
CA ALA B 46 7.09 14.03 5.20
C ALA B 46 7.36 15.29 6.01
N GLN B 47 6.30 15.97 6.41
CA GLN B 47 6.41 17.18 7.21
C GLN B 47 5.33 17.18 8.28
N ALA B 48 5.33 18.20 9.12
CA ALA B 48 4.34 18.31 10.18
C ALA B 48 3.00 18.78 9.63
N SER B 49 2.26 17.84 9.05
CA SER B 49 0.91 18.13 8.58
C SER B 49 -0.07 17.97 9.73
N CYS B 50 0.34 18.48 10.89
CA CYS B 50 -0.35 18.23 12.15
C CYS B 50 -0.11 16.79 12.57
N ASN B 51 0.37 16.61 13.81
CA ASN B 51 0.89 15.33 14.28
C ASN B 51 2.23 15.05 13.61
N GLU B 52 3.30 15.31 14.35
CA GLU B 52 4.67 15.20 13.83
C GLU B 52 4.91 13.86 13.16
N GLY B 53 5.46 13.93 11.95
CA GLY B 53 5.76 12.73 11.19
C GLY B 53 7.01 12.93 10.38
N LYS B 54 8.08 12.23 10.75
CA LYS B 54 9.37 12.42 10.11
C LYS B 54 10.07 11.08 9.84
N GLY B 55 9.75 10.07 10.65
CA GLY B 55 10.34 8.77 10.47
C GLY B 55 9.32 7.76 9.98
N LYS B 56 8.99 7.85 8.70
CA LYS B 56 8.03 6.93 8.10
C LYS B 56 8.75 5.95 7.19
N CYS B 57 8.69 4.66 7.54
CA CYS B 57 9.46 3.64 6.78
C CYS B 57 8.57 2.57 6.11
N TYR B 58 8.63 2.46 4.80
CA TYR B 58 7.90 1.39 4.12
C TYR B 58 8.83 0.25 3.78
N LEU B 59 8.69 -0.87 4.47
CA LEU B 59 9.56 -2.01 4.25
C LEU B 59 8.82 -3.09 3.47
N LYS B 60 9.31 -3.40 2.28
CA LYS B 60 8.66 -4.41 1.44
C LYS B 60 9.68 -5.31 0.77
N LEU B 61 9.29 -6.56 0.56
CA LEU B 61 10.15 -7.55 -0.07
C LEU B 61 9.35 -8.43 -1.01
N SER B 62 9.90 -8.69 -2.17
CA SER B 62 9.29 -9.56 -3.16
C SER B 62 10.22 -9.71 -4.33
N SER B 63 11.49 -9.86 -3.99
CA SER B 63 12.55 -9.95 -4.96
C SER B 63 12.31 -11.09 -5.95
N ASN B 64 11.73 -12.18 -5.45
CA ASN B 64 11.41 -13.35 -6.25
C ASN B 64 10.49 -12.96 -7.39
N GLY B 65 10.45 -13.79 -8.42
CA GLY B 65 9.64 -13.51 -9.60
C GLY B 65 8.13 -13.59 -9.33
N SER B 66 7.64 -12.72 -8.46
CA SER B 66 6.21 -12.57 -8.23
C SER B 66 5.69 -11.33 -8.97
N PRO B 67 4.36 -11.22 -9.18
CA PRO B 67 3.77 -10.04 -9.81
C PRO B 67 3.79 -8.83 -8.86
N THR B 68 4.77 -7.95 -9.05
CA THR B 68 4.89 -6.75 -8.25
C THR B 68 3.99 -5.65 -8.82
N LYS B 69 3.72 -4.66 -8.00
CA LYS B 69 2.79 -3.60 -8.36
C LYS B 69 3.40 -2.23 -8.07
N ILE B 70 3.18 -1.30 -8.99
CA ILE B 70 3.70 0.05 -8.86
C ILE B 70 2.57 1.02 -8.54
N LEU B 71 2.59 1.53 -7.32
CA LEU B 71 1.53 2.41 -6.85
C LEU B 71 1.90 3.86 -7.11
N HIS B 72 0.87 4.69 -7.33
CA HIS B 72 1.09 6.06 -7.78
C HIS B 72 0.82 7.05 -6.64
N GLY B 73 1.80 7.88 -6.33
CA GLY B 73 1.60 8.98 -5.39
C GLY B 73 1.36 8.53 -3.96
N ARG B 74 1.69 7.29 -3.65
CA ARG B 74 1.45 6.77 -2.30
C ARG B 74 2.77 6.62 -1.54
N GLY B 75 3.86 7.05 -2.18
CA GLY B 75 5.16 6.95 -1.55
C GLY B 75 6.03 8.13 -1.91
N GLY B 76 7.01 8.45 -1.05
CA GLY B 76 7.87 9.57 -1.29
C GLY B 76 9.00 9.21 -2.22
N ILE B 77 9.99 8.52 -1.70
CA ILE B 77 11.07 8.00 -2.52
C ILE B 77 11.33 6.53 -2.20
N SER B 78 10.96 5.67 -3.12
CA SER B 78 11.18 4.25 -2.97
C SER B 78 12.42 3.84 -3.74
N GLY B 79 13.35 3.19 -3.06
CA GLY B 79 14.57 2.82 -3.72
C GLY B 79 15.21 1.57 -3.17
N TYR B 80 16.06 0.97 -3.98
CA TYR B 80 16.90 -0.12 -3.54
C TYR B 80 18.32 0.40 -3.39
N THR B 81 19.04 -0.10 -2.40
CA THR B 81 20.35 0.45 -2.09
C THR B 81 21.34 -0.66 -1.73
N LEU B 82 22.62 -0.40 -1.99
CA LEU B 82 23.70 -1.36 -1.74
C LEU B 82 23.62 -2.56 -2.69
N ARG B 83 24.60 -3.45 -2.55
CA ARG B 83 24.70 -4.62 -3.41
C ARG B 83 23.76 -5.74 -2.93
N LEU B 84 22.98 -5.46 -1.88
CA LEU B 84 22.08 -6.45 -1.29
C LEU B 84 20.93 -6.81 -2.23
N CYS B 85 20.77 -6.02 -3.30
CA CYS B 85 19.68 -6.21 -4.25
C CYS B 85 19.76 -7.57 -4.94
N LYS B 86 20.91 -8.24 -4.79
CA LYS B 86 21.12 -9.53 -5.44
C LYS B 86 20.30 -10.63 -4.76
N MET B 87 19.57 -10.26 -3.70
CA MET B 87 18.66 -11.21 -3.08
C MET B 87 17.41 -11.36 -3.93
N ASP B 88 17.41 -10.70 -5.09
CA ASP B 88 16.27 -10.73 -5.99
C ASP B 88 15.91 -12.17 -6.35
N ASN B 89 16.91 -13.01 -6.57
CA ASN B 89 16.64 -14.42 -6.82
C ASN B 89 17.25 -15.27 -5.72
N GLU B 90 16.48 -15.50 -4.68
CA GLU B 90 16.89 -16.38 -3.60
C GLU B 90 16.77 -17.84 -4.01
N PHE A 1 -25.39 -16.11 -3.30
CA PHE A 1 -24.74 -15.53 -2.10
C PHE A 1 -23.22 -15.61 -2.24
N CYS A 2 -22.51 -14.64 -1.68
CA CYS A 2 -21.06 -14.70 -1.62
C CYS A 2 -20.56 -13.79 -0.49
N HIS A 3 -19.24 -13.65 -0.36
CA HIS A 3 -18.66 -12.95 0.78
C HIS A 3 -18.99 -11.46 0.79
N SER A 4 -19.90 -11.07 1.67
CA SER A 4 -20.18 -9.67 1.94
C SER A 4 -19.73 -9.32 3.35
N SER A 5 -18.49 -8.88 3.50
CA SER A 5 -17.94 -8.59 4.82
C SER A 5 -17.22 -7.25 4.86
N PHE A 6 -17.64 -6.38 5.77
CA PHE A 6 -16.94 -5.12 6.01
C PHE A 6 -16.08 -5.24 7.27
N TYR A 7 -14.83 -4.80 7.19
CA TYR A 7 -13.92 -4.87 8.33
C TYR A 7 -13.24 -3.52 8.56
N HIS A 8 -12.90 -3.26 9.81
CA HIS A 8 -12.37 -1.95 10.21
C HIS A 8 -10.89 -2.07 10.60
N ASP A 9 -10.17 -0.94 10.51
CA ASP A 9 -8.82 -0.79 11.08
C ASP A 9 -7.74 -1.42 10.18
N THR A 10 -8.01 -2.59 9.66
CA THR A 10 -7.03 -3.31 8.85
C THR A 10 -7.41 -3.23 7.39
N ASP A 11 -6.41 -3.36 6.52
CA ASP A 11 -6.65 -3.22 5.09
C ASP A 11 -5.86 -4.27 4.31
N PHE A 12 -6.53 -4.95 3.39
CA PHE A 12 -5.90 -5.99 2.59
C PHE A 12 -5.44 -5.44 1.24
N LEU A 13 -4.16 -5.61 0.94
CA LEU A 13 -3.59 -5.09 -0.30
C LEU A 13 -3.36 -6.23 -1.29
N GLY A 14 -3.63 -5.97 -2.58
CA GLY A 14 -3.62 -7.05 -3.55
C GLY A 14 -2.75 -6.79 -4.78
N GLU A 15 -3.25 -7.24 -5.93
CA GLU A 15 -2.52 -7.18 -7.20
C GLU A 15 -2.78 -5.87 -7.94
N GLU A 16 -4.04 -5.58 -8.17
CA GLU A 16 -4.42 -4.39 -8.93
C GLU A 16 -4.78 -3.27 -7.96
N LEU A 17 -3.86 -2.33 -7.76
CA LEU A 17 -4.09 -1.25 -6.82
C LEU A 17 -4.13 0.10 -7.51
N ASP A 18 -5.17 0.86 -7.23
CA ASP A 18 -5.22 2.28 -7.57
C ASP A 18 -6.15 2.96 -6.57
N ILE A 19 -6.07 4.28 -6.48
CA ILE A 19 -6.81 4.99 -5.44
C ILE A 19 -7.26 6.36 -5.93
N VAL A 20 -8.42 6.78 -5.45
CA VAL A 20 -8.92 8.13 -5.71
C VAL A 20 -9.41 8.76 -4.41
N ALA A 21 -8.98 9.99 -4.16
CA ALA A 21 -9.41 10.73 -2.99
C ALA A 21 -10.47 11.74 -3.37
N ALA A 22 -11.69 11.49 -2.97
CA ALA A 22 -12.81 12.34 -3.35
C ALA A 22 -13.90 12.34 -2.28
N LYS A 23 -14.65 13.41 -2.22
CA LYS A 23 -15.78 13.50 -1.31
C LYS A 23 -17.00 12.76 -1.87
N SER A 24 -18.03 12.60 -1.05
CA SER A 24 -19.21 11.83 -1.41
C SER A 24 -18.83 10.36 -1.63
N HIS A 25 -18.64 9.65 -0.52
CA HIS A 25 -18.16 8.27 -0.57
C HIS A 25 -19.17 7.34 -1.22
N GLU A 26 -20.42 7.78 -1.30
CA GLU A 26 -21.44 7.05 -2.01
C GLU A 26 -21.04 6.92 -3.48
N ALA A 27 -20.62 8.03 -4.06
CA ALA A 27 -20.26 8.09 -5.48
C ALA A 27 -19.13 7.12 -5.78
N CYS A 28 -18.22 6.95 -4.82
CA CYS A 28 -17.11 6.03 -4.97
C CYS A 28 -17.58 4.63 -5.34
N GLN A 29 -18.69 4.17 -4.76
CA GLN A 29 -19.15 2.81 -5.01
C GLN A 29 -19.44 2.60 -6.50
N LYS A 30 -19.84 3.68 -7.17
CA LYS A 30 -20.21 3.62 -8.57
C LYS A 30 -19.01 3.25 -9.44
N LEU A 31 -17.80 3.51 -8.95
CA LEU A 31 -16.60 3.17 -9.71
C LEU A 31 -16.48 1.65 -9.83
N CYS A 32 -16.94 0.94 -8.80
CA CYS A 32 -16.92 -0.51 -8.81
C CYS A 32 -18.15 -1.06 -9.50
N THR A 33 -19.05 -0.16 -9.90
CA THR A 33 -20.26 -0.55 -10.61
C THR A 33 -20.00 -0.55 -12.12
N ASN A 34 -19.16 0.36 -12.57
CA ASN A 34 -18.82 0.45 -13.99
C ASN A 34 -17.77 -0.59 -14.33
N ALA A 35 -16.67 -0.57 -13.61
CA ALA A 35 -15.60 -1.52 -13.81
C ALA A 35 -15.45 -2.41 -12.59
N VAL A 36 -16.06 -3.59 -12.64
CA VAL A 36 -16.03 -4.49 -11.51
C VAL A 36 -14.70 -5.23 -11.43
N ARG A 37 -13.74 -4.62 -10.77
CA ARG A 37 -12.47 -5.27 -10.50
C ARG A 37 -12.03 -4.93 -9.08
N CYS A 38 -12.99 -4.50 -8.28
CA CYS A 38 -12.74 -4.22 -6.88
C CYS A 38 -12.90 -5.50 -6.08
N GLN A 39 -11.90 -5.85 -5.30
CA GLN A 39 -12.01 -6.97 -4.37
C GLN A 39 -12.18 -6.39 -2.99
N PHE A 40 -11.32 -5.44 -2.67
CA PHE A 40 -11.44 -4.68 -1.45
C PHE A 40 -11.70 -3.24 -1.81
N PHE A 41 -12.87 -2.73 -1.42
CA PHE A 41 -13.17 -1.33 -1.61
C PHE A 41 -13.08 -0.63 -0.26
N THR A 42 -11.99 0.09 -0.08
CA THR A 42 -11.67 0.64 1.23
C THR A 42 -12.12 2.09 1.38
N TYR A 43 -12.97 2.30 2.37
CA TYR A 43 -13.36 3.63 2.80
C TYR A 43 -12.40 4.10 3.88
N THR A 44 -11.96 5.35 3.82
CA THR A 44 -11.22 5.90 4.92
C THR A 44 -11.96 7.07 5.56
N PRO A 45 -12.57 6.84 6.72
CA PRO A 45 -13.25 7.88 7.47
C PRO A 45 -12.34 8.47 8.55
N ALA A 46 -12.93 9.16 9.51
CA ALA A 46 -12.20 9.72 10.65
C ALA A 46 -11.13 10.71 10.21
N GLN A 47 -10.14 10.92 11.05
CA GLN A 47 -9.06 11.85 10.75
C GLN A 47 -7.79 11.07 10.42
N ALA A 48 -7.92 10.10 9.53
CA ALA A 48 -6.79 9.27 9.11
C ALA A 48 -5.92 10.00 8.08
N SER A 49 -6.13 11.30 7.96
CA SER A 49 -5.40 12.14 7.03
C SER A 49 -5.74 13.60 7.27
N CYS A 50 -5.08 14.50 6.55
CA CYS A 50 -5.29 15.93 6.74
C CYS A 50 -6.02 16.52 5.54
N ASN A 51 -6.58 17.72 5.73
CA ASN A 51 -7.33 18.44 4.69
C ASN A 51 -8.67 17.74 4.42
N GLU A 52 -9.53 18.38 3.64
CA GLU A 52 -10.84 17.84 3.31
C GLU A 52 -10.72 16.58 2.46
N GLY A 53 -9.58 16.39 1.84
CA GLY A 53 -9.35 15.21 1.02
C GLY A 53 -9.02 13.98 1.85
N LYS A 54 -9.72 13.83 2.97
CA LYS A 54 -9.49 12.69 3.85
C LYS A 54 -10.28 11.48 3.35
N GLY A 55 -11.26 11.75 2.52
CA GLY A 55 -12.12 10.71 2.01
C GLY A 55 -11.48 9.95 0.86
N LYS A 56 -10.66 8.96 1.19
CA LYS A 56 -10.02 8.14 0.19
C LYS A 56 -10.89 6.93 -0.14
N CYS A 57 -10.85 6.51 -1.40
CA CYS A 57 -11.55 5.32 -1.83
C CYS A 57 -10.57 4.41 -2.58
N TYR A 58 -10.31 3.24 -2.01
CA TYR A 58 -9.33 2.32 -2.56
C TYR A 58 -9.94 1.31 -3.52
N LEU A 59 -9.25 1.10 -4.64
CA LEU A 59 -9.61 0.03 -5.58
C LEU A 59 -8.48 -0.99 -5.60
N LYS A 60 -8.74 -2.18 -5.07
CA LYS A 60 -7.72 -3.21 -5.00
C LYS A 60 -8.32 -4.58 -5.32
N LEU A 61 -7.53 -5.47 -5.93
CA LEU A 61 -8.02 -6.77 -6.37
C LEU A 61 -7.04 -7.87 -6.01
N SER A 62 -7.52 -8.92 -5.34
CA SER A 62 -6.70 -10.11 -5.06
C SER A 62 -7.53 -11.27 -4.50
N SER A 63 -8.55 -11.68 -5.26
CA SER A 63 -9.22 -12.94 -4.98
C SER A 63 -8.57 -14.05 -5.81
N ASN A 64 -7.83 -13.62 -6.81
CA ASN A 64 -7.23 -14.52 -7.78
C ASN A 64 -6.01 -15.23 -7.19
N GLY A 65 -5.31 -15.95 -8.05
CA GLY A 65 -4.10 -16.65 -7.64
C GLY A 65 -2.97 -15.73 -7.18
N SER A 66 -3.23 -14.43 -7.11
CA SER A 66 -2.28 -13.50 -6.54
C SER A 66 -2.72 -13.15 -5.13
N PRO A 67 -2.10 -13.79 -4.12
CA PRO A 67 -2.52 -13.67 -2.72
C PRO A 67 -2.45 -12.23 -2.19
N THR A 68 -3.37 -11.90 -1.30
CA THR A 68 -3.43 -10.57 -0.73
C THR A 68 -2.66 -10.52 0.60
N LYS A 69 -1.97 -9.43 0.84
CA LYS A 69 -1.22 -9.26 2.08
C LYS A 69 -1.90 -8.18 2.92
N ILE A 70 -1.73 -8.29 4.24
CA ILE A 70 -2.53 -7.49 5.15
C ILE A 70 -1.73 -6.36 5.81
N LEU A 71 -2.35 -5.19 5.84
CA LEU A 71 -1.84 -4.07 6.61
C LEU A 71 -2.69 -3.90 7.87
N HIS A 72 -2.11 -3.34 8.91
CA HIS A 72 -2.75 -3.33 10.22
C HIS A 72 -2.64 -1.96 10.90
N GLY A 73 -3.76 -1.51 11.46
CA GLY A 73 -3.78 -0.28 12.24
C GLY A 73 -3.53 0.97 11.40
N ARG A 74 -3.83 0.89 10.10
CA ARG A 74 -3.61 2.03 9.23
C ARG A 74 -4.73 2.17 8.21
N GLY A 75 -5.78 1.37 8.37
CA GLY A 75 -6.89 1.42 7.43
C GLY A 75 -8.11 2.04 8.06
N GLY A 76 -9.23 1.98 7.35
CA GLY A 76 -10.46 2.55 7.86
C GLY A 76 -11.56 1.52 7.87
N ILE A 77 -12.30 1.43 6.77
CA ILE A 77 -13.35 0.44 6.63
C ILE A 77 -13.32 -0.14 5.23
N SER A 78 -12.92 -1.39 5.11
CA SER A 78 -12.87 -2.04 3.80
C SER A 78 -13.96 -3.09 3.72
N GLY A 79 -14.62 -3.19 2.57
CA GLY A 79 -15.72 -4.12 2.46
C GLY A 79 -15.61 -5.02 1.26
N TYR A 80 -15.99 -6.27 1.43
CA TYR A 80 -16.11 -7.20 0.33
C TYR A 80 -17.56 -7.25 -0.13
N THR A 81 -17.81 -6.91 -1.38
CA THR A 81 -19.15 -6.97 -1.91
C THR A 81 -19.38 -8.31 -2.61
N LEU A 82 -20.62 -8.79 -2.57
CA LEU A 82 -20.95 -10.16 -2.99
C LEU A 82 -20.75 -10.40 -4.50
N ARG A 83 -20.87 -9.36 -5.32
CA ARG A 83 -20.83 -9.52 -6.77
C ARG A 83 -19.38 -9.59 -7.25
N LEU A 84 -18.46 -9.30 -6.35
CA LEU A 84 -17.05 -9.16 -6.67
C LEU A 84 -16.40 -10.53 -6.87
N CYS A 85 -17.03 -11.56 -6.33
CA CYS A 85 -16.50 -12.91 -6.39
C CYS A 85 -16.34 -13.40 -7.83
N LYS A 86 -16.93 -12.67 -8.77
CA LYS A 86 -16.80 -12.99 -10.18
C LYS A 86 -15.34 -13.06 -10.64
N MET A 87 -14.53 -12.08 -10.28
CA MET A 87 -13.13 -12.11 -10.74
C MET A 87 -12.24 -12.85 -9.73
N ASP A 88 -12.86 -13.68 -8.90
CA ASP A 88 -12.10 -14.47 -7.92
C ASP A 88 -11.08 -15.36 -8.61
N ASN A 89 -11.39 -15.80 -9.81
CA ASN A 89 -10.48 -16.67 -10.55
C ASN A 89 -9.28 -15.91 -11.13
N GLU A 90 -9.43 -14.60 -11.32
CA GLU A 90 -8.38 -13.80 -11.93
C GLU A 90 -8.80 -12.33 -11.92
N PHE B 1 28.86 -3.69 -10.33
CA PHE B 1 28.13 -3.31 -9.10
C PHE B 1 26.69 -2.96 -9.43
N CYS B 2 25.90 -2.67 -8.40
CA CYS B 2 24.50 -2.33 -8.61
C CYS B 2 24.29 -0.84 -8.36
N HIS B 3 23.31 -0.28 -9.05
CA HIS B 3 23.06 1.15 -9.05
C HIS B 3 22.33 1.58 -7.78
N SER B 4 22.98 2.38 -6.95
CA SER B 4 22.35 2.93 -5.76
C SER B 4 21.25 3.89 -6.19
N SER B 5 20.02 3.43 -6.09
CA SER B 5 18.89 4.18 -6.62
C SER B 5 18.11 4.88 -5.51
N PHE B 6 17.89 6.17 -5.69
CA PHE B 6 17.08 6.97 -4.78
C PHE B 6 16.15 7.87 -5.58
N TYR B 7 14.91 7.41 -5.78
CA TYR B 7 13.95 8.16 -6.57
C TYR B 7 12.59 8.17 -5.88
N HIS B 8 11.82 9.23 -6.12
CA HIS B 8 10.59 9.49 -5.38
C HIS B 8 9.34 9.25 -6.22
N ASP B 9 8.19 9.21 -5.54
CA ASP B 9 6.87 9.04 -6.16
C ASP B 9 6.70 7.65 -6.77
N THR B 10 7.50 6.71 -6.31
CA THR B 10 7.47 5.36 -6.85
C THR B 10 7.21 4.36 -5.74
N ASP B 11 5.97 3.91 -5.66
CA ASP B 11 5.56 3.02 -4.59
C ASP B 11 5.61 1.57 -5.04
N PHE B 12 6.76 0.94 -4.87
CA PHE B 12 6.93 -0.45 -5.25
C PHE B 12 6.59 -1.37 -4.09
N LEU B 13 5.59 -2.22 -4.29
CA LEU B 13 5.19 -3.18 -3.28
C LEU B 13 4.99 -4.55 -3.93
N GLY B 14 5.54 -5.58 -3.32
CA GLY B 14 5.42 -6.91 -3.87
C GLY B 14 4.79 -7.88 -2.92
N GLU B 15 5.46 -8.13 -1.80
CA GLU B 15 5.04 -9.15 -0.86
C GLU B 15 4.80 -8.58 0.55
N GLU B 16 5.87 -8.27 1.25
CA GLU B 16 5.75 -7.84 2.65
C GLU B 16 5.82 -6.32 2.76
N LEU B 17 4.82 -5.74 3.43
CA LEU B 17 4.80 -4.30 3.67
C LEU B 17 4.44 -4.01 5.12
N ASP B 18 5.42 -3.57 5.89
CA ASP B 18 5.16 -3.11 7.25
C ASP B 18 5.82 -1.76 7.46
N ILE B 19 5.16 -0.87 8.18
CA ILE B 19 5.63 0.49 8.37
C ILE B 19 6.37 0.65 9.70
N VAL B 20 7.53 1.26 9.63
CA VAL B 20 8.32 1.53 10.82
C VAL B 20 8.49 3.02 11.03
N ALA B 21 8.22 3.48 12.25
CA ALA B 21 8.40 4.88 12.59
C ALA B 21 9.84 5.13 12.99
N ALA B 22 10.66 5.50 12.03
CA ALA B 22 12.08 5.69 12.26
C ALA B 22 12.53 7.07 11.84
N LYS B 23 13.16 7.77 12.77
CA LYS B 23 13.78 9.05 12.47
C LYS B 23 15.09 8.85 11.73
N SER B 24 15.36 9.75 10.78
CA SER B 24 16.52 9.64 9.88
C SER B 24 16.29 8.51 8.86
N HIS B 25 16.09 8.89 7.60
CA HIS B 25 15.76 7.94 6.54
C HIS B 25 16.87 6.91 6.34
N GLU B 26 18.09 7.27 6.69
CA GLU B 26 19.22 6.35 6.55
C GLU B 26 19.20 5.26 7.61
N ALA B 27 18.48 5.52 8.70
CA ALA B 27 18.37 4.53 9.77
C ALA B 27 17.70 3.27 9.26
N CYS B 28 16.74 3.42 8.36
CA CYS B 28 16.05 2.29 7.75
C CYS B 28 17.05 1.40 7.02
N GLN B 29 18.08 2.01 6.44
CA GLN B 29 19.08 1.27 5.72
C GLN B 29 19.82 0.33 6.66
N LYS B 30 20.01 0.76 7.90
CA LYS B 30 20.75 -0.04 8.86
C LYS B 30 19.97 -1.30 9.21
N LEU B 31 18.66 -1.29 9.00
CA LEU B 31 17.84 -2.47 9.25
C LEU B 31 18.33 -3.59 8.34
N CYS B 32 18.70 -3.19 7.14
CA CYS B 32 19.16 -4.12 6.13
C CYS B 32 20.67 -4.24 6.15
N THR B 33 21.29 -3.52 7.08
CA THR B 33 22.72 -3.65 7.31
C THR B 33 22.97 -4.71 8.37
N ASN B 34 22.06 -4.79 9.33
CA ASN B 34 22.11 -5.82 10.35
C ASN B 34 21.46 -7.10 9.83
N ALA B 35 20.47 -6.94 8.98
CA ALA B 35 19.85 -8.07 8.30
C ALA B 35 19.90 -7.84 6.80
N VAL B 36 20.95 -8.35 6.16
CA VAL B 36 21.20 -8.06 4.75
C VAL B 36 20.30 -8.86 3.82
N ARG B 37 19.03 -8.46 3.74
CA ARG B 37 18.10 -9.05 2.78
C ARG B 37 16.85 -8.18 2.62
N CYS B 38 16.95 -7.19 1.75
CA CYS B 38 15.85 -6.30 1.44
C CYS B 38 15.88 -5.96 -0.04
N GLN B 39 14.90 -5.22 -0.53
CA GLN B 39 14.95 -4.68 -1.89
C GLN B 39 14.83 -3.16 -1.87
N PHE B 40 13.75 -2.66 -1.28
CA PHE B 40 13.52 -1.23 -1.32
C PHE B 40 12.74 -0.73 -0.12
N PHE B 41 13.27 0.28 0.54
CA PHE B 41 12.55 0.96 1.59
C PHE B 41 12.13 2.33 1.07
N THR B 42 10.86 2.66 1.24
CA THR B 42 10.34 3.92 0.76
C THR B 42 10.00 4.84 1.93
N TYR B 43 10.79 5.88 2.09
CA TYR B 43 10.60 6.82 3.17
C TYR B 43 9.92 8.08 2.67
N THR B 44 8.76 8.39 3.22
CA THR B 44 8.10 9.64 2.92
C THR B 44 8.41 10.67 4.00
N PRO B 45 9.15 11.74 3.64
CA PRO B 45 9.59 12.75 4.59
C PRO B 45 8.44 13.35 5.38
N ALA B 46 7.48 13.94 4.64
CA ALA B 46 6.30 14.56 5.23
C ALA B 46 6.65 15.69 6.18
N GLN B 47 6.96 15.33 7.43
CA GLN B 47 7.24 16.28 8.50
C GLN B 47 5.99 17.10 8.82
N ALA B 48 5.67 18.05 7.97
CA ALA B 48 4.46 18.83 8.12
C ALA B 48 3.31 18.14 7.40
N SER B 49 3.05 16.90 7.79
CA SER B 49 1.95 16.14 7.21
C SER B 49 0.62 16.75 7.64
N CYS B 50 0.59 17.21 8.88
CA CYS B 50 -0.56 17.90 9.45
C CYS B 50 -0.23 18.23 10.90
N ASN B 51 0.30 19.43 11.11
CA ASN B 51 0.82 19.86 12.42
C ASN B 51 2.12 19.12 12.73
N GLU B 52 2.01 17.81 12.95
CA GLU B 52 3.18 16.96 13.14
C GLU B 52 2.87 15.55 12.66
N GLY B 53 3.75 15.03 11.82
CA GLY B 53 3.58 13.71 11.28
C GLY B 53 4.86 13.25 10.63
N LYS B 54 5.60 12.40 11.33
CA LYS B 54 6.96 12.08 10.91
C LYS B 54 7.03 11.16 9.70
N GLY B 55 8.26 10.77 9.39
CA GLY B 55 8.52 10.00 8.19
C GLY B 55 8.09 8.56 8.31
N LYS B 56 7.13 8.19 7.50
CA LYS B 56 6.69 6.81 7.40
C LYS B 56 7.66 6.03 6.54
N CYS B 57 8.42 5.15 7.16
CA CYS B 57 9.38 4.34 6.44
C CYS B 57 8.76 3.01 6.04
N TYR B 58 8.53 2.83 4.75
CA TYR B 58 7.96 1.60 4.23
C TYR B 58 9.04 0.58 3.94
N LEU B 59 9.18 -0.39 4.82
CA LEU B 59 10.10 -1.49 4.61
C LEU B 59 9.38 -2.60 3.87
N LYS B 60 9.75 -2.85 2.63
CA LYS B 60 9.12 -3.93 1.89
C LYS B 60 10.13 -4.84 1.20
N LEU B 61 9.80 -6.13 1.28
CA LEU B 61 10.58 -7.19 0.69
C LEU B 61 9.73 -7.87 -0.37
N SER B 62 10.29 -8.06 -1.56
CA SER B 62 9.54 -8.57 -2.67
C SER B 62 10.38 -9.52 -3.52
N SER B 63 9.87 -10.71 -3.74
CA SER B 63 10.50 -11.66 -4.63
C SER B 63 9.97 -11.49 -6.05
N ASN B 64 10.71 -11.96 -7.03
CA ASN B 64 10.28 -11.96 -8.42
C ASN B 64 9.06 -12.87 -8.57
N GLY B 65 9.01 -13.91 -7.74
CA GLY B 65 7.85 -14.79 -7.70
C GLY B 65 6.61 -14.06 -7.24
N SER B 66 6.79 -13.02 -6.45
CA SER B 66 5.67 -12.20 -6.01
C SER B 66 5.57 -10.93 -6.87
N PRO B 67 4.48 -10.81 -7.65
CA PRO B 67 4.28 -9.68 -8.56
C PRO B 67 4.50 -8.33 -7.88
N THR B 68 5.37 -7.52 -8.45
CA THR B 68 5.68 -6.21 -7.89
C THR B 68 4.74 -5.16 -8.46
N LYS B 69 3.86 -4.63 -7.60
CA LYS B 69 2.94 -3.59 -8.01
C LYS B 69 3.58 -2.24 -7.72
N ILE B 70 3.37 -1.28 -8.61
CA ILE B 70 3.98 0.03 -8.45
C ILE B 70 2.93 1.14 -8.53
N LEU B 71 2.80 1.89 -7.44
CA LEU B 71 1.85 2.99 -7.39
C LEU B 71 2.59 4.31 -7.50
N HIS B 72 1.87 5.42 -7.52
CA HIS B 72 2.49 6.71 -7.71
C HIS B 72 2.00 7.76 -6.71
N GLY B 73 2.86 8.08 -5.76
CA GLY B 73 2.63 9.24 -4.93
C GLY B 73 1.99 8.93 -3.60
N ARG B 74 2.10 7.69 -3.14
CA ARG B 74 1.55 7.34 -1.84
C ARG B 74 2.66 7.28 -0.79
N GLY B 75 3.89 7.11 -1.27
CA GLY B 75 5.03 7.11 -0.39
C GLY B 75 5.88 8.35 -0.57
N GLY B 76 7.19 8.16 -0.52
CA GLY B 76 8.10 9.27 -0.71
C GLY B 76 9.24 8.90 -1.64
N ILE B 77 10.38 8.56 -1.06
CA ILE B 77 11.55 8.19 -1.83
C ILE B 77 11.95 6.75 -1.54
N SER B 78 12.18 5.98 -2.60
CA SER B 78 12.57 4.58 -2.45
C SER B 78 14.09 4.46 -2.54
N GLY B 79 14.67 3.85 -1.52
CA GLY B 79 16.12 3.69 -1.48
C GLY B 79 16.56 2.28 -1.78
N TYR B 80 17.51 2.15 -2.69
CA TYR B 80 18.12 0.87 -3.03
C TYR B 80 19.59 0.88 -2.63
N THR B 81 19.95 0.02 -1.68
CA THR B 81 21.31 -0.01 -1.17
C THR B 81 22.16 -1.04 -1.93
N LEU B 82 22.50 -0.70 -3.17
CA LEU B 82 23.41 -1.49 -4.02
C LEU B 82 23.05 -2.98 -4.06
N ARG B 83 23.77 -3.77 -3.27
CA ARG B 83 23.71 -5.24 -3.34
C ARG B 83 22.29 -5.79 -3.27
N LEU B 84 21.47 -5.20 -2.42
CA LEU B 84 20.15 -5.76 -2.12
C LEU B 84 19.19 -5.71 -3.31
N CYS B 85 19.58 -5.03 -4.38
CA CYS B 85 18.73 -4.95 -5.56
C CYS B 85 18.54 -6.34 -6.17
N LYS B 86 19.59 -7.15 -6.14
CA LYS B 86 19.55 -8.47 -6.77
C LYS B 86 18.72 -9.43 -5.92
N MET B 87 18.27 -8.97 -4.77
CA MET B 87 17.44 -9.77 -3.89
C MET B 87 16.01 -9.83 -4.44
N ASP B 88 15.74 -9.05 -5.49
CA ASP B 88 14.43 -9.08 -6.11
C ASP B 88 14.19 -10.47 -6.70
N ASN B 89 15.24 -11.10 -7.17
CA ASN B 89 15.14 -12.44 -7.72
C ASN B 89 15.82 -13.45 -6.79
N GLU B 90 16.25 -12.96 -5.62
CA GLU B 90 16.90 -13.78 -4.61
C GLU B 90 18.21 -14.38 -5.15
N PHE A 1 -20.02 -18.26 0.10
CA PHE A 1 -20.45 -16.94 -0.42
C PHE A 1 -19.47 -15.86 0.01
N CYS A 2 -19.82 -14.60 -0.22
CA CYS A 2 -18.95 -13.49 0.13
C CYS A 2 -19.52 -12.71 1.30
N HIS A 3 -20.76 -12.23 1.16
CA HIS A 3 -21.43 -11.39 2.16
C HIS A 3 -20.73 -10.02 2.27
N SER A 4 -21.46 -8.96 1.96
CA SER A 4 -20.93 -7.61 2.04
C SER A 4 -20.45 -7.28 3.46
N SER A 5 -19.13 -7.24 3.64
CA SER A 5 -18.54 -6.99 4.95
C SER A 5 -17.47 -5.91 4.85
N PHE A 6 -17.12 -5.33 5.99
CA PHE A 6 -16.14 -4.25 6.04
C PHE A 6 -15.02 -4.57 7.03
N TYR A 7 -13.82 -4.75 6.51
CA TYR A 7 -12.66 -5.03 7.33
C TYR A 7 -12.14 -3.76 7.98
N HIS A 8 -12.12 -3.75 9.30
CA HIS A 8 -11.70 -2.57 10.05
C HIS A 8 -10.21 -2.64 10.37
N ASP A 9 -9.52 -1.50 10.21
CA ASP A 9 -8.11 -1.35 10.64
C ASP A 9 -7.15 -2.18 9.77
N THR A 10 -7.67 -2.80 8.72
CA THR A 10 -6.87 -3.70 7.91
C THR A 10 -7.24 -3.63 6.44
N ASP A 11 -6.23 -3.60 5.60
CA ASP A 11 -6.41 -3.68 4.17
C ASP A 11 -5.44 -4.71 3.61
N PHE A 12 -5.82 -5.34 2.51
CA PHE A 12 -5.00 -6.40 1.95
C PHE A 12 -4.37 -5.95 0.65
N LEU A 13 -3.11 -6.33 0.43
CA LEU A 13 -2.42 -6.02 -0.81
C LEU A 13 -2.28 -7.26 -1.67
N GLY A 14 -2.47 -7.08 -2.97
CA GLY A 14 -2.32 -8.17 -3.90
C GLY A 14 -1.67 -7.74 -5.20
N GLU A 15 -2.46 -7.70 -6.26
CA GLU A 15 -1.94 -7.37 -7.58
C GLU A 15 -2.00 -5.89 -7.87
N GLU A 16 -3.21 -5.35 -7.96
CA GLU A 16 -3.40 -3.98 -8.41
C GLU A 16 -3.97 -3.10 -7.31
N LEU A 17 -3.15 -2.16 -6.85
CA LEU A 17 -3.54 -1.24 -5.80
C LEU A 17 -3.53 0.18 -6.36
N ASP A 18 -4.70 0.80 -6.44
CA ASP A 18 -4.80 2.14 -7.02
C ASP A 18 -5.55 3.06 -6.07
N ILE A 19 -5.03 4.27 -5.90
CA ILE A 19 -5.62 5.23 -4.97
C ILE A 19 -6.30 6.37 -5.72
N VAL A 20 -7.55 6.64 -5.39
CA VAL A 20 -8.29 7.72 -6.02
C VAL A 20 -8.68 8.78 -5.00
N ALA A 21 -8.62 10.03 -5.43
CA ALA A 21 -8.99 11.15 -4.57
C ALA A 21 -10.44 11.56 -4.84
N ALA A 22 -11.35 10.91 -4.14
CA ALA A 22 -12.76 11.19 -4.29
C ALA A 22 -13.43 11.31 -2.93
N LYS A 23 -14.27 12.32 -2.79
CA LYS A 23 -15.02 12.51 -1.56
C LYS A 23 -16.34 11.79 -1.66
N SER A 24 -17.04 11.68 -0.52
CA SER A 24 -18.28 10.91 -0.44
C SER A 24 -18.00 9.42 -0.61
N HIS A 25 -18.08 8.68 0.50
CA HIS A 25 -17.73 7.27 0.50
C HIS A 25 -18.58 6.47 -0.50
N GLU A 26 -19.81 6.90 -0.72
CA GLU A 26 -20.69 6.21 -1.65
C GLU A 26 -20.28 6.48 -3.09
N ALA A 27 -19.77 7.68 -3.34
CA ALA A 27 -19.38 8.06 -4.69
C ALA A 27 -18.24 7.19 -5.17
N CYS A 28 -17.33 6.86 -4.25
CA CYS A 28 -16.20 6.01 -4.57
C CYS A 28 -16.72 4.64 -5.02
N GLN A 29 -17.84 4.20 -4.43
CA GLN A 29 -18.40 2.89 -4.74
C GLN A 29 -18.83 2.83 -6.21
N LYS A 30 -19.05 3.99 -6.81
CA LYS A 30 -19.49 4.05 -8.21
C LYS A 30 -18.42 3.50 -9.15
N LEU A 31 -17.16 3.49 -8.72
CA LEU A 31 -16.11 2.93 -9.58
C LEU A 31 -16.33 1.43 -9.76
N CYS A 32 -16.96 0.81 -8.77
CA CYS A 32 -17.29 -0.62 -8.83
C CYS A 32 -18.64 -0.83 -9.48
N THR A 33 -19.34 0.26 -9.76
CA THR A 33 -20.65 0.19 -10.39
C THR A 33 -20.52 0.25 -11.92
N ASN A 34 -19.58 1.07 -12.39
CA ASN A 34 -19.31 1.18 -13.82
C ASN A 34 -18.45 0.01 -14.29
N ALA A 35 -17.41 -0.29 -13.54
CA ALA A 35 -16.53 -1.39 -13.87
C ALA A 35 -16.46 -2.38 -12.72
N VAL A 36 -17.26 -3.43 -12.81
CA VAL A 36 -17.26 -4.48 -11.80
C VAL A 36 -16.01 -5.37 -11.99
N ARG A 37 -14.89 -4.88 -11.48
CA ARG A 37 -13.65 -5.63 -11.57
C ARG A 37 -12.88 -5.52 -10.25
N CYS A 38 -13.51 -4.93 -9.26
CA CYS A 38 -12.90 -4.74 -7.96
C CYS A 38 -13.25 -5.90 -7.04
N GLN A 39 -12.38 -6.19 -6.09
CA GLN A 39 -12.71 -7.16 -5.07
C GLN A 39 -13.14 -6.44 -3.81
N PHE A 40 -12.34 -5.47 -3.40
CA PHE A 40 -12.66 -4.65 -2.23
C PHE A 40 -11.89 -3.34 -2.28
N PHE A 41 -12.45 -2.30 -1.67
CA PHE A 41 -11.76 -1.03 -1.61
C PHE A 41 -11.79 -0.48 -0.18
N THR A 42 -10.73 0.18 0.20
CA THR A 42 -10.58 0.65 1.57
C THR A 42 -10.68 2.16 1.63
N TYR A 43 -11.46 2.66 2.57
CA TYR A 43 -11.56 4.10 2.79
C TYR A 43 -11.33 4.45 4.24
N THR A 44 -10.99 5.71 4.47
CA THR A 44 -10.62 6.17 5.80
C THR A 44 -11.79 6.83 6.52
N PRO A 45 -12.10 6.37 7.74
CA PRO A 45 -13.09 7.00 8.61
C PRO A 45 -12.43 7.90 9.65
N ALA A 46 -13.24 8.67 10.38
CA ALA A 46 -12.75 9.55 11.44
C ALA A 46 -11.67 10.49 10.92
N GLN A 47 -11.99 11.16 9.82
CA GLN A 47 -11.03 12.01 9.10
C GLN A 47 -9.90 11.17 8.50
N ALA A 48 -8.89 10.92 9.33
CA ALA A 48 -7.69 10.16 8.94
C ALA A 48 -6.68 10.28 10.05
N SER A 49 -6.55 11.50 10.56
CA SER A 49 -5.65 11.83 11.65
C SER A 49 -5.93 13.26 12.10
N CYS A 50 -6.08 14.13 11.11
CA CYS A 50 -6.42 15.52 11.35
C CYS A 50 -6.88 16.16 10.05
N ASN A 51 -7.64 17.26 10.15
CA ASN A 51 -8.14 18.02 9.00
C ASN A 51 -9.30 17.28 8.32
N GLU A 52 -10.18 18.06 7.69
CA GLU A 52 -11.39 17.51 7.06
C GLU A 52 -11.09 16.89 5.69
N GLY A 53 -9.85 16.45 5.49
CA GLY A 53 -9.50 15.78 4.25
C GLY A 53 -10.05 14.36 4.21
N LYS A 54 -11.36 14.25 3.98
CA LYS A 54 -12.06 12.99 4.07
C LYS A 54 -11.90 12.15 2.81
N GLY A 55 -11.81 12.81 1.66
CA GLY A 55 -11.85 12.12 0.39
C GLY A 55 -10.59 11.32 0.09
N LYS A 56 -10.49 10.12 0.67
CA LYS A 56 -9.39 9.22 0.37
C LYS A 56 -9.87 7.77 0.36
N CYS A 57 -9.94 7.18 -0.81
CA CYS A 57 -10.32 5.77 -0.94
C CYS A 57 -9.43 5.11 -1.97
N TYR A 58 -9.08 3.85 -1.73
CA TYR A 58 -8.21 3.13 -2.63
C TYR A 58 -8.68 1.71 -2.83
N LEU A 59 -8.66 1.27 -4.08
CA LEU A 59 -9.14 -0.06 -4.43
C LEU A 59 -8.00 -1.06 -4.43
N LYS A 60 -8.33 -2.33 -4.23
CA LYS A 60 -7.32 -3.38 -4.24
C LYS A 60 -7.89 -4.65 -4.87
N LEU A 61 -6.99 -5.36 -5.54
CA LEU A 61 -7.32 -6.59 -6.22
C LEU A 61 -6.38 -7.69 -5.77
N SER A 62 -6.93 -8.72 -5.17
CA SER A 62 -6.16 -9.88 -4.74
C SER A 62 -7.01 -11.12 -4.77
N SER A 63 -6.97 -11.82 -5.89
CA SER A 63 -7.71 -13.05 -6.06
C SER A 63 -7.08 -14.18 -5.25
N ASN A 64 -7.80 -15.28 -5.10
CA ASN A 64 -7.36 -16.37 -4.22
C ASN A 64 -6.09 -17.03 -4.73
N GLY A 65 -5.86 -16.97 -6.04
CA GLY A 65 -4.65 -17.55 -6.59
C GLY A 65 -3.45 -16.63 -6.41
N SER A 66 -3.74 -15.37 -6.10
CA SER A 66 -2.71 -14.36 -5.98
C SER A 66 -2.36 -14.11 -4.51
N PRO A 67 -1.14 -13.60 -4.24
CA PRO A 67 -0.71 -13.25 -2.88
C PRO A 67 -1.62 -12.22 -2.23
N THR A 68 -1.67 -12.24 -0.91
CA THR A 68 -2.55 -11.35 -0.16
C THR A 68 -2.01 -11.16 1.25
N LYS A 69 -1.38 -10.02 1.48
CA LYS A 69 -0.77 -9.78 2.78
C LYS A 69 -1.59 -8.76 3.57
N ILE A 70 -1.68 -8.98 4.88
CA ILE A 70 -2.46 -8.10 5.78
C ILE A 70 -1.66 -6.87 6.17
N LEU A 71 -2.30 -5.72 6.09
CA LEU A 71 -1.70 -4.49 6.57
C LEU A 71 -2.55 -3.92 7.70
N HIS A 72 -1.90 -3.57 8.80
CA HIS A 72 -2.59 -3.03 9.97
C HIS A 72 -2.34 -1.54 10.11
N GLY A 73 -3.41 -0.78 10.34
CA GLY A 73 -3.29 0.65 10.52
C GLY A 73 -2.72 1.35 9.31
N ARG A 74 -3.06 0.84 8.13
CA ARG A 74 -2.62 1.46 6.89
C ARG A 74 -3.80 2.11 6.17
N GLY A 75 -4.99 1.67 6.55
CA GLY A 75 -6.19 2.20 5.95
C GLY A 75 -7.25 2.48 6.99
N GLY A 76 -8.50 2.40 6.59
CA GLY A 76 -9.59 2.58 7.52
C GLY A 76 -10.47 1.36 7.58
N ILE A 77 -11.35 1.23 6.59
CA ILE A 77 -12.19 0.05 6.49
C ILE A 77 -12.30 -0.40 5.03
N SER A 78 -12.09 -1.69 4.82
CA SER A 78 -12.13 -2.28 3.50
C SER A 78 -13.49 -2.92 3.25
N GLY A 79 -14.22 -2.42 2.26
CA GLY A 79 -15.56 -2.93 2.01
C GLY A 79 -15.65 -3.68 0.70
N TYR A 80 -16.37 -4.80 0.71
CA TYR A 80 -16.59 -5.58 -0.49
C TYR A 80 -18.03 -6.03 -0.58
N THR A 81 -18.52 -6.21 -1.80
CA THR A 81 -19.90 -6.63 -2.01
C THR A 81 -19.95 -8.13 -2.34
N LEU A 82 -21.13 -8.73 -2.18
CA LEU A 82 -21.30 -10.18 -2.30
C LEU A 82 -20.92 -10.75 -3.68
N ARG A 83 -20.85 -9.92 -4.71
CA ARG A 83 -20.46 -10.41 -6.04
C ARG A 83 -18.98 -10.13 -6.33
N LEU A 84 -18.45 -9.10 -5.67
CA LEU A 84 -17.10 -8.61 -5.97
C LEU A 84 -16.03 -9.60 -5.54
N CYS A 85 -16.21 -10.18 -4.35
CA CYS A 85 -15.20 -11.04 -3.75
C CYS A 85 -14.89 -12.25 -4.63
N LYS A 86 -15.89 -12.69 -5.39
CA LYS A 86 -15.75 -13.92 -6.17
C LYS A 86 -14.94 -13.71 -7.44
N MET A 87 -14.32 -12.54 -7.55
CA MET A 87 -13.34 -12.27 -8.59
C MET A 87 -12.00 -12.87 -8.17
N ASP A 88 -12.03 -13.60 -7.05
CA ASP A 88 -10.85 -14.25 -6.51
C ASP A 88 -10.47 -15.49 -7.30
N ASN A 89 -11.00 -15.58 -8.51
CA ASN A 89 -10.73 -16.68 -9.43
C ASN A 89 -9.27 -17.15 -9.38
N GLU A 90 -8.34 -16.24 -9.68
CA GLU A 90 -6.92 -16.57 -9.73
C GLU A 90 -6.07 -15.34 -9.45
N PHE B 1 25.94 -4.55 -10.92
CA PHE B 1 25.11 -5.39 -10.04
C PHE B 1 23.79 -4.71 -9.75
N CYS B 2 23.83 -3.65 -8.96
CA CYS B 2 22.66 -2.83 -8.71
C CYS B 2 23.04 -1.36 -8.75
N HIS B 3 22.06 -0.48 -8.66
CA HIS B 3 22.32 0.95 -8.73
C HIS B 3 21.43 1.69 -7.74
N SER B 4 22.06 2.51 -6.90
CA SER B 4 21.32 3.34 -5.96
C SER B 4 20.37 4.28 -6.71
N SER B 5 19.09 3.93 -6.72
CA SER B 5 18.10 4.73 -7.42
C SER B 5 16.92 5.01 -6.50
N PHE B 6 16.45 6.25 -6.52
CA PHE B 6 15.37 6.68 -5.67
C PHE B 6 14.27 7.35 -6.49
N TYR B 7 13.10 6.75 -6.51
CA TYR B 7 11.98 7.29 -7.28
C TYR B 7 11.01 8.03 -6.37
N HIS B 8 10.64 9.23 -6.79
CA HIS B 8 9.81 10.12 -5.97
C HIS B 8 8.40 10.24 -6.56
N ASP B 9 7.40 10.34 -5.68
CA ASP B 9 6.00 10.55 -6.07
C ASP B 9 5.43 9.33 -6.78
N THR B 10 6.01 8.17 -6.51
CA THR B 10 5.56 6.92 -7.09
C THR B 10 6.08 5.77 -6.23
N ASP B 11 5.40 4.63 -6.27
CA ASP B 11 5.80 3.50 -5.44
C ASP B 11 5.53 2.18 -6.16
N PHE B 12 6.32 1.15 -5.85
CA PHE B 12 6.15 -0.15 -6.50
C PHE B 12 5.86 -1.25 -5.49
N LEU B 13 4.94 -2.14 -5.86
CA LEU B 13 4.48 -3.23 -5.01
C LEU B 13 5.35 -4.46 -5.22
N GLY B 14 5.44 -5.31 -4.20
CA GLY B 14 6.19 -6.54 -4.32
C GLY B 14 5.53 -7.68 -3.59
N GLU B 15 5.95 -7.94 -2.36
CA GLU B 15 5.42 -9.05 -1.60
C GLU B 15 4.75 -8.58 -0.32
N GLU B 16 5.55 -8.35 0.72
CA GLU B 16 5.00 -7.90 1.99
C GLU B 16 5.55 -6.52 2.35
N LEU B 17 4.66 -5.66 2.83
CA LEU B 17 4.96 -4.26 3.06
C LEU B 17 4.55 -3.84 4.47
N ASP B 18 5.51 -3.39 5.27
CA ASP B 18 5.18 -2.85 6.59
C ASP B 18 5.91 -1.52 6.82
N ILE B 19 5.16 -0.48 7.16
CA ILE B 19 5.75 0.83 7.40
C ILE B 19 5.82 1.15 8.88
N VAL B 20 7.04 1.16 9.42
CA VAL B 20 7.27 1.43 10.82
C VAL B 20 8.45 2.37 11.00
N ALA B 21 8.26 3.37 11.85
CA ALA B 21 9.35 4.23 12.28
C ALA B 21 8.95 5.05 13.49
N ALA B 22 9.94 5.56 14.19
CA ALA B 22 9.71 6.52 15.26
C ALA B 22 10.25 7.88 14.82
N LYS B 23 11.57 8.01 14.86
CA LYS B 23 12.24 9.17 14.31
C LYS B 23 13.55 8.73 13.65
N SER B 24 14.43 9.70 13.36
CA SER B 24 15.77 9.45 12.79
C SER B 24 15.71 8.70 11.46
N HIS B 25 15.97 9.43 10.38
CA HIS B 25 15.86 8.89 9.01
C HIS B 25 16.83 7.73 8.79
N GLU B 26 17.96 7.75 9.52
CA GLU B 26 18.96 6.69 9.40
C GLU B 26 18.39 5.36 9.87
N ALA B 27 17.47 5.42 10.82
CA ALA B 27 16.87 4.22 11.40
C ALA B 27 16.26 3.34 10.33
N CYS B 28 15.71 3.97 9.29
CA CYS B 28 15.04 3.25 8.23
C CYS B 28 16.03 2.32 7.54
N GLN B 29 17.23 2.83 7.30
CA GLN B 29 18.26 2.06 6.65
C GLN B 29 18.68 0.90 7.54
N LYS B 30 18.57 1.09 8.84
CA LYS B 30 18.97 0.09 9.79
C LYS B 30 18.02 -1.10 9.73
N LEU B 31 16.81 -0.88 9.22
CA LEU B 31 15.84 -1.97 9.10
C LEU B 31 16.35 -2.98 8.08
N CYS B 32 17.18 -2.50 7.16
CA CYS B 32 17.76 -3.36 6.13
C CYS B 32 19.19 -3.75 6.54
N THR B 33 19.65 -3.19 7.65
CA THR B 33 21.00 -3.43 8.12
C THR B 33 21.05 -4.60 9.13
N ASN B 34 20.16 -4.59 10.10
CA ASN B 34 20.21 -5.58 11.20
C ASN B 34 19.82 -6.96 10.69
N ALA B 35 18.81 -6.99 9.84
CA ALA B 35 18.38 -8.22 9.21
C ALA B 35 18.16 -7.96 7.74
N VAL B 36 19.16 -8.29 6.94
CA VAL B 36 19.10 -8.03 5.51
C VAL B 36 18.06 -8.90 4.82
N ARG B 37 16.82 -8.43 4.87
CA ARG B 37 15.72 -9.01 4.13
C ARG B 37 14.86 -7.89 3.59
N CYS B 38 15.32 -7.35 2.48
CA CYS B 38 14.78 -6.12 1.94
C CYS B 38 15.24 -5.97 0.50
N GLN B 39 14.68 -5.01 -0.21
CA GLN B 39 15.16 -4.68 -1.54
C GLN B 39 15.01 -3.19 -1.79
N PHE B 40 13.94 -2.60 -1.28
CA PHE B 40 13.79 -1.16 -1.31
C PHE B 40 12.76 -0.73 -0.26
N PHE B 41 12.95 0.46 0.28
CA PHE B 41 11.98 0.99 1.23
C PHE B 41 11.50 2.36 0.79
N THR B 42 10.33 2.74 1.27
CA THR B 42 9.74 4.01 0.91
C THR B 42 9.89 5.01 2.06
N TYR B 43 10.48 6.15 1.75
CA TYR B 43 10.65 7.21 2.72
C TYR B 43 9.49 8.18 2.65
N THR B 44 8.81 8.39 3.76
CA THR B 44 7.76 9.38 3.83
C THR B 44 8.13 10.47 4.85
N PRO B 45 8.59 11.63 4.36
CA PRO B 45 9.05 12.73 5.21
C PRO B 45 7.93 13.28 6.09
N ALA B 46 6.83 13.70 5.47
CA ALA B 46 5.67 14.27 6.17
C ALA B 46 6.03 15.58 6.89
N GLN B 47 6.80 15.45 7.97
CA GLN B 47 7.24 16.58 8.80
C GLN B 47 6.08 17.23 9.53
N ALA B 48 5.20 17.90 8.79
CA ALA B 48 4.08 18.61 9.38
C ALA B 48 2.80 18.35 8.60
N SER B 49 1.97 17.48 9.13
CA SER B 49 0.65 17.21 8.53
C SER B 49 -0.41 17.24 9.62
N CYS B 50 -0.33 18.27 10.47
CA CYS B 50 -1.13 18.37 11.69
C CYS B 50 -0.71 17.28 12.67
N ASN B 51 0.39 16.64 12.35
CA ASN B 51 0.97 15.58 13.16
C ASN B 51 2.41 15.36 12.71
N GLU B 52 3.31 15.16 13.65
CA GLU B 52 4.71 14.94 13.30
C GLU B 52 5.02 13.46 13.21
N GLY B 53 4.60 12.86 12.10
CA GLY B 53 4.88 11.45 11.86
C GLY B 53 6.34 11.21 11.52
N LYS B 54 6.97 12.23 10.93
CA LYS B 54 8.39 12.19 10.59
C LYS B 54 8.70 11.24 9.45
N GLY B 55 9.98 11.17 9.10
CA GLY B 55 10.44 10.32 8.02
C GLY B 55 10.34 8.85 8.36
N LYS B 56 9.12 8.34 8.31
CA LYS B 56 8.86 6.95 8.63
C LYS B 56 9.26 6.01 7.49
N CYS B 57 9.53 4.76 7.86
CA CYS B 57 10.14 3.82 6.95
C CYS B 57 9.16 2.77 6.46
N TYR B 58 8.88 2.77 5.16
CA TYR B 58 8.01 1.78 4.57
C TYR B 58 8.86 0.66 3.98
N LEU B 59 9.15 -0.35 4.79
CA LEU B 59 10.02 -1.44 4.37
C LEU B 59 9.25 -2.48 3.58
N LYS B 60 9.81 -2.89 2.45
CA LYS B 60 9.16 -3.86 1.58
C LYS B 60 10.18 -4.68 0.79
N LEU B 61 9.79 -5.90 0.47
CA LEU B 61 10.62 -6.80 -0.31
C LEU B 61 9.77 -7.74 -1.13
N SER B 62 10.39 -8.40 -2.09
CA SER B 62 9.75 -9.46 -2.86
C SER B 62 10.71 -10.64 -2.94
N SER B 63 10.32 -11.78 -2.38
CA SER B 63 11.19 -12.94 -2.33
C SER B 63 10.99 -13.85 -3.54
N ASN B 64 9.76 -14.27 -3.77
CA ASN B 64 9.43 -15.06 -4.94
C ASN B 64 8.81 -14.16 -6.00
N GLY B 65 8.33 -14.75 -7.09
CA GLY B 65 7.66 -13.99 -8.13
C GLY B 65 6.35 -13.37 -7.68
N SER B 66 6.46 -12.37 -6.81
CA SER B 66 5.32 -11.63 -6.31
C SER B 66 5.00 -10.48 -7.26
N PRO B 67 3.73 -10.04 -7.30
CA PRO B 67 3.29 -8.96 -8.18
C PRO B 67 4.10 -7.67 -8.00
N THR B 68 5.01 -7.43 -8.91
CA THR B 68 5.81 -6.23 -8.87
C THR B 68 5.13 -5.18 -9.72
N LYS B 69 4.15 -4.52 -9.13
CA LYS B 69 3.23 -3.67 -9.87
C LYS B 69 3.29 -2.23 -9.36
N ILE B 70 2.63 -1.32 -10.06
CA ILE B 70 2.74 0.10 -9.77
C ILE B 70 1.72 0.53 -8.75
N LEU B 71 2.20 1.09 -7.65
CA LEU B 71 1.34 1.61 -6.61
C LEU B 71 1.07 3.09 -6.87
N HIS B 72 -0.20 3.44 -6.88
CA HIS B 72 -0.61 4.80 -7.19
C HIS B 72 -0.86 5.58 -5.91
N GLY B 73 -0.97 6.90 -6.03
CA GLY B 73 -1.13 7.74 -4.87
C GLY B 73 -0.02 8.75 -4.75
N ARG B 74 0.31 9.16 -3.54
CA ARG B 74 1.33 10.16 -3.32
C ARG B 74 2.45 9.62 -2.44
N GLY B 75 3.13 8.59 -2.90
CA GLY B 75 4.26 8.06 -2.16
C GLY B 75 5.40 9.07 -2.10
N GLY B 76 6.22 8.96 -1.07
CA GLY B 76 7.33 9.88 -0.90
C GLY B 76 8.45 9.57 -1.85
N ILE B 77 9.48 8.93 -1.33
CA ILE B 77 10.61 8.53 -2.17
C ILE B 77 11.12 7.16 -1.75
N SER B 78 11.00 6.19 -2.64
CA SER B 78 11.46 4.84 -2.37
C SER B 78 12.75 4.58 -3.13
N GLY B 79 13.69 3.89 -2.51
CA GLY B 79 14.97 3.67 -3.14
C GLY B 79 15.56 2.31 -2.88
N TYR B 80 16.29 1.81 -3.86
CA TYR B 80 17.04 0.58 -3.74
C TYR B 80 18.53 0.89 -3.91
N THR B 81 19.38 0.17 -3.21
CA THR B 81 20.80 0.52 -3.19
C THR B 81 21.67 -0.52 -3.90
N LEU B 82 22.13 -1.54 -3.17
CA LEU B 82 23.10 -2.48 -3.71
C LEU B 82 22.84 -3.91 -3.24
N ARG B 83 23.26 -4.23 -2.01
CA ARG B 83 23.28 -5.60 -1.51
C ARG B 83 21.89 -6.25 -1.54
N LEU B 84 20.86 -5.49 -1.18
CA LEU B 84 19.51 -6.04 -1.05
C LEU B 84 18.86 -6.34 -2.40
N CYS B 85 19.41 -5.79 -3.48
CA CYS B 85 18.85 -6.01 -4.81
C CYS B 85 18.95 -7.49 -5.17
N LYS B 86 20.08 -8.09 -4.82
CA LYS B 86 20.36 -9.49 -5.15
C LYS B 86 19.46 -10.42 -4.34
N MET B 87 18.75 -9.87 -3.37
CA MET B 87 17.90 -10.67 -2.51
C MET B 87 16.51 -10.88 -3.12
N ASP B 88 16.20 -10.09 -4.16
CA ASP B 88 14.89 -10.17 -4.81
C ASP B 88 14.56 -11.61 -5.19
N ASN B 89 15.45 -12.24 -5.94
CA ASN B 89 15.30 -13.64 -6.27
C ASN B 89 16.51 -14.43 -5.78
N GLU B 90 16.47 -14.79 -4.50
CA GLU B 90 17.56 -15.51 -3.86
C GLU B 90 17.49 -17.00 -4.21
N PHE A 1 -24.98 -15.94 -2.28
CA PHE A 1 -23.75 -15.15 -2.46
C PHE A 1 -22.82 -15.36 -1.27
N CYS A 2 -21.85 -14.47 -1.12
CA CYS A 2 -20.91 -14.55 -0.01
C CYS A 2 -21.18 -13.41 0.96
N HIS A 3 -20.49 -13.39 2.08
CA HIS A 3 -20.65 -12.33 3.05
C HIS A 3 -19.85 -11.11 2.59
N SER A 4 -20.44 -9.93 2.72
CA SER A 4 -19.84 -8.69 2.24
C SER A 4 -18.46 -8.44 2.85
N SER A 5 -17.55 -7.82 2.09
CA SER A 5 -16.14 -7.68 2.53
C SER A 5 -15.83 -6.32 3.19
N PHE A 6 -16.01 -6.23 4.50
CA PHE A 6 -15.70 -4.99 5.20
C PHE A 6 -14.45 -5.19 6.08
N TYR A 7 -13.30 -4.72 5.61
CA TYR A 7 -12.04 -4.95 6.31
C TYR A 7 -11.44 -3.65 6.82
N HIS A 8 -11.45 -3.44 8.13
CA HIS A 8 -10.93 -2.19 8.69
C HIS A 8 -9.61 -2.43 9.44
N ASP A 9 -8.97 -1.34 9.84
CA ASP A 9 -7.79 -1.35 10.72
C ASP A 9 -6.52 -1.85 10.00
N THR A 10 -6.68 -2.29 8.77
CA THR A 10 -5.55 -2.83 8.00
C THR A 10 -5.75 -2.55 6.53
N ASP A 11 -4.64 -2.49 5.80
CA ASP A 11 -4.70 -2.21 4.37
C ASP A 11 -4.15 -3.39 3.59
N PHE A 12 -5.01 -4.05 2.85
CA PHE A 12 -4.59 -5.19 2.03
C PHE A 12 -4.21 -4.68 0.65
N LEU A 13 -3.08 -5.13 0.13
CA LEU A 13 -2.63 -4.72 -1.19
C LEU A 13 -2.93 -5.80 -2.22
N GLY A 14 -2.94 -5.42 -3.48
CA GLY A 14 -3.28 -6.34 -4.53
C GLY A 14 -2.61 -6.04 -5.85
N GLU A 15 -3.10 -6.67 -6.90
CA GLU A 15 -2.56 -6.50 -8.24
C GLU A 15 -3.08 -5.23 -8.89
N GLU A 16 -4.32 -4.88 -8.60
CA GLU A 16 -4.93 -3.72 -9.22
C GLU A 16 -5.06 -2.59 -8.21
N LEU A 17 -4.32 -1.51 -8.46
CA LEU A 17 -4.34 -0.34 -7.59
C LEU A 17 -4.72 0.91 -8.39
N ASP A 18 -5.82 1.55 -8.03
CA ASP A 18 -6.12 2.88 -8.56
C ASP A 18 -6.65 3.76 -7.43
N ILE A 19 -6.31 5.03 -7.46
CA ILE A 19 -6.55 5.91 -6.32
C ILE A 19 -7.43 7.10 -6.70
N VAL A 20 -8.48 7.36 -5.92
CA VAL A 20 -9.25 8.59 -6.05
C VAL A 20 -9.51 9.18 -4.66
N ALA A 21 -10.03 10.41 -4.63
CA ALA A 21 -10.30 11.09 -3.38
C ALA A 21 -11.67 10.71 -2.84
N ALA A 22 -11.87 10.85 -1.54
CA ALA A 22 -13.10 10.42 -0.89
C ALA A 22 -14.07 11.57 -0.72
N LYS A 23 -13.97 12.54 -1.60
CA LYS A 23 -14.95 13.62 -1.67
C LYS A 23 -16.27 13.03 -2.14
N SER A 24 -17.29 13.10 -1.28
CA SER A 24 -18.54 12.37 -1.48
C SER A 24 -18.23 10.88 -1.47
N HIS A 25 -17.76 10.40 -0.32
CA HIS A 25 -17.26 9.04 -0.15
C HIS A 25 -18.28 7.98 -0.55
N GLU A 26 -19.55 8.30 -0.39
CA GLU A 26 -20.60 7.37 -0.79
C GLU A 26 -20.63 7.22 -2.30
N ALA A 27 -20.54 8.34 -3.01
CA ALA A 27 -20.58 8.34 -4.47
C ALA A 27 -19.39 7.56 -5.01
N CYS A 28 -18.26 7.66 -4.32
CA CYS A 28 -17.06 6.92 -4.68
C CYS A 28 -17.37 5.43 -4.75
N GLN A 29 -18.16 4.94 -3.79
CA GLN A 29 -18.50 3.52 -3.74
C GLN A 29 -19.12 3.05 -5.06
N LYS A 30 -19.89 3.95 -5.68
CA LYS A 30 -20.65 3.62 -6.86
C LYS A 30 -19.76 3.24 -8.04
N LEU A 31 -18.45 3.47 -7.92
CA LEU A 31 -17.54 3.12 -9.01
C LEU A 31 -17.42 1.61 -9.15
N CYS A 32 -17.66 0.88 -8.06
CA CYS A 32 -17.68 -0.59 -8.11
C CYS A 32 -19.06 -1.07 -8.58
N THR A 33 -19.99 -0.13 -8.72
CA THR A 33 -21.34 -0.45 -9.16
C THR A 33 -21.45 -0.38 -10.68
N ASN A 34 -20.98 0.72 -11.27
CA ASN A 34 -21.01 0.87 -12.73
C ASN A 34 -20.00 -0.08 -13.35
N ALA A 35 -18.88 -0.24 -12.68
CA ALA A 35 -17.89 -1.23 -13.05
C ALA A 35 -17.79 -2.26 -11.95
N VAL A 36 -18.55 -3.35 -12.09
CA VAL A 36 -18.63 -4.38 -11.07
C VAL A 36 -17.29 -5.09 -10.85
N ARG A 37 -16.43 -4.41 -10.13
CA ARG A 37 -15.09 -4.90 -9.84
C ARG A 37 -14.77 -4.60 -8.38
N CYS A 38 -13.47 -4.63 -8.07
CA CYS A 38 -12.94 -4.36 -6.72
C CYS A 38 -13.29 -5.47 -5.73
N GLN A 39 -12.26 -6.09 -5.16
CA GLN A 39 -12.44 -7.12 -4.13
C GLN A 39 -12.76 -6.45 -2.81
N PHE A 40 -12.25 -5.25 -2.65
CA PHE A 40 -12.51 -4.44 -1.47
C PHE A 40 -12.23 -2.97 -1.79
N PHE A 41 -13.16 -2.12 -1.40
CA PHE A 41 -13.08 -0.69 -1.65
C PHE A 41 -12.44 0.03 -0.46
N THR A 42 -11.15 0.33 -0.56
CA THR A 42 -10.42 0.82 0.60
C THR A 42 -10.67 2.31 0.85
N TYR A 43 -11.31 2.59 1.97
CA TYR A 43 -11.68 3.95 2.35
C TYR A 43 -10.84 4.43 3.53
N THR A 44 -10.19 5.57 3.38
CA THR A 44 -9.49 6.18 4.49
C THR A 44 -9.85 7.66 4.61
N PRO A 45 -10.59 8.03 5.66
CA PRO A 45 -11.05 9.41 5.86
C PRO A 45 -9.90 10.35 6.20
N ALA A 46 -8.94 9.83 6.97
CA ALA A 46 -7.78 10.60 7.41
C ALA A 46 -8.18 11.82 8.25
N GLN A 47 -8.50 12.93 7.57
CA GLN A 47 -8.87 14.18 8.21
C GLN A 47 -7.83 14.59 9.27
N ALA A 48 -6.65 14.99 8.81
CA ALA A 48 -5.56 15.36 9.72
C ALA A 48 -5.34 16.87 9.71
N SER A 49 -4.81 17.39 10.82
CA SER A 49 -4.60 18.82 10.98
C SER A 49 -3.38 19.33 10.19
N CYS A 50 -2.82 18.46 9.36
CA CYS A 50 -1.69 18.85 8.51
C CYS A 50 -2.22 19.29 7.14
N ASN A 51 -3.53 19.48 7.08
CA ASN A 51 -4.23 19.81 5.86
C ASN A 51 -5.67 20.15 6.24
N GLU A 52 -6.51 20.49 5.26
CA GLU A 52 -7.92 20.65 5.51
C GLU A 52 -8.51 19.32 6.02
N GLY A 53 -7.88 18.24 5.59
CA GLY A 53 -8.25 16.93 6.08
C GLY A 53 -9.18 16.20 5.14
N LYS A 54 -8.67 15.88 3.96
CA LYS A 54 -9.47 15.15 3.00
C LYS A 54 -8.97 13.72 2.86
N GLY A 55 -9.90 12.79 2.77
CA GLY A 55 -9.55 11.39 2.74
C GLY A 55 -9.53 10.84 1.33
N LYS A 56 -9.31 9.54 1.25
CA LYS A 56 -9.18 8.85 -0.02
C LYS A 56 -10.01 7.58 -0.05
N CYS A 57 -10.36 7.17 -1.25
CA CYS A 57 -11.01 5.89 -1.48
C CYS A 57 -10.35 5.24 -2.68
N TYR A 58 -9.69 4.11 -2.47
CA TYR A 58 -8.93 3.52 -3.56
C TYR A 58 -9.17 2.03 -3.66
N LEU A 59 -9.02 1.54 -4.88
CA LEU A 59 -9.47 0.19 -5.23
C LEU A 59 -8.31 -0.80 -5.24
N LYS A 60 -8.57 -2.03 -4.77
CA LYS A 60 -7.60 -3.11 -4.92
C LYS A 60 -8.29 -4.44 -5.19
N LEU A 61 -7.60 -5.32 -5.91
CA LEU A 61 -8.13 -6.62 -6.30
C LEU A 61 -7.02 -7.61 -6.63
N SER A 62 -7.02 -8.76 -5.94
CA SER A 62 -6.17 -9.90 -6.28
C SER A 62 -6.20 -10.97 -5.20
N SER A 63 -7.33 -11.09 -4.51
CA SER A 63 -7.43 -12.02 -3.38
C SER A 63 -7.62 -13.47 -3.85
N ASN A 64 -7.43 -13.68 -5.15
CA ASN A 64 -7.48 -15.02 -5.73
C ASN A 64 -6.07 -15.60 -5.81
N GLY A 65 -5.82 -16.46 -6.80
CA GLY A 65 -4.50 -17.05 -6.97
C GLY A 65 -3.44 -16.04 -7.33
N SER A 66 -3.85 -14.83 -7.66
CA SER A 66 -2.93 -13.73 -7.89
C SER A 66 -2.21 -13.38 -6.60
N PRO A 67 -0.98 -12.86 -6.68
CA PRO A 67 -0.20 -12.49 -5.50
C PRO A 67 -0.93 -11.45 -4.64
N THR A 68 -1.42 -11.91 -3.50
CA THR A 68 -2.09 -11.03 -2.55
C THR A 68 -1.19 -10.83 -1.34
N LYS A 69 -1.39 -9.73 -0.62
CA LYS A 69 -0.53 -9.39 0.48
C LYS A 69 -1.18 -8.37 1.41
N ILE A 70 -1.26 -8.70 2.69
CA ILE A 70 -1.81 -7.77 3.67
C ILE A 70 -0.69 -7.22 4.54
N LEU A 71 -0.85 -6.01 5.02
CA LEU A 71 0.12 -5.43 5.92
C LEU A 71 -0.58 -4.63 7.01
N HIS A 72 0.17 -4.28 8.05
CA HIS A 72 -0.38 -3.53 9.15
C HIS A 72 -0.51 -2.06 8.77
N GLY A 73 -1.17 -1.28 9.60
CA GLY A 73 -1.46 0.10 9.27
C GLY A 73 -2.95 0.37 9.30
N ARG A 74 -3.36 1.02 10.38
CA ARG A 74 -4.77 1.25 10.67
C ARG A 74 -5.36 2.40 9.86
N GLY A 75 -5.40 2.21 8.53
CA GLY A 75 -5.97 3.20 7.64
C GLY A 75 -7.45 3.44 7.91
N GLY A 76 -8.31 2.88 7.08
CA GLY A 76 -9.73 2.98 7.31
C GLY A 76 -10.41 1.63 7.21
N ILE A 77 -11.28 1.50 6.21
CA ILE A 77 -12.03 0.28 6.03
C ILE A 77 -12.24 0.01 4.54
N SER A 78 -12.02 -1.23 4.13
CA SER A 78 -12.23 -1.63 2.75
C SER A 78 -13.67 -2.11 2.59
N GLY A 79 -14.26 -1.80 1.44
CA GLY A 79 -15.68 -1.96 1.28
C GLY A 79 -16.13 -3.29 0.76
N TYR A 80 -17.19 -3.72 1.38
CA TYR A 80 -17.73 -5.06 1.30
C TYR A 80 -18.52 -5.48 0.07
N THR A 81 -17.83 -5.83 -1.01
CA THR A 81 -18.49 -6.46 -2.14
C THR A 81 -18.77 -7.93 -1.81
N LEU A 82 -19.82 -8.50 -2.38
CA LEU A 82 -20.24 -9.85 -1.99
C LEU A 82 -20.61 -10.74 -3.18
N ARG A 83 -20.50 -10.21 -4.39
CA ARG A 83 -20.88 -10.99 -5.58
C ARG A 83 -19.67 -11.62 -6.25
N LEU A 84 -18.68 -10.78 -6.54
CA LEU A 84 -17.49 -11.23 -7.26
C LEU A 84 -16.56 -12.06 -6.36
N CYS A 85 -17.11 -12.59 -5.27
CA CYS A 85 -16.36 -13.45 -4.39
C CYS A 85 -15.98 -14.74 -5.11
N LYS A 86 -16.61 -14.96 -6.25
CA LYS A 86 -16.26 -16.11 -7.08
C LYS A 86 -14.83 -15.98 -7.62
N MET A 87 -14.39 -14.74 -7.91
CA MET A 87 -13.02 -14.51 -8.37
C MET A 87 -12.12 -14.24 -7.18
N ASP A 88 -12.64 -14.51 -6.00
CA ASP A 88 -11.90 -14.44 -4.75
C ASP A 88 -11.46 -15.87 -4.35
N ASN A 89 -11.66 -16.78 -5.30
CA ASN A 89 -11.50 -18.22 -5.09
C ASN A 89 -10.13 -18.64 -4.55
N GLU A 90 -9.11 -17.80 -4.76
CA GLU A 90 -7.72 -18.10 -4.39
C GLU A 90 -7.32 -19.56 -4.69
N PHE B 1 29.48 -3.85 -5.74
CA PHE B 1 28.59 -2.81 -6.30
C PHE B 1 27.33 -3.44 -6.87
N CYS B 2 26.23 -2.70 -6.86
CA CYS B 2 24.98 -3.12 -7.47
C CYS B 2 24.04 -1.92 -7.56
N HIS B 3 22.90 -2.11 -8.21
CA HIS B 3 21.94 -1.03 -8.39
C HIS B 3 21.29 -0.66 -7.06
N SER B 4 21.28 0.63 -6.75
CA SER B 4 20.60 1.11 -5.56
C SER B 4 19.33 1.85 -5.96
N SER B 5 18.19 1.24 -5.69
CA SER B 5 16.92 1.79 -6.11
C SER B 5 16.41 2.82 -5.10
N PHE B 6 16.44 4.08 -5.50
CA PHE B 6 15.90 5.17 -4.68
C PHE B 6 15.00 6.06 -5.53
N TYR B 7 13.70 5.83 -5.46
CA TYR B 7 12.76 6.56 -6.29
C TYR B 7 11.70 7.26 -5.44
N HIS B 8 11.34 8.46 -5.85
CA HIS B 8 10.36 9.27 -5.14
C HIS B 8 8.98 9.14 -5.75
N ASP B 9 7.97 9.57 -4.98
CA ASP B 9 6.60 9.77 -5.48
C ASP B 9 5.83 8.47 -5.73
N THR B 10 6.46 7.54 -6.42
CA THR B 10 5.82 6.29 -6.79
C THR B 10 6.41 5.14 -5.98
N ASP B 11 5.55 4.27 -5.45
CA ASP B 11 6.01 3.16 -4.65
C ASP B 11 5.83 1.85 -5.39
N PHE B 12 6.80 0.96 -5.22
CA PHE B 12 6.76 -0.36 -5.85
C PHE B 12 6.53 -1.43 -4.78
N LEU B 13 5.43 -2.15 -4.88
CA LEU B 13 5.15 -3.22 -3.93
C LEU B 13 5.72 -4.53 -4.47
N GLY B 14 5.96 -5.47 -3.57
CA GLY B 14 6.49 -6.75 -3.99
C GLY B 14 5.74 -7.90 -3.38
N GLU B 15 6.31 -8.47 -2.33
CA GLU B 15 5.69 -9.61 -1.67
C GLU B 15 5.17 -9.27 -0.28
N GLU B 16 6.09 -9.03 0.65
CA GLU B 16 5.70 -8.83 2.04
C GLU B 16 6.05 -7.41 2.48
N LEU B 17 5.12 -6.78 3.19
CA LEU B 17 5.31 -5.41 3.65
C LEU B 17 5.08 -5.31 5.16
N ASP B 18 5.90 -4.52 5.82
CA ASP B 18 5.74 -4.26 7.25
C ASP B 18 5.80 -2.75 7.48
N ILE B 19 5.68 -2.29 8.73
CA ILE B 19 5.59 -0.87 9.02
C ILE B 19 6.18 -0.53 10.39
N VAL B 20 7.08 0.45 10.40
CA VAL B 20 7.65 0.96 11.65
C VAL B 20 7.55 2.48 11.70
N ALA B 21 7.69 3.04 12.89
CA ALA B 21 7.60 4.49 13.07
C ALA B 21 8.90 5.06 13.63
N ALA B 22 9.50 5.99 12.90
CA ALA B 22 10.72 6.65 13.34
C ALA B 22 10.90 7.98 12.60
N LYS B 23 12.07 8.58 12.70
CA LYS B 23 12.42 9.75 11.92
C LYS B 23 13.87 9.67 11.48
N SER B 24 14.30 10.60 10.62
CA SER B 24 15.65 10.61 10.06
C SER B 24 15.86 9.42 9.11
N HIS B 25 15.99 9.73 7.82
CA HIS B 25 16.19 8.71 6.78
C HIS B 25 17.25 7.69 7.18
N GLU B 26 18.38 8.20 7.64
CA GLU B 26 19.50 7.36 8.04
C GLU B 26 19.10 6.41 9.17
N ALA B 27 18.37 6.96 10.15
CA ALA B 27 18.01 6.20 11.34
C ALA B 27 17.21 4.97 10.99
N CYS B 28 16.22 5.15 10.11
CA CYS B 28 15.41 4.02 9.66
C CYS B 28 16.29 2.99 8.97
N GLN B 29 17.28 3.47 8.21
CA GLN B 29 18.16 2.59 7.45
C GLN B 29 19.00 1.72 8.38
N LYS B 30 19.06 2.12 9.65
CA LYS B 30 19.84 1.38 10.64
C LYS B 30 19.28 -0.03 10.81
N LEU B 31 18.03 -0.25 10.41
CA LEU B 31 17.43 -1.58 10.51
C LEU B 31 18.14 -2.57 9.60
N CYS B 32 18.85 -2.06 8.60
CA CYS B 32 19.60 -2.91 7.68
C CYS B 32 20.89 -3.39 8.32
N THR B 33 21.27 -2.79 9.44
CA THR B 33 22.40 -3.25 10.21
C THR B 33 22.00 -4.46 11.05
N ASN B 34 20.69 -4.61 11.23
CA ASN B 34 20.13 -5.73 11.96
C ASN B 34 19.68 -6.81 11.00
N ALA B 35 19.02 -6.39 9.93
CA ALA B 35 18.59 -7.30 8.88
C ALA B 35 19.03 -6.75 7.53
N VAL B 36 20.03 -7.40 6.94
CA VAL B 36 20.64 -6.92 5.69
C VAL B 36 19.85 -7.37 4.46
N ARG B 37 18.58 -7.67 4.64
CA ARG B 37 17.72 -8.09 3.54
C ARG B 37 16.65 -7.05 3.29
N CYS B 38 17.07 -5.80 3.20
CA CYS B 38 16.16 -4.70 2.98
C CYS B 38 16.23 -4.23 1.52
N GLN B 39 15.17 -4.49 0.77
CA GLN B 39 15.14 -4.14 -0.64
C GLN B 39 14.80 -2.67 -0.85
N PHE B 40 13.70 -2.23 -0.28
CA PHE B 40 13.34 -0.82 -0.31
C PHE B 40 12.30 -0.53 0.77
N PHE B 41 12.44 0.60 1.43
CA PHE B 41 11.45 1.01 2.41
C PHE B 41 10.77 2.28 1.93
N THR B 42 9.47 2.35 2.13
CA THR B 42 8.72 3.53 1.76
C THR B 42 8.89 4.62 2.80
N TYR B 43 9.73 5.60 2.50
CA TYR B 43 9.90 6.73 3.38
C TYR B 43 8.90 7.81 3.00
N THR B 44 7.76 7.82 3.65
CA THR B 44 6.73 8.78 3.33
C THR B 44 6.89 10.07 4.14
N PRO B 45 6.85 11.23 3.47
CA PRO B 45 6.97 12.53 4.11
C PRO B 45 5.62 13.04 4.60
N ALA B 46 5.24 12.65 5.80
CA ALA B 46 3.98 13.08 6.38
C ALA B 46 4.14 14.37 7.16
N GLN B 47 5.28 15.04 6.98
CA GLN B 47 5.56 16.27 7.70
C GLN B 47 5.39 17.48 6.79
N ALA B 48 4.50 18.37 7.18
CA ALA B 48 4.30 19.62 6.49
C ALA B 48 4.03 20.72 7.52
N SER B 49 3.17 20.41 8.48
CA SER B 49 2.84 21.31 9.55
C SER B 49 2.54 20.51 10.82
N CYS B 50 3.23 19.38 10.95
CA CYS B 50 2.93 18.41 11.99
C CYS B 50 4.11 18.32 12.97
N ASN B 51 4.13 17.26 13.76
CA ASN B 51 5.22 17.00 14.69
C ASN B 51 6.10 15.88 14.14
N GLU B 52 7.07 15.43 14.93
CA GLU B 52 7.96 14.36 14.50
C GLU B 52 7.23 13.01 14.49
N GLY B 53 7.77 12.09 13.70
CA GLY B 53 7.16 10.77 13.59
C GLY B 53 6.57 10.54 12.21
N LYS B 54 6.98 11.38 11.26
CA LYS B 54 6.49 11.27 9.88
C LYS B 54 7.15 10.10 9.17
N GLY B 55 8.22 9.59 9.75
CA GLY B 55 8.96 8.51 9.14
C GLY B 55 8.28 7.17 9.31
N LYS B 56 7.18 7.00 8.62
CA LYS B 56 6.48 5.74 8.62
C LYS B 56 7.09 4.84 7.56
N CYS B 57 8.10 4.08 7.95
CA CYS B 57 8.81 3.25 7.00
C CYS B 57 8.04 1.97 6.70
N TYR B 58 7.62 1.82 5.46
CA TYR B 58 7.04 0.57 5.00
C TYR B 58 8.11 -0.31 4.38
N LEU B 59 8.44 -1.40 5.05
CA LEU B 59 9.47 -2.30 4.57
C LEU B 59 8.86 -3.34 3.65
N LYS B 60 9.39 -3.49 2.46
CA LYS B 60 8.91 -4.50 1.53
C LYS B 60 10.03 -5.04 0.66
N LEU B 61 9.90 -6.30 0.29
CA LEU B 61 10.80 -6.93 -0.66
C LEU B 61 9.98 -7.68 -1.69
N SER B 62 10.54 -7.88 -2.87
CA SER B 62 9.83 -8.54 -3.94
C SER B 62 10.60 -9.72 -4.50
N SER B 63 9.93 -10.84 -4.59
CA SER B 63 10.44 -11.95 -5.37
C SER B 63 9.93 -11.81 -6.79
N ASN B 64 10.85 -11.69 -7.74
CA ASN B 64 10.51 -11.46 -9.16
C ASN B 64 9.51 -12.50 -9.67
N GLY B 65 9.51 -13.68 -9.07
CA GLY B 65 8.53 -14.70 -9.42
C GLY B 65 7.10 -14.18 -9.30
N SER B 66 6.93 -13.17 -8.48
CA SER B 66 5.66 -12.49 -8.31
C SER B 66 5.69 -11.17 -9.09
N PRO B 67 4.67 -10.90 -9.90
CA PRO B 67 4.62 -9.66 -10.68
C PRO B 67 4.49 -8.43 -9.78
N THR B 68 5.46 -7.53 -9.88
CA THR B 68 5.49 -6.34 -9.03
C THR B 68 4.49 -5.31 -9.53
N LYS B 69 4.00 -4.49 -8.60
CA LYS B 69 3.02 -3.47 -8.95
C LYS B 69 3.46 -2.11 -8.41
N ILE B 70 3.23 -1.07 -9.20
CA ILE B 70 3.58 0.29 -8.79
C ILE B 70 2.30 1.11 -8.59
N LEU B 71 2.32 2.02 -7.63
CA LEU B 71 1.16 2.86 -7.40
C LEU B 71 1.55 4.18 -6.74
N HIS B 72 0.56 5.05 -6.59
CA HIS B 72 0.74 6.32 -5.91
C HIS B 72 -0.04 6.32 -4.60
N GLY B 73 0.19 7.32 -3.77
CA GLY B 73 -0.44 7.37 -2.47
C GLY B 73 0.57 7.14 -1.37
N ARG B 74 1.46 6.17 -1.60
CA ARG B 74 2.60 5.93 -0.71
C ARG B 74 3.77 6.80 -1.17
N GLY B 75 3.44 8.01 -1.61
CA GLY B 75 4.40 8.84 -2.32
C GLY B 75 5.42 9.51 -1.43
N GLY B 76 6.46 8.78 -1.08
CA GLY B 76 7.61 9.38 -0.45
C GLY B 76 8.85 9.03 -1.22
N ILE B 77 9.62 8.11 -0.69
CA ILE B 77 10.75 7.54 -1.41
C ILE B 77 11.00 6.11 -0.98
N SER B 78 10.74 5.19 -1.87
CA SER B 78 11.01 3.78 -1.63
C SER B 78 12.42 3.46 -2.10
N GLY B 79 13.34 3.29 -1.17
CA GLY B 79 14.71 3.09 -1.57
C GLY B 79 15.54 2.25 -0.61
N TYR B 80 16.49 1.51 -1.17
CA TYR B 80 17.55 0.83 -0.43
C TYR B 80 18.71 0.51 -1.37
N THR B 81 19.84 0.12 -0.82
CA THR B 81 21.09 0.20 -1.58
C THR B 81 21.80 -1.15 -1.75
N LEU B 82 22.38 -1.33 -2.95
CA LEU B 82 23.25 -2.46 -3.35
C LEU B 82 22.76 -3.86 -2.94
N ARG B 83 22.90 -4.21 -1.67
CA ARG B 83 22.70 -5.59 -1.20
C ARG B 83 21.31 -6.14 -1.56
N LEU B 84 20.36 -5.25 -1.72
CA LEU B 84 18.98 -5.62 -1.91
C LEU B 84 18.74 -6.36 -3.23
N CYS B 85 19.54 -6.03 -4.25
CA CYS B 85 19.26 -6.50 -5.60
C CYS B 85 19.25 -8.02 -5.70
N LYS B 86 20.05 -8.68 -4.86
CA LYS B 86 20.09 -10.14 -4.86
C LYS B 86 18.70 -10.74 -4.65
N MET B 87 18.00 -10.30 -3.60
CA MET B 87 16.72 -10.90 -3.28
C MET B 87 15.60 -10.16 -4.00
N ASP B 88 15.88 -9.74 -5.23
CA ASP B 88 14.86 -9.19 -6.10
C ASP B 88 14.41 -10.23 -7.11
N ASN B 89 15.34 -10.69 -7.94
CA ASN B 89 14.99 -11.59 -9.03
C ASN B 89 15.52 -13.01 -8.82
N GLU B 90 16.06 -13.28 -7.65
CA GLU B 90 16.48 -14.63 -7.32
C GLU B 90 15.34 -15.38 -6.61
N PHE A 1 -17.94 -18.48 2.64
CA PHE A 1 -18.76 -17.67 1.71
C PHE A 1 -18.31 -16.23 1.73
N CYS A 2 -19.02 -15.38 1.01
CA CYS A 2 -18.72 -13.96 0.97
C CYS A 2 -19.95 -13.17 1.37
N HIS A 3 -19.75 -12.13 2.16
CA HIS A 3 -20.81 -11.24 2.59
C HIS A 3 -20.34 -9.81 2.53
N SER A 4 -21.25 -8.87 2.76
CA SER A 4 -20.89 -7.48 2.90
C SER A 4 -20.05 -7.31 4.17
N SER A 5 -18.75 -7.45 4.03
CA SER A 5 -17.85 -7.48 5.17
C SER A 5 -16.97 -6.24 5.19
N PHE A 6 -17.22 -5.38 6.15
CA PHE A 6 -16.44 -4.17 6.32
C PHE A 6 -15.50 -4.32 7.51
N TYR A 7 -14.21 -4.45 7.24
CA TYR A 7 -13.23 -4.66 8.29
C TYR A 7 -12.26 -3.49 8.36
N HIS A 8 -11.78 -3.20 9.57
CA HIS A 8 -11.01 -2.00 9.83
C HIS A 8 -9.52 -2.28 10.07
N ASP A 9 -8.71 -1.24 9.82
CA ASP A 9 -7.27 -1.21 10.09
C ASP A 9 -6.52 -2.45 9.59
N THR A 10 -7.06 -3.11 8.58
CA THR A 10 -6.39 -4.24 7.95
C THR A 10 -6.99 -4.48 6.58
N ASP A 11 -6.20 -5.08 5.70
CA ASP A 11 -6.65 -5.35 4.33
C ASP A 11 -5.88 -6.54 3.76
N PHE A 12 -6.53 -7.27 2.87
CA PHE A 12 -5.91 -8.42 2.22
C PHE A 12 -5.73 -8.13 0.73
N LEU A 13 -4.50 -7.90 0.31
CA LEU A 13 -4.25 -7.41 -1.03
C LEU A 13 -3.48 -8.43 -1.87
N GLY A 14 -4.09 -8.90 -2.94
CA GLY A 14 -3.42 -9.85 -3.80
C GLY A 14 -2.58 -9.19 -4.89
N GLU A 15 -3.22 -8.50 -5.83
CA GLU A 15 -2.52 -8.03 -7.02
C GLU A 15 -2.15 -6.55 -6.91
N GLU A 16 -3.06 -5.67 -7.32
CA GLU A 16 -2.75 -4.25 -7.49
C GLU A 16 -3.17 -3.44 -6.27
N LEU A 17 -2.48 -2.32 -6.06
CA LEU A 17 -2.81 -1.39 -4.98
C LEU A 17 -2.85 0.03 -5.55
N ASP A 18 -4.04 0.56 -5.73
CA ASP A 18 -4.20 1.91 -6.25
C ASP A 18 -4.98 2.77 -5.26
N ILE A 19 -4.74 4.07 -5.30
CA ILE A 19 -5.44 4.98 -4.43
C ILE A 19 -6.18 6.05 -5.24
N VAL A 20 -7.49 6.05 -5.15
CA VAL A 20 -8.31 6.97 -5.93
C VAL A 20 -8.62 8.24 -5.14
N ALA A 21 -8.27 9.38 -5.72
CA ALA A 21 -8.59 10.66 -5.13
C ALA A 21 -10.04 11.02 -5.40
N ALA A 22 -10.90 10.79 -4.43
CA ALA A 22 -12.33 11.02 -4.58
C ALA A 22 -12.89 11.70 -3.35
N LYS A 23 -14.21 11.79 -3.29
CA LYS A 23 -14.89 12.44 -2.19
C LYS A 23 -16.08 11.59 -1.74
N SER A 24 -16.39 11.66 -0.45
CA SER A 24 -17.50 10.90 0.17
C SER A 24 -17.41 9.40 -0.13
N HIS A 25 -17.02 8.64 0.89
CA HIS A 25 -16.74 7.20 0.74
C HIS A 25 -17.89 6.46 0.08
N GLU A 26 -19.11 6.95 0.26
CA GLU A 26 -20.29 6.30 -0.30
C GLU A 26 -20.33 6.51 -1.81
N ALA A 27 -20.07 7.74 -2.24
CA ALA A 27 -20.09 8.08 -3.65
C ALA A 27 -18.99 7.32 -4.39
N CYS A 28 -17.92 7.01 -3.67
CA CYS A 28 -16.83 6.21 -4.21
C CYS A 28 -17.36 4.91 -4.81
N GLN A 29 -18.39 4.32 -4.17
CA GLN A 29 -18.94 3.04 -4.60
C GLN A 29 -19.44 3.09 -6.04
N LYS A 30 -19.72 4.29 -6.53
CA LYS A 30 -20.23 4.47 -7.89
C LYS A 30 -19.20 4.06 -8.93
N LEU A 31 -17.95 3.84 -8.51
CA LEU A 31 -16.93 3.37 -9.43
C LEU A 31 -17.29 1.98 -9.94
N CYS A 32 -18.09 1.27 -9.15
CA CYS A 32 -18.49 -0.09 -9.48
C CYS A 32 -19.69 -0.07 -10.42
N THR A 33 -20.26 1.12 -10.61
CA THR A 33 -21.33 1.29 -11.58
C THR A 33 -20.73 1.39 -12.97
N ASN A 34 -19.46 1.80 -13.00
CA ASN A 34 -18.71 1.89 -14.24
C ASN A 34 -18.07 0.54 -14.54
N ALA A 35 -17.43 -0.03 -13.53
CA ALA A 35 -16.83 -1.35 -13.64
C ALA A 35 -17.30 -2.23 -12.49
N VAL A 36 -18.20 -3.16 -12.79
CA VAL A 36 -18.83 -4.02 -11.79
C VAL A 36 -17.91 -5.14 -11.30
N ARG A 37 -16.61 -4.87 -11.24
CA ARG A 37 -15.64 -5.85 -10.77
C ARG A 37 -14.87 -5.29 -9.58
N CYS A 38 -15.53 -4.38 -8.86
CA CYS A 38 -14.95 -3.75 -7.68
C CYS A 38 -14.69 -4.80 -6.60
N GLN A 39 -13.44 -5.19 -6.44
CA GLN A 39 -13.11 -6.29 -5.54
C GLN A 39 -13.17 -5.85 -4.08
N PHE A 40 -12.07 -5.33 -3.54
CA PHE A 40 -12.11 -4.79 -2.19
C PHE A 40 -11.88 -3.29 -2.30
N PHE A 41 -12.84 -2.51 -1.85
CA PHE A 41 -12.76 -1.08 -1.97
C PHE A 41 -12.61 -0.47 -0.59
N THR A 42 -11.46 0.13 -0.34
CA THR A 42 -11.10 0.54 1.00
C THR A 42 -11.14 2.05 1.16
N TYR A 43 -11.97 2.49 2.10
CA TYR A 43 -12.13 3.90 2.37
C TYR A 43 -11.24 4.30 3.52
N THR A 44 -10.72 5.51 3.50
CA THR A 44 -9.94 6.00 4.63
C THR A 44 -10.32 7.44 4.95
N PRO A 45 -11.35 7.62 5.79
CA PRO A 45 -11.81 8.92 6.23
C PRO A 45 -11.28 9.29 7.62
N ALA A 46 -10.11 8.75 7.94
CA ALA A 46 -9.50 8.97 9.25
C ALA A 46 -9.15 10.43 9.45
N GLN A 47 -9.48 10.96 10.62
CA GLN A 47 -9.18 12.35 10.94
C GLN A 47 -7.67 12.51 11.11
N ALA A 48 -7.02 13.00 10.07
CA ALA A 48 -5.56 13.08 10.05
C ALA A 48 -5.05 14.50 9.95
N SER A 49 -4.44 14.96 11.03
CA SER A 49 -3.68 16.22 11.04
C SER A 49 -4.54 17.43 10.69
N CYS A 50 -5.77 17.47 11.23
CA CYS A 50 -6.63 18.67 11.17
C CYS A 50 -7.24 18.91 9.79
N ASN A 51 -6.42 18.77 8.75
CA ASN A 51 -6.82 19.14 7.39
C ASN A 51 -8.14 18.51 6.98
N GLU A 52 -9.01 19.33 6.43
CA GLU A 52 -10.36 18.93 6.04
C GLU A 52 -10.31 18.06 4.78
N GLY A 53 -11.36 17.29 4.57
CA GLY A 53 -11.41 16.40 3.45
C GLY A 53 -10.77 15.07 3.78
N LYS A 54 -9.67 14.77 3.10
CA LYS A 54 -8.87 13.54 3.28
C LYS A 54 -9.72 12.28 3.46
N GLY A 55 -10.90 12.26 2.88
CA GLY A 55 -11.75 11.08 2.93
C GLY A 55 -11.72 10.36 1.60
N LYS A 56 -10.59 9.74 1.31
CA LYS A 56 -10.36 9.14 -0.01
C LYS A 56 -10.64 7.64 0.01
N CYS A 57 -10.78 7.07 -1.16
CA CYS A 57 -11.12 5.67 -1.30
C CYS A 57 -10.14 4.99 -2.25
N TYR A 58 -9.41 3.98 -1.77
CA TYR A 58 -8.40 3.36 -2.59
C TYR A 58 -8.87 2.01 -3.10
N LEU A 59 -8.43 1.67 -4.30
CA LEU A 59 -8.92 0.49 -4.98
C LEU A 59 -7.82 -0.57 -5.07
N LYS A 60 -8.09 -1.73 -4.53
CA LYS A 60 -7.16 -2.84 -4.63
C LYS A 60 -7.85 -4.04 -5.27
N LEU A 61 -7.21 -4.62 -6.26
CA LEU A 61 -7.82 -5.66 -7.06
C LEU A 61 -6.85 -6.82 -7.24
N SER A 62 -7.24 -7.99 -6.75
CA SER A 62 -6.49 -9.20 -7.03
C SER A 62 -7.12 -9.91 -8.21
N SER A 63 -6.73 -9.53 -9.41
CA SER A 63 -7.30 -10.08 -10.62
C SER A 63 -6.91 -11.55 -10.75
N ASN A 64 -5.64 -11.82 -10.54
CA ASN A 64 -5.14 -13.18 -10.44
C ASN A 64 -4.93 -13.53 -8.98
N GLY A 65 -5.11 -14.79 -8.62
CA GLY A 65 -4.81 -15.25 -7.28
C GLY A 65 -3.31 -15.25 -6.99
N SER A 66 -2.73 -14.05 -7.00
CA SER A 66 -1.31 -13.87 -6.79
C SER A 66 -0.98 -13.81 -5.30
N PRO A 67 0.32 -13.84 -4.93
CA PRO A 67 0.77 -13.71 -3.54
C PRO A 67 0.10 -12.53 -2.83
N THR A 68 -0.82 -12.84 -1.94
CA THR A 68 -1.58 -11.83 -1.21
C THR A 68 -0.79 -11.38 0.01
N LYS A 69 -1.15 -10.23 0.52
CA LYS A 69 -0.43 -9.61 1.62
C LYS A 69 -1.41 -9.01 2.61
N ILE A 70 -1.04 -9.02 3.88
CA ILE A 70 -1.92 -8.53 4.94
C ILE A 70 -1.38 -7.24 5.53
N LEU A 71 -1.98 -6.12 5.17
CA LEU A 71 -1.52 -4.83 5.65
C LEU A 71 -2.19 -4.48 6.97
N HIS A 72 -1.49 -4.76 8.04
CA HIS A 72 -1.96 -4.46 9.39
C HIS A 72 -1.73 -2.98 9.72
N GLY A 73 -2.80 -2.27 10.03
CA GLY A 73 -2.70 -0.88 10.41
C GLY A 73 -2.38 0.03 9.23
N ARG A 74 -2.78 -0.37 8.03
CA ARG A 74 -2.52 0.44 6.84
C ARG A 74 -3.80 0.70 6.06
N GLY A 75 -4.93 0.46 6.69
CA GLY A 75 -6.21 0.70 6.03
C GLY A 75 -7.23 1.28 6.99
N GLY A 76 -8.23 1.94 6.45
CA GLY A 76 -9.27 2.50 7.28
C GLY A 76 -10.44 1.57 7.39
N ILE A 77 -11.24 1.52 6.36
CA ILE A 77 -12.36 0.61 6.30
C ILE A 77 -12.46 -0.03 4.90
N SER A 78 -12.15 -1.32 4.84
CA SER A 78 -12.21 -2.06 3.58
C SER A 78 -13.53 -2.81 3.51
N GLY A 79 -14.12 -2.86 2.33
CA GLY A 79 -15.42 -3.45 2.20
C GLY A 79 -15.51 -4.53 1.14
N TYR A 80 -16.04 -5.68 1.54
CA TYR A 80 -16.42 -6.73 0.62
C TYR A 80 -17.88 -6.54 0.23
N THR A 81 -18.18 -6.59 -1.05
CA THR A 81 -19.56 -6.49 -1.50
C THR A 81 -20.21 -7.88 -1.54
N LEU A 82 -19.76 -8.75 -2.46
CA LEU A 82 -20.31 -10.09 -2.60
C LEU A 82 -19.64 -10.87 -3.74
N ARG A 83 -20.07 -10.58 -4.96
CA ARG A 83 -19.68 -11.37 -6.14
C ARG A 83 -18.18 -11.27 -6.42
N LEU A 84 -17.57 -10.19 -5.97
CA LEU A 84 -16.16 -9.91 -6.25
C LEU A 84 -15.22 -10.86 -5.50
N CYS A 85 -15.69 -11.44 -4.41
CA CYS A 85 -14.88 -12.36 -3.62
C CYS A 85 -14.37 -13.50 -4.49
N LYS A 86 -15.22 -13.96 -5.40
CA LYS A 86 -14.93 -15.13 -6.22
C LYS A 86 -13.76 -14.89 -7.18
N MET A 87 -13.48 -13.63 -7.49
CA MET A 87 -12.42 -13.32 -8.46
C MET A 87 -11.07 -13.12 -7.77
N ASP A 88 -11.07 -13.01 -6.45
CA ASP A 88 -9.82 -12.75 -5.71
C ASP A 88 -8.88 -13.94 -5.78
N ASN A 89 -9.46 -15.14 -5.87
CA ASN A 89 -8.66 -16.37 -5.87
C ASN A 89 -8.60 -17.00 -7.25
N GLU A 90 -8.82 -16.21 -8.29
CA GLU A 90 -8.89 -16.75 -9.63
C GLU A 90 -7.74 -16.19 -10.49
N PHE B 1 24.79 -4.31 -7.88
CA PHE B 1 23.98 -5.03 -8.89
C PHE B 1 22.87 -4.14 -9.43
N CYS B 2 22.09 -3.53 -8.53
CA CYS B 2 20.93 -2.74 -8.93
C CYS B 2 21.18 -1.25 -8.71
N HIS B 3 22.29 -0.94 -8.07
CA HIS B 3 22.64 0.44 -7.66
C HIS B 3 21.78 0.85 -6.48
N SER B 4 22.30 1.76 -5.67
CA SER B 4 21.52 2.32 -4.58
C SER B 4 20.64 3.43 -5.12
N SER B 5 19.44 3.07 -5.56
CA SER B 5 18.58 3.99 -6.26
C SER B 5 17.52 4.56 -5.32
N PHE B 6 17.54 5.88 -5.17
CA PHE B 6 16.54 6.57 -4.37
C PHE B 6 15.65 7.41 -5.27
N TYR B 7 14.42 6.97 -5.44
CA TYR B 7 13.48 7.60 -6.36
C TYR B 7 12.29 8.18 -5.59
N HIS B 8 11.71 9.26 -6.13
CA HIS B 8 10.65 9.98 -5.44
C HIS B 8 9.32 9.83 -6.15
N ASP B 9 8.23 10.04 -5.40
CA ASP B 9 6.87 10.13 -5.95
C ASP B 9 6.37 8.79 -6.47
N THR B 10 7.10 7.72 -6.18
CA THR B 10 6.74 6.41 -6.68
C THR B 10 7.42 5.32 -5.85
N ASP B 11 6.82 4.14 -5.82
CA ASP B 11 7.34 3.00 -5.10
C ASP B 11 6.83 1.71 -5.73
N PHE B 12 7.63 0.66 -5.71
CA PHE B 12 7.27 -0.60 -6.36
C PHE B 12 7.02 -1.70 -5.34
N LEU B 13 5.89 -2.35 -5.44
CA LEU B 13 5.55 -3.45 -4.54
C LEU B 13 5.49 -4.78 -5.28
N GLY B 14 6.15 -5.79 -4.72
CA GLY B 14 6.16 -7.10 -5.32
C GLY B 14 5.35 -8.13 -4.54
N GLU B 15 5.78 -8.42 -3.31
CA GLU B 15 5.21 -9.50 -2.53
C GLU B 15 4.52 -9.01 -1.25
N GLU B 16 5.32 -8.78 -0.21
CA GLU B 16 4.80 -8.42 1.11
C GLU B 16 5.12 -6.98 1.44
N LEU B 17 4.40 -6.43 2.43
CA LEU B 17 4.60 -5.04 2.82
C LEU B 17 4.31 -4.88 4.32
N ASP B 18 5.23 -4.24 5.02
CA ASP B 18 5.08 -3.94 6.43
C ASP B 18 5.37 -2.47 6.67
N ILE B 19 4.71 -1.88 7.65
CA ILE B 19 4.86 -0.45 7.92
C ILE B 19 5.74 -0.24 9.15
N VAL B 20 6.79 0.54 8.96
CA VAL B 20 7.69 0.86 10.05
C VAL B 20 7.63 2.35 10.38
N ALA B 21 7.19 2.68 11.58
CA ALA B 21 7.17 4.06 12.02
C ALA B 21 8.56 4.48 12.49
N ALA B 22 9.27 5.19 11.63
CA ALA B 22 10.62 5.61 11.93
C ALA B 22 10.86 7.04 11.46
N LYS B 23 11.71 7.74 12.19
CA LYS B 23 12.07 9.10 11.83
C LYS B 23 13.52 9.12 11.34
N SER B 24 13.94 10.23 10.73
CA SER B 24 15.29 10.37 10.19
C SER B 24 15.49 9.45 8.99
N HIS B 25 15.49 10.04 7.79
CA HIS B 25 15.47 9.29 6.55
C HIS B 25 16.63 8.29 6.46
N GLU B 26 17.80 8.67 6.93
CA GLU B 26 18.94 7.76 6.90
C GLU B 26 18.81 6.68 7.97
N ALA B 27 18.23 7.06 9.11
CA ALA B 27 18.08 6.13 10.23
C ALA B 27 17.17 4.98 9.83
N CYS B 28 16.17 5.29 9.00
CA CYS B 28 15.26 4.27 8.51
C CYS B 28 16.04 3.24 7.69
N GLN B 29 17.03 3.71 6.94
CA GLN B 29 17.87 2.81 6.14
C GLN B 29 18.58 1.81 7.05
N LYS B 30 18.89 2.27 8.26
CA LYS B 30 19.66 1.47 9.19
C LYS B 30 18.86 0.26 9.66
N LEU B 31 17.54 0.28 9.40
CA LEU B 31 16.70 -0.85 9.78
C LEU B 31 17.11 -2.09 9.00
N CYS B 32 17.72 -1.88 7.83
CA CYS B 32 18.18 -2.97 7.00
C CYS B 32 19.45 -3.62 7.56
N THR B 33 20.04 -2.99 8.57
CA THR B 33 21.24 -3.55 9.19
C THR B 33 20.86 -4.64 10.19
N ASN B 34 19.66 -4.53 10.74
CA ASN B 34 19.19 -5.50 11.74
C ASN B 34 18.82 -6.79 11.05
N ALA B 35 18.10 -6.65 9.95
CA ALA B 35 17.73 -7.77 9.11
C ALA B 35 17.63 -7.31 7.67
N VAL B 36 18.58 -7.72 6.85
CA VAL B 36 18.58 -7.33 5.44
C VAL B 36 17.48 -8.08 4.70
N ARG B 37 16.24 -7.71 4.98
CA ARG B 37 15.10 -8.30 4.33
C ARG B 37 14.38 -7.22 3.53
N CYS B 38 15.08 -6.12 3.32
CA CYS B 38 14.54 -5.01 2.57
C CYS B 38 14.64 -5.28 1.08
N GLN B 39 13.60 -4.95 0.34
CA GLN B 39 13.67 -4.97 -1.11
C GLN B 39 13.47 -3.57 -1.63
N PHE B 40 12.37 -2.95 -1.19
CA PHE B 40 12.11 -1.54 -1.48
C PHE B 40 11.55 -0.88 -0.23
N PHE B 41 12.25 0.12 0.30
CA PHE B 41 11.72 0.85 1.43
C PHE B 41 11.55 2.31 1.07
N THR B 42 10.39 2.86 1.38
CA THR B 42 10.10 4.25 1.04
C THR B 42 9.68 5.03 2.26
N TYR B 43 10.34 6.16 2.47
CA TYR B 43 9.98 7.07 3.53
C TYR B 43 9.05 8.13 2.96
N THR B 44 7.79 8.04 3.32
CA THR B 44 6.82 8.98 2.81
C THR B 44 6.46 10.01 3.87
N PRO B 45 6.96 11.25 3.69
CA PRO B 45 6.74 12.34 4.62
C PRO B 45 5.44 13.07 4.33
N ALA B 46 4.33 12.43 4.65
CA ALA B 46 3.02 13.06 4.51
C ALA B 46 2.84 14.08 5.62
N GLN B 47 2.52 13.58 6.83
CA GLN B 47 2.44 14.40 8.04
C GLN B 47 1.31 15.42 7.99
N ALA B 48 1.44 16.42 7.12
CA ALA B 48 0.53 17.57 7.03
C ALA B 48 0.70 18.47 8.24
N SER B 49 0.39 19.74 8.07
CA SER B 49 0.60 20.72 9.13
C SER B 49 -0.48 20.59 10.22
N CYS B 50 -0.37 21.46 11.23
CA CYS B 50 -1.28 21.48 12.38
C CYS B 50 -0.95 20.36 13.38
N ASN B 51 -1.17 19.11 13.00
CA ASN B 51 -1.00 18.00 13.95
C ASN B 51 0.28 17.21 13.65
N GLU B 52 0.90 17.52 12.51
CA GLU B 52 2.16 16.93 12.04
C GLU B 52 2.18 15.40 12.07
N GLY B 53 2.46 14.80 13.22
CA GLY B 53 2.73 13.38 13.27
C GLY B 53 4.10 13.09 12.72
N LYS B 54 4.22 12.06 11.88
CA LYS B 54 5.50 11.78 11.23
C LYS B 54 5.31 10.92 9.98
N GLY B 55 6.38 10.77 9.23
CA GLY B 55 6.36 9.96 8.03
C GLY B 55 6.32 8.49 8.35
N LYS B 56 6.29 7.67 7.32
CA LYS B 56 6.21 6.23 7.50
C LYS B 56 7.14 5.52 6.52
N CYS B 57 7.82 4.49 7.01
CA CYS B 57 8.68 3.69 6.17
C CYS B 57 7.92 2.46 5.67
N TYR B 58 7.68 2.40 4.37
CA TYR B 58 7.08 1.22 3.77
C TYR B 58 8.15 0.17 3.50
N LEU B 59 8.34 -0.74 4.42
CA LEU B 59 9.31 -1.81 4.27
C LEU B 59 8.65 -2.99 3.57
N LYS B 60 9.10 -3.28 2.36
CA LYS B 60 8.50 -4.36 1.60
C LYS B 60 9.57 -5.23 0.97
N LEU B 61 9.25 -6.51 0.79
CA LEU B 61 10.19 -7.47 0.22
C LEU B 61 9.51 -8.24 -0.90
N SER B 62 10.26 -8.50 -1.96
CA SER B 62 9.78 -9.32 -3.05
C SER B 62 10.70 -10.52 -3.24
N SER B 63 10.42 -11.60 -2.52
CA SER B 63 11.24 -12.80 -2.63
C SER B 63 10.69 -13.71 -3.71
N ASN B 64 9.40 -13.58 -3.97
CA ASN B 64 8.76 -14.27 -5.08
C ASN B 64 8.72 -13.34 -6.28
N GLY B 65 9.34 -13.76 -7.38
CA GLY B 65 9.41 -12.94 -8.57
C GLY B 65 8.09 -12.84 -9.31
N SER B 66 7.13 -12.15 -8.72
CA SER B 66 5.86 -11.91 -9.35
C SER B 66 5.82 -10.49 -9.94
N PRO B 67 4.85 -10.19 -10.84
CA PRO B 67 4.68 -8.86 -11.41
C PRO B 67 4.57 -7.78 -10.34
N THR B 68 5.30 -6.70 -10.54
CA THR B 68 5.35 -5.61 -9.59
C THR B 68 4.30 -4.55 -9.91
N LYS B 69 3.68 -4.01 -8.87
CA LYS B 69 2.67 -2.97 -9.03
C LYS B 69 3.21 -1.65 -8.51
N ILE B 70 2.79 -0.56 -9.15
CA ILE B 70 3.37 0.75 -8.86
C ILE B 70 2.47 1.59 -7.96
N LEU B 71 3.02 2.02 -6.83
CA LEU B 71 2.33 2.94 -5.95
C LEU B 71 2.77 4.35 -6.28
N HIS B 72 1.91 5.09 -6.95
CA HIS B 72 2.27 6.40 -7.48
C HIS B 72 1.74 7.54 -6.61
N GLY B 73 2.55 8.57 -6.44
CA GLY B 73 2.11 9.76 -5.74
C GLY B 73 2.23 9.64 -4.23
N ARG B 74 1.69 8.55 -3.68
CA ARG B 74 1.64 8.36 -2.23
C ARG B 74 2.94 7.76 -1.69
N GLY B 75 3.98 7.81 -2.50
CA GLY B 75 5.28 7.35 -2.07
C GLY B 75 6.29 8.48 -2.09
N GLY B 76 6.93 8.73 -0.96
CA GLY B 76 7.85 9.84 -0.85
C GLY B 76 9.19 9.54 -1.46
N ILE B 77 10.09 9.00 -0.65
CA ILE B 77 11.41 8.63 -1.14
C ILE B 77 11.64 7.14 -0.93
N SER B 78 11.66 6.41 -2.04
CA SER B 78 11.87 4.97 -1.99
C SER B 78 13.29 4.65 -2.42
N GLY B 79 13.95 3.80 -1.67
CA GLY B 79 15.32 3.44 -1.98
C GLY B 79 15.58 1.96 -1.81
N TYR B 80 16.42 1.43 -2.68
CA TYR B 80 16.88 0.06 -2.54
C TYR B 80 18.39 0.02 -2.70
N THR B 81 19.04 -0.77 -1.87
CA THR B 81 20.50 -0.84 -1.87
C THR B 81 20.97 -1.93 -2.83
N LEU B 82 22.16 -1.73 -3.39
CA LEU B 82 22.69 -2.61 -4.43
C LEU B 82 22.92 -4.05 -3.95
N ARG B 83 22.82 -4.28 -2.64
CA ARG B 83 23.04 -5.61 -2.08
C ARG B 83 21.81 -6.50 -2.19
N LEU B 84 20.72 -6.07 -1.56
CA LEU B 84 19.58 -6.95 -1.28
C LEU B 84 18.76 -7.30 -2.52
N CYS B 85 18.87 -6.48 -3.56
CA CYS B 85 18.06 -6.66 -4.75
C CYS B 85 18.24 -8.04 -5.37
N LYS B 86 19.43 -8.60 -5.21
CA LYS B 86 19.77 -9.88 -5.84
C LYS B 86 18.91 -11.04 -5.32
N MET B 87 18.21 -10.83 -4.21
CA MET B 87 17.45 -11.91 -3.60
C MET B 87 16.03 -12.01 -4.16
N ASP B 88 15.69 -11.17 -5.14
CA ASP B 88 14.32 -11.15 -5.65
C ASP B 88 14.06 -12.26 -6.67
N ASN B 89 14.79 -12.25 -7.77
CA ASN B 89 14.57 -13.25 -8.82
C ASN B 89 15.76 -14.19 -8.98
N GLU B 90 15.73 -15.28 -8.24
CA GLU B 90 16.68 -16.36 -8.41
C GLU B 90 15.96 -17.70 -8.31
N PHE A 1 -21.21 -16.24 -2.69
CA PHE A 1 -21.15 -14.82 -3.10
C PHE A 1 -20.07 -14.11 -2.28
N CYS A 2 -20.04 -12.79 -2.39
CA CYS A 2 -19.10 -11.98 -1.63
C CYS A 2 -19.87 -11.22 -0.56
N HIS A 3 -19.84 -11.74 0.65
CA HIS A 3 -20.65 -11.21 1.74
C HIS A 3 -20.11 -9.87 2.21
N SER A 4 -21.02 -8.96 2.53
CA SER A 4 -20.66 -7.63 3.02
C SER A 4 -19.85 -7.71 4.31
N SER A 5 -18.53 -7.60 4.17
CA SER A 5 -17.64 -7.66 5.32
C SER A 5 -16.84 -6.36 5.41
N PHE A 6 -16.82 -5.77 6.59
CA PHE A 6 -16.08 -4.53 6.81
C PHE A 6 -15.05 -4.71 7.90
N TYR A 7 -13.84 -5.09 7.52
CA TYR A 7 -12.78 -5.33 8.49
C TYR A 7 -12.00 -4.05 8.75
N HIS A 8 -11.75 -3.80 10.03
CA HIS A 8 -11.15 -2.55 10.48
C HIS A 8 -9.68 -2.76 10.83
N ASP A 9 -8.88 -1.69 10.65
CA ASP A 9 -7.45 -1.71 11.01
C ASP A 9 -6.68 -2.70 10.12
N THR A 10 -7.36 -3.21 9.10
CA THR A 10 -6.81 -4.25 8.27
C THR A 10 -7.00 -3.90 6.81
N ASP A 11 -5.95 -4.09 6.02
CA ASP A 11 -6.01 -3.77 4.60
C ASP A 11 -5.34 -4.87 3.79
N PHE A 12 -5.80 -5.03 2.56
CA PHE A 12 -5.24 -6.04 1.66
C PHE A 12 -4.50 -5.38 0.50
N LEU A 13 -3.29 -5.86 0.25
CA LEU A 13 -2.48 -5.34 -0.84
C LEU A 13 -2.63 -6.24 -2.07
N GLY A 14 -3.31 -5.72 -3.09
CA GLY A 14 -3.54 -6.49 -4.30
C GLY A 14 -2.67 -6.02 -5.45
N GLU A 15 -3.04 -6.39 -6.66
CA GLU A 15 -2.26 -6.05 -7.86
C GLU A 15 -2.37 -4.58 -8.20
N GLU A 16 -3.53 -4.20 -8.71
CA GLU A 16 -3.77 -2.81 -9.09
C GLU A 16 -4.37 -2.02 -7.94
N LEU A 17 -3.58 -1.14 -7.36
CA LEU A 17 -4.03 -0.32 -6.25
C LEU A 17 -3.86 1.16 -6.60
N ASP A 18 -4.96 1.90 -6.56
CA ASP A 18 -4.94 3.32 -6.89
C ASP A 18 -5.90 4.08 -5.99
N ILE A 19 -5.48 5.24 -5.50
CA ILE A 19 -6.31 6.06 -4.61
C ILE A 19 -7.08 7.08 -5.44
N VAL A 20 -8.40 7.06 -5.35
CA VAL A 20 -9.20 8.08 -6.00
C VAL A 20 -9.77 9.06 -4.98
N ALA A 21 -9.88 10.32 -5.36
CA ALA A 21 -10.45 11.33 -4.48
C ALA A 21 -11.96 11.24 -4.52
N ALA A 22 -12.54 10.69 -3.45
CA ALA A 22 -13.96 10.45 -3.43
C ALA A 22 -14.62 11.06 -2.21
N LYS A 23 -15.45 12.06 -2.45
CA LYS A 23 -16.32 12.59 -1.41
C LYS A 23 -17.58 11.74 -1.37
N SER A 24 -18.25 11.71 -0.21
CA SER A 24 -19.28 10.71 0.04
C SER A 24 -18.62 9.32 0.01
N HIS A 25 -17.98 8.97 1.13
CA HIS A 25 -17.06 7.84 1.18
C HIS A 25 -17.70 6.50 0.79
N GLU A 26 -18.98 6.33 1.06
CA GLU A 26 -19.65 5.09 0.72
C GLU A 26 -19.94 5.02 -0.77
N ALA A 27 -20.14 6.19 -1.37
CA ALA A 27 -20.55 6.30 -2.76
C ALA A 27 -19.50 5.76 -3.73
N CYS A 28 -18.23 5.68 -3.29
CA CYS A 28 -17.20 5.20 -4.19
C CYS A 28 -17.40 3.71 -4.48
N GLN A 29 -18.14 3.02 -3.61
CA GLN A 29 -18.51 1.63 -3.86
C GLN A 29 -19.22 1.51 -5.20
N LYS A 30 -19.92 2.56 -5.60
CA LYS A 30 -20.70 2.55 -6.83
C LYS A 30 -19.82 2.41 -8.07
N LEU A 31 -18.53 2.74 -7.97
CA LEU A 31 -17.65 2.58 -9.13
C LEU A 31 -17.44 1.09 -9.40
N CYS A 32 -17.54 0.28 -8.34
CA CYS A 32 -17.48 -1.16 -8.49
C CYS A 32 -18.82 -1.71 -8.96
N THR A 33 -19.86 -0.91 -8.79
CA THR A 33 -21.18 -1.27 -9.29
C THR A 33 -21.22 -1.05 -10.80
N ASN A 34 -20.42 -0.10 -11.26
CA ASN A 34 -20.30 0.19 -12.68
C ASN A 34 -19.35 -0.80 -13.34
N ALA A 35 -18.19 -0.99 -12.73
CA ALA A 35 -17.21 -1.93 -13.22
C ALA A 35 -17.06 -3.09 -12.23
N VAL A 36 -17.82 -4.15 -12.46
CA VAL A 36 -17.86 -5.27 -11.55
C VAL A 36 -16.68 -6.24 -11.75
N ARG A 37 -15.46 -5.74 -11.53
CA ARG A 37 -14.29 -6.60 -11.58
C ARG A 37 -13.25 -6.16 -10.55
N CYS A 38 -13.72 -5.55 -9.47
CA CYS A 38 -12.84 -5.19 -8.36
C CYS A 38 -12.91 -6.27 -7.28
N GLN A 39 -12.36 -6.00 -6.11
CA GLN A 39 -12.38 -6.98 -5.03
C GLN A 39 -12.67 -6.30 -3.70
N PHE A 40 -11.91 -5.27 -3.38
CA PHE A 40 -12.13 -4.52 -2.16
C PHE A 40 -11.63 -3.10 -2.28
N PHE A 41 -12.29 -2.19 -1.58
CA PHE A 41 -11.85 -0.80 -1.51
C PHE A 41 -11.70 -0.42 -0.06
N THR A 42 -10.83 0.53 0.23
CA THR A 42 -10.56 0.90 1.60
C THR A 42 -10.61 2.41 1.81
N TYR A 43 -11.48 2.83 2.72
CA TYR A 43 -11.53 4.21 3.16
C TYR A 43 -10.70 4.32 4.43
N THR A 44 -9.75 5.24 4.45
CA THR A 44 -8.73 5.23 5.47
C THR A 44 -9.19 5.80 6.83
N PRO A 45 -9.50 7.12 6.91
CA PRO A 45 -9.66 7.81 8.20
C PRO A 45 -10.99 7.56 8.91
N ALA A 46 -11.88 6.81 8.25
CA ALA A 46 -13.23 6.57 8.76
C ALA A 46 -14.02 7.87 8.89
N GLN A 47 -13.80 8.59 9.98
CA GLN A 47 -14.44 9.88 10.20
C GLN A 47 -13.52 10.98 9.68
N ALA A 48 -12.49 11.29 10.45
CA ALA A 48 -11.53 12.32 10.09
C ALA A 48 -10.36 12.31 11.07
N SER A 49 -9.33 13.08 10.76
CA SER A 49 -8.17 13.21 11.63
C SER A 49 -7.55 14.58 11.46
N CYS A 50 -6.92 14.80 10.32
CA CYS A 50 -6.31 16.09 10.01
C CYS A 50 -6.60 16.47 8.56
N ASN A 51 -6.93 17.74 8.34
CA ASN A 51 -7.20 18.28 6.99
C ASN A 51 -8.57 17.82 6.47
N GLU A 52 -9.14 18.63 5.58
CA GLU A 52 -10.47 18.37 5.04
C GLU A 52 -10.43 17.30 3.95
N GLY A 53 -9.33 17.25 3.21
CA GLY A 53 -9.21 16.30 2.12
C GLY A 53 -8.84 14.91 2.58
N LYS A 54 -9.70 14.32 3.41
CA LYS A 54 -9.45 12.99 3.95
C LYS A 54 -10.30 11.94 3.26
N GLY A 55 -10.97 12.32 2.17
CA GLY A 55 -11.76 11.35 1.42
C GLY A 55 -10.90 10.48 0.53
N LYS A 56 -10.15 9.59 1.16
CA LYS A 56 -9.28 8.68 0.44
C LYS A 56 -9.94 7.33 0.29
N CYS A 57 -10.38 7.02 -0.93
CA CYS A 57 -11.02 5.75 -1.23
C CYS A 57 -10.21 5.05 -2.30
N TYR A 58 -9.38 4.10 -1.91
CA TYR A 58 -8.57 3.40 -2.88
C TYR A 58 -9.11 2.01 -3.15
N LEU A 59 -9.14 1.67 -4.41
CA LEU A 59 -9.65 0.39 -4.84
C LEU A 59 -8.51 -0.48 -5.38
N LYS A 60 -8.60 -1.77 -5.14
CA LYS A 60 -7.56 -2.69 -5.56
C LYS A 60 -8.12 -4.08 -5.84
N LEU A 61 -7.46 -4.81 -6.73
CA LEU A 61 -7.90 -6.14 -7.12
C LEU A 61 -6.76 -7.14 -6.99
N SER A 62 -7.07 -8.29 -6.44
CA SER A 62 -6.15 -9.41 -6.41
C SER A 62 -6.94 -10.72 -6.31
N SER A 63 -8.14 -10.70 -6.88
CA SER A 63 -9.01 -11.86 -6.88
C SER A 63 -8.35 -13.01 -7.61
N ASN A 64 -7.71 -12.70 -8.74
CA ASN A 64 -7.00 -13.69 -9.53
C ASN A 64 -5.92 -14.36 -8.69
N GLY A 65 -5.51 -15.55 -9.11
CA GLY A 65 -4.55 -16.33 -8.34
C GLY A 65 -3.14 -15.74 -8.32
N SER A 66 -3.03 -14.50 -7.91
CA SER A 66 -1.75 -13.83 -7.74
C SER A 66 -1.37 -13.76 -6.26
N PRO A 67 -0.11 -13.42 -5.94
CA PRO A 67 0.30 -13.15 -4.56
C PRO A 67 -0.42 -11.92 -3.99
N THR A 68 -0.84 -12.00 -2.75
CA THR A 68 -1.63 -10.95 -2.13
C THR A 68 -1.28 -10.92 -0.66
N LYS A 69 -1.51 -9.81 0.00
CA LYS A 69 -1.03 -9.67 1.35
C LYS A 69 -2.05 -8.98 2.26
N ILE A 70 -2.26 -9.56 3.43
CA ILE A 70 -3.12 -8.97 4.44
C ILE A 70 -2.26 -8.29 5.50
N LEU A 71 -2.44 -7.00 5.65
CA LEU A 71 -1.59 -6.21 6.53
C LEU A 71 -2.43 -5.33 7.46
N HIS A 72 -1.84 -4.91 8.57
CA HIS A 72 -2.55 -4.12 9.57
C HIS A 72 -1.96 -2.72 9.69
N GLY A 73 -2.78 -1.78 10.13
CA GLY A 73 -2.31 -0.44 10.41
C GLY A 73 -2.11 0.41 9.17
N ARG A 74 -2.40 -0.14 8.00
CA ARG A 74 -2.25 0.61 6.75
C ARG A 74 -3.60 0.92 6.12
N GLY A 75 -4.66 0.42 6.74
CA GLY A 75 -5.99 0.68 6.26
C GLY A 75 -6.96 0.82 7.41
N GLY A 76 -7.98 1.65 7.24
CA GLY A 76 -8.93 1.87 8.31
C GLY A 76 -10.20 1.10 8.10
N ILE A 77 -10.98 1.52 7.11
CA ILE A 77 -12.23 0.86 6.79
C ILE A 77 -12.14 0.18 5.43
N SER A 78 -12.07 -1.15 5.42
CA SER A 78 -12.02 -1.89 4.17
C SER A 78 -13.37 -2.56 3.91
N GLY A 79 -13.85 -2.42 2.68
CA GLY A 79 -15.17 -2.92 2.34
C GLY A 79 -15.13 -4.06 1.36
N TYR A 80 -15.62 -5.20 1.77
CA TYR A 80 -15.65 -6.41 0.95
C TYR A 80 -17.11 -6.76 0.63
N THR A 81 -17.52 -6.57 -0.62
CA THR A 81 -18.91 -6.80 -1.01
C THR A 81 -19.00 -7.00 -2.53
N LEU A 82 -20.18 -7.45 -3.00
CA LEU A 82 -20.49 -7.56 -4.44
C LEU A 82 -19.95 -8.84 -5.06
N ARG A 83 -20.77 -9.46 -5.90
CA ARG A 83 -20.43 -10.73 -6.56
C ARG A 83 -19.25 -10.60 -7.53
N LEU A 84 -18.68 -9.41 -7.65
CA LEU A 84 -17.51 -9.21 -8.49
C LEU A 84 -16.30 -9.95 -7.95
N CYS A 85 -16.35 -10.25 -6.64
CA CYS A 85 -15.30 -11.04 -5.99
C CYS A 85 -15.15 -12.39 -6.66
N LYS A 86 -16.15 -12.81 -7.43
CA LYS A 86 -16.17 -14.14 -8.01
C LYS A 86 -15.26 -14.23 -9.23
N MET A 87 -14.54 -13.14 -9.54
CA MET A 87 -13.49 -13.20 -10.55
C MET A 87 -12.20 -13.69 -9.89
N ASP A 88 -12.35 -14.27 -8.70
CA ASP A 88 -11.21 -14.75 -7.91
C ASP A 88 -10.49 -15.93 -8.57
N ASN A 89 -10.94 -16.33 -9.75
CA ASN A 89 -10.32 -17.44 -10.44
C ASN A 89 -9.50 -16.93 -11.62
N GLU A 90 -10.18 -16.24 -12.54
CA GLU A 90 -9.60 -15.82 -13.82
C GLU A 90 -9.29 -17.04 -14.68
N PHE B 1 20.20 -1.72 -12.53
CA PHE B 1 21.35 -2.29 -11.80
C PHE B 1 21.06 -2.35 -10.31
N CYS B 2 21.98 -2.90 -9.54
CA CYS B 2 21.83 -2.99 -8.11
C CYS B 2 22.77 -2.04 -7.40
N HIS B 3 22.36 -0.78 -7.32
CA HIS B 3 23.09 0.24 -6.58
C HIS B 3 22.13 0.99 -5.68
N SER B 4 22.59 2.03 -5.03
CA SER B 4 21.74 2.85 -4.19
C SER B 4 20.82 3.70 -5.08
N SER B 5 19.64 3.18 -5.33
CA SER B 5 18.70 3.83 -6.24
C SER B 5 17.50 4.35 -5.47
N PHE B 6 16.91 5.44 -5.94
CA PHE B 6 15.76 6.03 -5.25
C PHE B 6 14.65 6.39 -6.23
N TYR B 7 13.44 5.98 -5.90
CA TYR B 7 12.26 6.32 -6.68
C TYR B 7 11.43 7.37 -5.96
N HIS B 8 11.12 8.45 -6.66
CA HIS B 8 10.34 9.54 -6.08
C HIS B 8 8.87 9.45 -6.52
N ASP B 9 7.99 9.94 -5.65
CA ASP B 9 6.54 10.07 -5.91
C ASP B 9 5.90 8.81 -6.51
N THR B 10 6.51 7.67 -6.23
CA THR B 10 5.96 6.39 -6.65
C THR B 10 6.58 5.28 -5.81
N ASP B 11 5.79 4.35 -5.37
CA ASP B 11 6.30 3.27 -4.55
C ASP B 11 5.83 1.92 -5.05
N PHE B 12 6.77 1.00 -5.16
CA PHE B 12 6.48 -0.32 -5.67
C PHE B 12 6.42 -1.32 -4.52
N LEU B 13 5.62 -2.36 -4.67
CA LEU B 13 5.49 -3.38 -3.66
C LEU B 13 5.47 -4.76 -4.32
N GLY B 14 6.27 -5.67 -3.80
CA GLY B 14 6.34 -6.99 -4.38
C GLY B 14 5.44 -7.99 -3.67
N GLU B 15 5.75 -8.26 -2.42
CA GLU B 15 4.99 -9.23 -1.64
C GLU B 15 4.77 -8.77 -0.21
N GLU B 16 5.86 -8.77 0.56
CA GLU B 16 5.80 -8.51 2.00
C GLU B 16 5.59 -7.02 2.28
N LEU B 17 4.97 -6.70 3.40
CA LEU B 17 4.75 -5.30 3.77
C LEU B 17 4.70 -5.13 5.28
N ASP B 18 5.57 -4.28 5.79
CA ASP B 18 5.49 -3.78 7.16
C ASP B 18 5.64 -2.25 7.12
N ILE B 19 5.43 -1.59 8.24
CA ILE B 19 5.48 -0.13 8.26
C ILE B 19 6.02 0.38 9.60
N VAL B 20 7.00 1.27 9.52
CA VAL B 20 7.60 1.85 10.72
C VAL B 20 7.39 3.36 10.74
N ALA B 21 6.68 3.83 11.76
CA ALA B 21 6.45 5.25 11.93
C ALA B 21 7.49 5.84 12.88
N ALA B 22 8.54 6.42 12.31
CA ALA B 22 9.62 6.99 13.09
C ALA B 22 10.32 8.09 12.30
N LYS B 23 11.14 8.86 12.99
CA LYS B 23 11.90 9.93 12.34
C LYS B 23 13.33 9.46 12.05
N SER B 24 14.22 10.41 11.80
CA SER B 24 15.60 10.11 11.42
C SER B 24 15.64 9.37 10.09
N HIS B 25 15.67 10.16 9.01
CA HIS B 25 15.56 9.64 7.65
C HIS B 25 16.49 8.45 7.37
N GLU B 26 17.76 8.58 7.74
CA GLU B 26 18.73 7.54 7.44
C GLU B 26 18.53 6.32 8.34
N ALA B 27 18.06 6.57 9.56
CA ALA B 27 17.96 5.53 10.57
C ALA B 27 17.12 4.35 10.10
N CYS B 28 16.06 4.64 9.34
CA CYS B 28 15.18 3.57 8.89
C CYS B 28 15.96 2.58 8.02
N GLN B 29 16.82 3.11 7.16
CA GLN B 29 17.61 2.26 6.28
C GLN B 29 18.47 1.31 7.11
N LYS B 30 18.89 1.80 8.27
CA LYS B 30 19.79 1.04 9.11
C LYS B 30 19.09 -0.19 9.66
N LEU B 31 17.77 -0.10 9.86
CA LEU B 31 17.03 -1.23 10.41
C LEU B 31 16.81 -2.28 9.34
N CYS B 32 17.02 -1.88 8.09
CA CYS B 32 17.01 -2.82 6.97
C CYS B 32 18.43 -3.19 6.58
N THR B 33 19.40 -2.72 7.36
CA THR B 33 20.80 -3.04 7.12
C THR B 33 21.19 -4.30 7.90
N ASN B 34 20.86 -4.33 9.19
CA ASN B 34 21.11 -5.53 10.00
C ASN B 34 20.09 -6.60 9.66
N ALA B 35 18.83 -6.21 9.60
CA ALA B 35 17.79 -7.09 9.09
C ALA B 35 17.66 -6.87 7.59
N VAL B 36 18.76 -7.13 6.88
CA VAL B 36 18.85 -6.85 5.46
C VAL B 36 17.95 -7.77 4.65
N ARG B 37 16.73 -7.30 4.41
CA ARG B 37 15.80 -8.02 3.56
C ARG B 37 14.65 -7.10 3.16
N CYS B 38 14.98 -5.84 2.90
CA CYS B 38 14.01 -4.87 2.44
C CYS B 38 14.31 -4.49 0.99
N GLN B 39 13.51 -5.00 0.06
CA GLN B 39 13.77 -4.77 -1.36
C GLN B 39 13.54 -3.31 -1.70
N PHE B 40 12.49 -2.76 -1.13
CA PHE B 40 12.22 -1.34 -1.27
C PHE B 40 11.83 -0.77 0.08
N PHE B 41 12.62 0.16 0.57
CA PHE B 41 12.27 0.89 1.77
C PHE B 41 11.74 2.25 1.33
N THR B 42 10.45 2.44 1.49
CA THR B 42 9.79 3.63 1.00
C THR B 42 9.64 4.66 2.11
N TYR B 43 10.52 5.64 2.11
CA TYR B 43 10.52 6.69 3.09
C TYR B 43 9.76 7.91 2.55
N THR B 44 8.71 8.29 3.24
CA THR B 44 7.96 9.47 2.85
C THR B 44 8.26 10.62 3.80
N PRO B 45 8.64 11.80 3.26
CA PRO B 45 8.96 12.97 4.05
C PRO B 45 7.84 13.34 5.01
N ALA B 46 6.69 13.70 4.44
CA ALA B 46 5.46 13.99 5.20
C ALA B 46 5.71 14.89 6.41
N GLN B 47 6.56 15.89 6.23
CA GLN B 47 6.93 16.78 7.32
C GLN B 47 6.12 18.06 7.29
N ALA B 48 4.81 17.91 7.34
CA ALA B 48 3.89 19.04 7.29
C ALA B 48 2.47 18.58 7.63
N SER B 49 1.52 19.52 7.56
CA SER B 49 0.08 19.28 7.75
C SER B 49 -0.26 18.74 9.14
N CYS B 50 -1.14 19.46 9.83
CA CYS B 50 -1.66 19.10 11.15
C CYS B 50 -0.62 19.31 12.25
N ASN B 51 0.50 18.60 12.16
CA ASN B 51 1.54 18.69 13.17
C ASN B 51 2.88 18.29 12.56
N GLU B 52 3.95 18.40 13.34
CA GLU B 52 5.28 18.00 12.91
C GLU B 52 5.58 16.58 13.38
N GLY B 53 4.62 15.69 13.20
CA GLY B 53 4.81 14.30 13.60
C GLY B 53 5.71 13.57 12.64
N LYS B 54 5.95 14.19 11.49
CA LYS B 54 6.87 13.71 10.47
C LYS B 54 6.33 12.51 9.73
N GLY B 55 7.14 12.00 8.82
CA GLY B 55 6.72 10.93 7.96
C GLY B 55 7.04 9.57 8.51
N LYS B 56 7.22 8.63 7.62
CA LYS B 56 7.43 7.23 7.97
C LYS B 56 8.00 6.46 6.80
N CYS B 57 8.41 5.23 7.05
CA CYS B 57 9.00 4.40 5.99
C CYS B 57 8.32 3.04 5.90
N TYR B 58 8.20 2.54 4.68
CA TYR B 58 7.59 1.24 4.42
C TYR B 58 8.67 0.17 4.26
N LEU B 59 8.43 -0.99 4.86
CA LEU B 59 9.33 -2.12 4.74
C LEU B 59 8.69 -3.21 3.89
N LYS B 60 9.02 -3.23 2.61
CA LYS B 60 8.42 -4.22 1.72
C LYS B 60 9.48 -4.96 0.90
N LEU B 61 9.16 -6.19 0.53
CA LEU B 61 10.10 -7.09 -0.12
C LEU B 61 9.37 -8.01 -1.11
N SER B 62 10.11 -8.51 -2.08
CA SER B 62 9.60 -9.56 -2.97
C SER B 62 10.22 -10.89 -2.54
N SER B 63 9.64 -12.00 -2.96
CA SER B 63 10.25 -13.30 -2.67
C SER B 63 11.34 -13.57 -3.70
N ASN B 64 11.01 -14.35 -4.72
CA ASN B 64 11.82 -14.38 -5.93
C ASN B 64 11.10 -13.60 -7.02
N GLY B 65 10.12 -14.24 -7.65
CA GLY B 65 9.36 -13.62 -8.71
C GLY B 65 8.07 -12.94 -8.26
N SER B 66 8.05 -12.39 -7.05
CA SER B 66 6.89 -11.61 -6.61
C SER B 66 6.70 -10.40 -7.52
N PRO B 67 5.51 -10.25 -8.12
CA PRO B 67 5.22 -9.15 -9.04
C PRO B 67 5.44 -7.78 -8.41
N THR B 68 6.21 -6.95 -9.09
CA THR B 68 6.44 -5.59 -8.64
C THR B 68 5.24 -4.71 -8.99
N LYS B 69 4.40 -4.47 -8.00
CA LYS B 69 3.17 -3.73 -8.20
C LYS B 69 3.41 -2.25 -7.99
N ILE B 70 2.66 -1.43 -8.71
CA ILE B 70 2.85 0.02 -8.68
C ILE B 70 1.77 0.69 -7.84
N LEU B 71 2.14 1.13 -6.65
CA LEU B 71 1.21 1.84 -5.79
C LEU B 71 1.23 3.32 -6.14
N HIS B 72 0.04 3.87 -6.29
CA HIS B 72 -0.11 5.25 -6.76
C HIS B 72 -0.25 6.21 -5.59
N GLY B 73 0.84 6.90 -5.28
CA GLY B 73 0.84 7.90 -4.23
C GLY B 73 0.64 7.31 -2.85
N ARG B 74 1.40 6.28 -2.52
CA ARG B 74 1.32 5.68 -1.19
C ARG B 74 2.63 5.92 -0.43
N GLY B 75 3.68 6.23 -1.17
CA GLY B 75 4.96 6.52 -0.57
C GLY B 75 5.56 7.83 -1.07
N GLY B 76 6.86 8.00 -0.86
CA GLY B 76 7.53 9.21 -1.27
C GLY B 76 8.84 8.92 -1.97
N ILE B 77 9.83 8.50 -1.20
CA ILE B 77 11.13 8.15 -1.75
C ILE B 77 11.49 6.70 -1.38
N SER B 78 11.47 5.82 -2.36
CA SER B 78 11.76 4.41 -2.12
C SER B 78 13.20 4.09 -2.51
N GLY B 79 13.93 3.42 -1.63
CA GLY B 79 15.33 3.16 -1.87
C GLY B 79 15.64 1.71 -2.19
N TYR B 80 16.66 1.52 -3.02
CA TYR B 80 17.20 0.19 -3.34
C TYR B 80 18.66 0.10 -2.91
N THR B 81 19.17 -1.11 -2.79
CA THR B 81 20.58 -1.32 -2.47
C THR B 81 21.17 -2.47 -3.29
N LEU B 82 22.43 -2.81 -3.01
CA LEU B 82 23.16 -3.76 -3.85
C LEU B 82 23.00 -5.22 -3.41
N ARG B 83 23.06 -5.48 -2.11
CA ARG B 83 23.15 -6.85 -1.62
C ARG B 83 21.79 -7.55 -1.67
N LEU B 84 20.77 -6.92 -1.11
CA LEU B 84 19.44 -7.52 -1.04
C LEU B 84 18.75 -7.48 -2.41
N CYS B 85 19.38 -6.80 -3.36
CA CYS B 85 18.83 -6.66 -4.71
C CYS B 85 18.56 -8.03 -5.34
N LYS B 86 19.38 -9.01 -4.95
CA LYS B 86 19.28 -10.36 -5.50
C LYS B 86 17.94 -11.02 -5.16
N MET B 87 17.22 -10.44 -4.21
CA MET B 87 15.92 -10.99 -3.81
C MET B 87 14.89 -10.71 -4.88
N ASP B 88 14.88 -9.48 -5.39
CA ASP B 88 13.97 -9.16 -6.48
C ASP B 88 14.59 -9.63 -7.79
N ASN B 89 14.75 -10.93 -7.89
CA ASN B 89 15.39 -11.54 -9.04
C ASN B 89 14.33 -12.04 -10.01
N GLU B 90 13.09 -12.03 -9.53
CA GLU B 90 11.90 -12.44 -10.30
C GLU B 90 12.13 -13.72 -11.09
N PHE A 1 -23.21 -16.65 1.12
CA PHE A 1 -22.03 -17.06 0.34
C PHE A 1 -21.04 -15.90 0.26
N CYS A 2 -21.40 -14.88 -0.48
CA CYS A 2 -20.60 -13.67 -0.55
C CYS A 2 -21.31 -12.55 0.17
N HIS A 3 -20.55 -11.61 0.68
CA HIS A 3 -21.09 -10.63 1.61
C HIS A 3 -20.24 -9.37 1.66
N SER A 4 -20.89 -8.22 1.58
CA SER A 4 -20.22 -6.95 1.74
C SER A 4 -19.76 -6.77 3.18
N SER A 5 -18.47 -7.00 3.41
CA SER A 5 -17.93 -7.06 4.75
C SER A 5 -16.96 -5.91 5.00
N PHE A 6 -16.98 -5.37 6.22
CA PHE A 6 -16.15 -4.21 6.55
C PHE A 6 -15.12 -4.55 7.63
N TYR A 7 -13.85 -4.41 7.29
CA TYR A 7 -12.75 -4.64 8.22
C TYR A 7 -12.10 -3.32 8.61
N HIS A 8 -11.55 -3.26 9.82
CA HIS A 8 -10.96 -2.01 10.31
C HIS A 8 -9.45 -2.12 10.41
N ASP A 9 -8.76 -1.09 9.91
CA ASP A 9 -7.30 -0.96 10.03
C ASP A 9 -6.57 -2.12 9.34
N THR A 10 -7.10 -2.55 8.19
CA THR A 10 -6.52 -3.65 7.45
C THR A 10 -6.99 -3.63 6.00
N ASP A 11 -6.11 -4.06 5.09
CA ASP A 11 -6.46 -4.15 3.69
C ASP A 11 -5.62 -5.25 3.03
N PHE A 12 -6.16 -5.87 1.99
CA PHE A 12 -5.55 -7.08 1.42
C PHE A 12 -5.09 -6.84 -0.02
N LEU A 13 -3.94 -7.40 -0.37
CA LEU A 13 -3.34 -7.17 -1.68
C LEU A 13 -3.29 -8.44 -2.53
N GLY A 14 -3.56 -8.28 -3.81
CA GLY A 14 -3.45 -9.39 -4.74
C GLY A 14 -2.78 -8.97 -6.03
N GLU A 15 -3.43 -8.08 -6.79
CA GLU A 15 -2.87 -7.57 -8.03
C GLU A 15 -2.73 -6.05 -8.01
N GLU A 16 -3.81 -5.38 -8.36
CA GLU A 16 -3.79 -3.94 -8.57
C GLU A 16 -4.23 -3.16 -7.34
N LEU A 17 -3.87 -1.90 -7.32
CA LEU A 17 -4.30 -0.98 -6.29
C LEU A 17 -4.36 0.44 -6.86
N ASP A 18 -5.18 1.28 -6.28
CA ASP A 18 -5.25 2.68 -6.70
C ASP A 18 -5.88 3.51 -5.59
N ILE A 19 -6.02 4.81 -5.80
CA ILE A 19 -6.54 5.70 -4.79
C ILE A 19 -7.43 6.78 -5.42
N VAL A 20 -8.70 6.77 -5.06
CA VAL A 20 -9.63 7.76 -5.55
C VAL A 20 -9.62 8.99 -4.65
N ALA A 21 -9.14 10.11 -5.19
CA ALA A 21 -9.06 11.35 -4.43
C ALA A 21 -10.35 12.15 -4.58
N ALA A 22 -11.35 11.77 -3.82
CA ALA A 22 -12.64 12.45 -3.83
C ALA A 22 -13.43 12.04 -2.60
N LYS A 23 -14.19 12.98 -2.05
CA LYS A 23 -14.98 12.71 -0.86
C LYS A 23 -16.00 11.60 -1.14
N SER A 24 -17.05 11.94 -1.86
CA SER A 24 -18.04 10.97 -2.37
C SER A 24 -18.37 9.86 -1.35
N HIS A 25 -18.56 10.27 -0.08
CA HIS A 25 -18.70 9.35 1.06
C HIS A 25 -19.44 8.08 0.69
N GLU A 26 -20.74 8.18 0.48
CA GLU A 26 -21.55 7.03 0.13
C GLU A 26 -21.38 6.69 -1.35
N ALA A 27 -21.06 7.71 -2.15
CA ALA A 27 -21.05 7.56 -3.59
C ALA A 27 -19.92 6.65 -4.03
N CYS A 28 -18.93 6.45 -3.17
CA CYS A 28 -17.83 5.56 -3.50
C CYS A 28 -18.33 4.12 -3.68
N GLN A 29 -19.41 3.72 -3.02
CA GLN A 29 -19.93 2.38 -3.26
C GLN A 29 -20.51 2.32 -4.67
N LYS A 30 -21.02 3.47 -5.12
CA LYS A 30 -21.60 3.59 -6.45
C LYS A 30 -20.50 3.46 -7.49
N LEU A 31 -19.26 3.67 -7.05
CA LEU A 31 -18.09 3.49 -7.91
C LEU A 31 -18.05 2.08 -8.45
N CYS A 32 -18.54 1.12 -7.67
CA CYS A 32 -18.52 -0.26 -8.10
C CYS A 32 -19.84 -0.67 -8.76
N THR A 33 -20.86 0.15 -8.68
CA THR A 33 -22.15 -0.30 -9.15
C THR A 33 -22.43 0.03 -10.60
N ASN A 34 -21.57 0.84 -11.23
CA ASN A 34 -21.71 1.15 -12.65
C ASN A 34 -21.80 -0.17 -13.42
N ALA A 35 -20.85 -1.02 -13.14
CA ALA A 35 -20.77 -2.37 -13.69
C ALA A 35 -19.57 -3.05 -13.05
N VAL A 36 -19.20 -2.54 -11.88
CA VAL A 36 -17.87 -2.78 -11.36
C VAL A 36 -17.83 -3.86 -10.30
N ARG A 37 -17.39 -5.02 -10.72
CA ARG A 37 -17.18 -6.17 -9.85
C ARG A 37 -16.42 -5.77 -8.58
N CYS A 38 -15.27 -5.09 -8.76
CA CYS A 38 -14.42 -4.69 -7.63
C CYS A 38 -13.97 -5.90 -6.81
N GLN A 39 -13.15 -5.67 -5.79
CA GLN A 39 -12.76 -6.74 -4.89
C GLN A 39 -12.47 -6.20 -3.50
N PHE A 40 -11.69 -5.14 -3.42
CA PHE A 40 -11.43 -4.49 -2.14
C PHE A 40 -11.63 -2.98 -2.28
N PHE A 41 -12.54 -2.44 -1.49
CA PHE A 41 -12.74 -1.00 -1.44
C PHE A 41 -12.41 -0.48 -0.04
N THR A 42 -11.26 0.15 0.10
CA THR A 42 -10.80 0.60 1.40
C THR A 42 -11.09 2.09 1.58
N TYR A 43 -12.00 2.41 2.47
CA TYR A 43 -12.36 3.79 2.73
C TYR A 43 -11.68 4.27 4.01
N THR A 44 -10.91 5.33 3.89
CA THR A 44 -10.18 5.85 5.04
C THR A 44 -10.48 7.33 5.22
N PRO A 45 -10.74 7.75 6.47
CA PRO A 45 -11.00 9.15 6.79
C PRO A 45 -9.72 9.99 6.78
N ALA A 46 -8.89 9.76 7.80
CA ALA A 46 -7.57 10.43 7.93
C ALA A 46 -7.68 11.93 8.18
N GLN A 47 -8.82 12.52 7.83
CA GLN A 47 -9.04 13.97 7.93
C GLN A 47 -8.06 14.72 7.02
N ALA A 48 -7.55 14.00 6.02
CA ALA A 48 -6.64 14.57 5.01
C ALA A 48 -5.30 14.98 5.60
N SER A 49 -5.32 16.02 6.43
CA SER A 49 -4.11 16.54 7.05
C SER A 49 -4.44 17.08 8.44
N CYS A 50 -5.46 17.93 8.50
CA CYS A 50 -5.93 18.51 9.75
C CYS A 50 -7.16 19.36 9.47
N ASN A 51 -7.87 19.00 8.41
CA ASN A 51 -8.98 19.79 7.91
C ASN A 51 -9.96 18.87 7.17
N GLU A 52 -10.69 19.41 6.21
CA GLU A 52 -11.62 18.59 5.43
C GLU A 52 -10.88 17.73 4.41
N GLY A 53 -11.63 16.85 3.78
CA GLY A 53 -11.08 15.91 2.84
C GLY A 53 -11.83 14.60 2.93
N LYS A 54 -11.53 13.84 3.98
CA LYS A 54 -12.29 12.63 4.32
C LYS A 54 -12.11 11.52 3.30
N GLY A 55 -12.69 11.71 2.12
CA GLY A 55 -12.79 10.64 1.15
C GLY A 55 -11.48 10.30 0.49
N LYS A 56 -10.93 9.17 0.88
CA LYS A 56 -9.83 8.56 0.15
C LYS A 56 -10.10 7.09 -0.06
N CYS A 57 -10.77 6.79 -1.16
CA CYS A 57 -11.17 5.43 -1.47
C CYS A 57 -10.03 4.67 -2.16
N TYR A 58 -9.36 3.82 -1.40
CA TYR A 58 -8.23 3.07 -1.90
C TYR A 58 -8.70 1.68 -2.34
N LEU A 59 -8.94 1.52 -3.62
CA LEU A 59 -9.49 0.27 -4.13
C LEU A 59 -8.38 -0.67 -4.57
N LYS A 60 -8.69 -1.96 -4.56
CA LYS A 60 -7.76 -3.00 -4.95
C LYS A 60 -8.48 -4.09 -5.74
N LEU A 61 -7.71 -5.00 -6.32
CA LEU A 61 -8.22 -5.96 -7.28
C LEU A 61 -7.24 -7.12 -7.41
N SER A 62 -7.73 -8.35 -7.41
CA SER A 62 -6.86 -9.51 -7.53
C SER A 62 -7.45 -10.53 -8.49
N SER A 63 -6.97 -10.52 -9.72
CA SER A 63 -7.38 -11.48 -10.74
C SER A 63 -6.48 -12.71 -10.75
N ASN A 64 -5.55 -12.80 -9.80
CA ASN A 64 -4.63 -13.92 -9.75
C ASN A 64 -5.05 -14.94 -8.70
N GLY A 65 -4.79 -16.21 -8.98
CA GLY A 65 -5.01 -17.25 -8.01
C GLY A 65 -3.77 -17.50 -7.16
N SER A 66 -3.09 -16.42 -6.81
CA SER A 66 -1.86 -16.49 -6.04
C SER A 66 -2.13 -16.18 -4.57
N PRO A 67 -1.19 -16.51 -3.66
CA PRO A 67 -1.32 -16.20 -2.23
C PRO A 67 -1.66 -14.74 -1.98
N THR A 68 -2.82 -14.50 -1.38
CA THR A 68 -3.28 -13.15 -1.14
C THR A 68 -2.59 -12.55 0.08
N LYS A 69 -1.98 -11.40 -0.10
CA LYS A 69 -1.20 -10.76 0.94
C LYS A 69 -2.11 -10.02 1.93
N ILE A 70 -2.03 -10.39 3.20
CA ILE A 70 -2.80 -9.74 4.24
C ILE A 70 -1.98 -8.65 4.91
N LEU A 71 -2.51 -7.43 4.96
CA LEU A 71 -1.79 -6.31 5.55
C LEU A 71 -2.54 -5.72 6.72
N HIS A 72 -1.85 -4.90 7.51
CA HIS A 72 -2.40 -4.37 8.75
C HIS A 72 -1.99 -2.91 8.96
N GLY A 73 -2.88 -2.15 9.58
CA GLY A 73 -2.55 -0.79 9.99
C GLY A 73 -2.33 0.15 8.82
N ARG A 74 -3.19 0.10 7.82
CA ARG A 74 -3.05 0.97 6.67
C ARG A 74 -4.41 1.47 6.18
N GLY A 75 -5.12 2.19 7.03
CA GLY A 75 -6.37 2.78 6.61
C GLY A 75 -7.45 2.71 7.68
N GLY A 76 -8.68 2.97 7.27
CA GLY A 76 -9.78 2.98 8.21
C GLY A 76 -10.62 1.73 8.12
N ILE A 77 -11.49 1.67 7.13
CA ILE A 77 -12.37 0.54 6.96
C ILE A 77 -12.35 0.02 5.52
N SER A 78 -11.97 -1.23 5.37
CA SER A 78 -11.91 -1.86 4.07
C SER A 78 -13.14 -2.73 3.87
N GLY A 79 -13.95 -2.38 2.88
CA GLY A 79 -15.17 -3.09 2.64
C GLY A 79 -15.14 -3.91 1.38
N TYR A 80 -15.61 -5.14 1.48
CA TYR A 80 -15.83 -5.98 0.31
C TYR A 80 -17.20 -5.69 -0.26
N THR A 81 -17.31 -5.70 -1.58
CA THR A 81 -18.61 -5.67 -2.22
C THR A 81 -18.94 -7.09 -2.68
N LEU A 82 -20.20 -7.49 -2.56
CA LEU A 82 -20.61 -8.88 -2.78
C LEU A 82 -20.30 -9.39 -4.20
N ARG A 83 -19.89 -8.49 -5.09
CA ARG A 83 -19.63 -8.86 -6.48
C ARG A 83 -18.17 -9.30 -6.66
N LEU A 84 -17.37 -9.15 -5.61
CA LEU A 84 -15.92 -9.40 -5.68
C LEU A 84 -15.59 -10.86 -6.00
N CYS A 85 -16.40 -11.76 -5.47
CA CYS A 85 -16.15 -13.20 -5.57
C CYS A 85 -15.92 -13.62 -7.01
N LYS A 86 -16.78 -13.16 -7.90
CA LYS A 86 -16.76 -13.59 -9.29
C LYS A 86 -15.43 -13.27 -9.97
N MET A 87 -14.84 -12.14 -9.63
CA MET A 87 -13.66 -11.70 -10.33
C MET A 87 -12.37 -12.16 -9.65
N ASP A 88 -12.46 -13.03 -8.65
CA ASP A 88 -11.27 -13.43 -7.90
C ASP A 88 -10.40 -14.37 -8.72
N ASN A 89 -10.88 -14.82 -9.87
CA ASN A 89 -10.09 -15.66 -10.75
C ASN A 89 -9.63 -14.88 -11.99
N GLU A 90 -10.33 -13.79 -12.29
CA GLU A 90 -9.99 -12.94 -13.42
C GLU A 90 -10.90 -11.71 -13.45
N PHE B 1 24.07 -5.48 -12.13
CA PHE B 1 23.64 -5.50 -10.71
C PHE B 1 22.17 -5.10 -10.59
N CYS B 2 21.76 -4.74 -9.39
CA CYS B 2 20.40 -4.29 -9.15
C CYS B 2 20.42 -2.79 -8.88
N HIS B 3 20.26 -2.00 -9.94
CA HIS B 3 20.42 -0.55 -9.86
C HIS B 3 19.62 0.02 -8.69
N SER B 4 20.32 0.67 -7.76
CA SER B 4 19.70 1.29 -6.59
C SER B 4 18.47 2.08 -6.99
N SER B 5 17.31 1.55 -6.62
CA SER B 5 16.05 2.10 -7.08
C SER B 5 15.47 3.07 -6.06
N PHE B 6 15.63 4.36 -6.34
CA PHE B 6 15.05 5.41 -5.53
C PHE B 6 13.98 6.16 -6.34
N TYR B 7 12.72 5.86 -6.06
CA TYR B 7 11.61 6.47 -6.78
C TYR B 7 10.83 7.43 -5.87
N HIS B 8 10.58 8.62 -6.37
CA HIS B 8 9.86 9.62 -5.61
C HIS B 8 8.45 9.79 -6.17
N ASP B 9 7.47 9.90 -5.26
CA ASP B 9 6.04 10.05 -5.62
C ASP B 9 5.47 8.78 -6.23
N THR B 10 6.21 7.70 -6.11
CA THR B 10 5.79 6.40 -6.64
C THR B 10 6.59 5.31 -5.95
N ASP B 11 5.93 4.21 -5.59
CA ASP B 11 6.64 3.13 -4.92
C ASP B 11 6.08 1.78 -5.32
N PHE B 12 6.94 0.76 -5.27
CA PHE B 12 6.55 -0.58 -5.65
C PHE B 12 6.64 -1.50 -4.44
N LEU B 13 5.82 -2.54 -4.40
CA LEU B 13 5.87 -3.48 -3.30
C LEU B 13 5.49 -4.88 -3.78
N GLY B 14 5.67 -5.86 -2.91
CA GLY B 14 5.37 -7.23 -3.28
C GLY B 14 4.65 -8.00 -2.20
N GLU B 15 5.40 -8.67 -1.33
CA GLU B 15 4.81 -9.61 -0.38
C GLU B 15 4.60 -8.99 1.00
N GLU B 16 5.70 -8.67 1.67
CA GLU B 16 5.62 -8.22 3.05
C GLU B 16 5.63 -6.70 3.15
N LEU B 17 4.56 -6.15 3.71
CA LEU B 17 4.42 -4.71 3.86
C LEU B 17 4.19 -4.34 5.32
N ASP B 18 5.22 -3.84 5.98
CA ASP B 18 5.09 -3.40 7.38
C ASP B 18 5.68 -2.01 7.54
N ILE B 19 5.19 -1.26 8.53
CA ILE B 19 5.63 0.11 8.73
C ILE B 19 6.27 0.30 10.10
N VAL B 20 7.29 1.14 10.15
CA VAL B 20 7.93 1.48 11.40
C VAL B 20 8.09 3.00 11.51
N ALA B 21 7.83 3.53 12.69
CA ALA B 21 7.92 4.97 12.92
C ALA B 21 8.95 5.28 13.99
N ALA B 22 9.99 6.01 13.62
CA ALA B 22 11.03 6.38 14.55
C ALA B 22 11.62 7.74 14.18
N LYS B 23 12.64 8.15 14.91
CA LYS B 23 13.32 9.41 14.61
C LYS B 23 14.70 9.10 14.04
N SER B 24 15.44 10.14 13.65
CA SER B 24 16.71 9.96 12.93
C SER B 24 16.42 9.31 11.58
N HIS B 25 16.04 10.15 10.62
CA HIS B 25 15.47 9.68 9.36
C HIS B 25 16.43 8.81 8.56
N GLU B 26 17.73 9.06 8.67
CA GLU B 26 18.71 8.24 7.97
C GLU B 26 18.88 6.90 8.66
N ALA B 27 18.77 6.91 9.98
CA ALA B 27 19.03 5.72 10.79
C ALA B 27 18.12 4.58 10.39
N CYS B 28 17.01 4.89 9.72
CA CYS B 28 16.06 3.88 9.28
C CYS B 28 16.77 2.77 8.51
N GLN B 29 17.72 3.15 7.64
CA GLN B 29 18.34 2.16 6.75
C GLN B 29 19.12 1.10 7.53
N LYS B 30 19.42 1.36 8.80
CA LYS B 30 20.19 0.39 9.59
C LYS B 30 19.38 -0.89 9.78
N LEU B 31 18.06 -0.82 9.57
CA LEU B 31 17.22 -2.02 9.70
C LEU B 31 17.61 -3.06 8.67
N CYS B 32 18.18 -2.61 7.55
CA CYS B 32 18.59 -3.52 6.50
C CYS B 32 20.05 -3.90 6.66
N THR B 33 20.76 -3.20 7.55
CA THR B 33 22.16 -3.55 7.81
C THR B 33 22.25 -4.59 8.91
N ASN B 34 21.17 -4.74 9.68
CA ASN B 34 21.08 -5.80 10.67
C ASN B 34 20.99 -7.13 9.96
N ALA B 35 20.17 -7.14 8.92
CA ALA B 35 19.98 -8.31 8.08
C ALA B 35 19.86 -7.86 6.64
N VAL B 36 20.96 -7.94 5.90
CA VAL B 36 21.00 -7.43 4.54
C VAL B 36 20.17 -8.27 3.58
N ARG B 37 18.90 -7.90 3.49
CA ARG B 37 17.99 -8.48 2.52
C ARG B 37 16.70 -7.67 2.47
N CYS B 38 16.76 -6.57 1.75
CA CYS B 38 15.60 -5.72 1.52
C CYS B 38 15.70 -5.13 0.11
N GLN B 39 14.58 -4.71 -0.47
CA GLN B 39 14.62 -4.14 -1.81
C GLN B 39 14.47 -2.63 -1.79
N PHE B 40 13.44 -2.16 -1.10
CA PHE B 40 13.21 -0.72 -1.01
C PHE B 40 12.29 -0.41 0.17
N PHE B 41 12.43 0.78 0.74
CA PHE B 41 11.51 1.23 1.76
C PHE B 41 10.93 2.59 1.38
N THR B 42 9.65 2.78 1.66
CA THR B 42 9.00 4.03 1.37
C THR B 42 9.24 5.01 2.51
N TYR B 43 10.13 5.95 2.28
CA TYR B 43 10.44 7.00 3.23
C TYR B 43 9.49 8.17 3.01
N THR B 44 8.85 8.61 4.06
CA THR B 44 7.92 9.72 3.95
C THR B 44 7.89 10.57 5.23
N PRO B 45 8.64 11.67 5.24
CA PRO B 45 8.59 12.65 6.32
C PRO B 45 7.40 13.61 6.16
N ALA B 46 7.09 13.92 4.90
CA ALA B 46 6.01 14.84 4.55
C ALA B 46 6.26 16.25 5.08
N GLN B 47 5.88 16.48 6.34
CA GLN B 47 6.11 17.75 7.02
C GLN B 47 5.33 18.89 6.36
N ALA B 48 4.20 18.55 5.76
CA ALA B 48 3.41 19.52 5.02
C ALA B 48 1.91 19.39 5.33
N SER B 49 1.56 18.44 6.17
CA SER B 49 0.17 18.22 6.52
C SER B 49 -0.20 19.06 7.74
N CYS B 50 0.31 18.65 8.90
CA CYS B 50 0.02 19.31 10.19
C CYS B 50 0.73 18.59 11.32
N ASN B 51 0.55 17.27 11.36
CA ASN B 51 1.19 16.44 12.37
C ASN B 51 1.63 15.12 11.76
N GLU B 52 2.91 15.02 11.45
CA GLU B 52 3.47 13.83 10.84
C GLU B 52 4.91 13.62 11.28
N GLY B 53 5.30 12.36 11.45
CA GLY B 53 6.65 12.04 11.87
C GLY B 53 7.62 12.01 10.71
N LYS B 54 8.90 12.06 11.04
CA LYS B 54 9.97 12.06 10.04
C LYS B 54 10.18 10.68 9.45
N GLY B 55 10.72 9.79 10.27
CA GLY B 55 11.09 8.48 9.79
C GLY B 55 9.95 7.49 9.85
N LYS B 56 8.93 7.74 9.04
CA LYS B 56 7.86 6.78 8.86
C LYS B 56 8.20 5.90 7.67
N CYS B 57 8.82 4.77 7.96
CA CYS B 57 9.34 3.89 6.92
C CYS B 57 8.35 2.79 6.57
N TYR B 58 8.07 2.65 5.29
CA TYR B 58 7.21 1.59 4.78
C TYR B 58 8.09 0.51 4.15
N LEU B 59 8.29 -0.60 4.86
CA LEU B 59 9.20 -1.65 4.42
C LEU B 59 8.51 -2.59 3.44
N LYS B 60 9.18 -2.90 2.33
CA LYS B 60 8.63 -3.85 1.38
C LYS B 60 9.71 -4.61 0.61
N LEU B 61 9.44 -5.89 0.41
CA LEU B 61 10.29 -6.75 -0.41
C LEU B 61 9.40 -7.77 -1.12
N SER B 62 9.93 -8.38 -2.17
CA SER B 62 9.17 -9.32 -2.97
C SER B 62 10.09 -10.29 -3.70
N SER B 63 9.55 -11.43 -4.09
CA SER B 63 10.28 -12.39 -4.88
C SER B 63 10.05 -12.12 -6.37
N ASN B 64 11.09 -12.29 -7.16
CA ASN B 64 10.99 -12.17 -8.62
C ASN B 64 10.00 -13.19 -9.19
N GLY B 65 9.73 -14.24 -8.43
CA GLY B 65 8.77 -15.24 -8.85
C GLY B 65 7.35 -14.87 -8.45
N SER B 66 7.21 -13.90 -7.55
CA SER B 66 5.89 -13.49 -7.08
C SER B 66 5.44 -12.21 -7.79
N PRO B 67 4.12 -12.03 -7.94
CA PRO B 67 3.54 -10.84 -8.60
C PRO B 67 3.83 -9.55 -7.85
N THR B 68 4.53 -8.64 -8.51
CA THR B 68 4.84 -7.34 -7.95
C THR B 68 3.83 -6.33 -8.49
N LYS B 69 3.61 -5.27 -7.73
CA LYS B 69 2.52 -4.36 -8.01
C LYS B 69 2.98 -2.91 -7.88
N ILE B 70 2.43 -2.05 -8.73
CA ILE B 70 2.85 -0.66 -8.81
C ILE B 70 1.86 0.25 -8.09
N LEU B 71 2.34 1.02 -7.12
CA LEU B 71 1.49 1.98 -6.43
C LEU B 71 1.57 3.33 -7.10
N HIS B 72 0.43 3.80 -7.58
CA HIS B 72 0.35 5.03 -8.35
C HIS B 72 0.29 6.24 -7.43
N GLY B 73 1.45 6.85 -7.21
CA GLY B 73 1.52 8.06 -6.39
C GLY B 73 1.09 7.83 -4.96
N ARG B 74 1.53 6.74 -4.36
CA ARG B 74 1.14 6.43 -2.99
C ARG B 74 2.33 6.54 -2.04
N GLY B 75 3.54 6.44 -2.56
CA GLY B 75 4.71 6.49 -1.74
C GLY B 75 5.47 7.79 -1.86
N GLY B 76 6.30 8.10 -0.87
CA GLY B 76 7.08 9.31 -0.91
C GLY B 76 8.39 9.10 -1.62
N ILE B 77 9.30 8.39 -0.96
CA ILE B 77 10.56 8.02 -1.59
C ILE B 77 10.84 6.53 -1.34
N SER B 78 10.72 5.73 -2.38
CA SER B 78 10.96 4.30 -2.25
C SER B 78 12.37 3.99 -2.76
N GLY B 79 13.29 3.73 -1.85
CA GLY B 79 14.66 3.51 -2.28
C GLY B 79 15.45 2.55 -1.41
N TYR B 80 16.32 1.80 -2.08
CA TYR B 80 17.35 0.98 -1.45
C TYR B 80 18.42 0.66 -2.49
N THR B 81 19.53 0.10 -2.04
CA THR B 81 20.75 0.09 -2.87
C THR B 81 20.96 -1.23 -3.60
N LEU B 82 21.96 -1.21 -4.50
CA LEU B 82 22.22 -2.30 -5.43
C LEU B 82 22.54 -3.63 -4.75
N ARG B 83 23.06 -3.55 -3.53
CA ARG B 83 23.51 -4.76 -2.83
C ARG B 83 22.34 -5.64 -2.44
N LEU B 84 21.48 -5.12 -1.57
CA LEU B 84 20.37 -5.89 -1.04
C LEU B 84 19.23 -6.03 -2.03
N CYS B 85 19.21 -5.14 -3.03
CA CYS B 85 18.18 -5.15 -4.08
C CYS B 85 18.11 -6.53 -4.75
N LYS B 86 19.26 -7.19 -4.87
CA LYS B 86 19.36 -8.46 -5.58
C LYS B 86 18.64 -9.58 -4.82
N MET B 87 18.06 -9.25 -3.68
CA MET B 87 17.32 -10.23 -2.90
C MET B 87 16.05 -10.65 -3.62
N ASP B 88 15.63 -9.84 -4.61
CA ASP B 88 14.38 -10.10 -5.33
C ASP B 88 14.38 -11.50 -5.94
N ASN B 89 15.51 -11.92 -6.48
CA ASN B 89 15.60 -13.21 -7.16
C ASN B 89 16.02 -14.31 -6.21
N GLU B 90 15.93 -14.02 -4.91
CA GLU B 90 16.15 -15.02 -3.86
C GLU B 90 17.58 -15.56 -3.90
N PHE A 1 -23.07 -17.97 0.21
CA PHE A 1 -23.37 -16.67 -0.44
C PHE A 1 -22.14 -15.78 -0.40
N CYS A 2 -22.32 -14.51 -0.72
CA CYS A 2 -21.22 -13.56 -0.65
C CYS A 2 -21.43 -12.60 0.50
N HIS A 3 -20.67 -12.82 1.56
CA HIS A 3 -20.76 -12.02 2.77
C HIS A 3 -20.06 -10.67 2.57
N SER A 4 -20.72 -9.59 2.97
CA SER A 4 -20.11 -8.27 2.97
C SER A 4 -18.85 -8.28 3.83
N SER A 5 -17.70 -8.37 3.19
CA SER A 5 -16.44 -8.49 3.90
C SER A 5 -15.86 -7.12 4.18
N PHE A 6 -16.16 -6.59 5.36
CA PHE A 6 -15.64 -5.30 5.78
C PHE A 6 -14.76 -5.48 7.01
N TYR A 7 -13.49 -5.19 6.85
CA TYR A 7 -12.52 -5.33 7.92
C TYR A 7 -12.15 -3.95 8.47
N HIS A 8 -11.92 -3.87 9.76
CA HIS A 8 -11.68 -2.58 10.41
C HIS A 8 -10.28 -2.52 11.01
N ASP A 9 -9.60 -1.39 10.77
CA ASP A 9 -8.24 -1.15 11.29
C ASP A 9 -7.27 -2.20 10.77
N THR A 10 -7.47 -2.62 9.55
CA THR A 10 -6.60 -3.56 8.90
C THR A 10 -6.76 -3.42 7.38
N ASP A 11 -5.64 -3.32 6.68
CA ASP A 11 -5.66 -3.11 5.24
C ASP A 11 -5.32 -4.42 4.53
N PHE A 12 -5.98 -4.66 3.41
CA PHE A 12 -5.71 -5.85 2.61
C PHE A 12 -5.16 -5.45 1.26
N LEU A 13 -4.25 -6.25 0.74
CA LEU A 13 -3.58 -5.94 -0.52
C LEU A 13 -3.53 -7.18 -1.40
N GLY A 14 -3.93 -7.03 -2.66
CA GLY A 14 -3.92 -8.14 -3.58
C GLY A 14 -3.00 -7.90 -4.77
N GLU A 15 -3.59 -7.64 -5.92
CA GLU A 15 -2.83 -7.41 -7.14
C GLU A 15 -2.90 -5.93 -7.56
N GLU A 16 -4.12 -5.40 -7.62
CA GLU A 16 -4.32 -4.02 -8.01
C GLU A 16 -4.16 -3.10 -6.80
N LEU A 17 -3.58 -1.94 -7.05
CA LEU A 17 -3.35 -0.97 -6.01
C LEU A 17 -3.37 0.45 -6.59
N ASP A 18 -4.51 1.12 -6.45
CA ASP A 18 -4.65 2.49 -6.96
C ASP A 18 -5.44 3.33 -5.96
N ILE A 19 -5.04 4.57 -5.79
CA ILE A 19 -5.62 5.42 -4.75
C ILE A 19 -6.67 6.37 -5.32
N VAL A 20 -7.83 6.42 -4.66
CA VAL A 20 -8.90 7.32 -5.06
C VAL A 20 -9.30 8.19 -3.85
N ALA A 21 -9.87 9.36 -4.12
CA ALA A 21 -10.30 10.26 -3.06
C ALA A 21 -11.64 9.81 -2.49
N ALA A 22 -11.79 9.92 -1.18
CA ALA A 22 -12.98 9.42 -0.51
C ALA A 22 -13.99 10.53 -0.25
N LYS A 23 -13.88 11.60 -1.04
CA LYS A 23 -14.85 12.67 -1.01
C LYS A 23 -16.21 12.08 -1.40
N SER A 24 -17.14 12.09 -0.43
CA SER A 24 -18.39 11.34 -0.54
C SER A 24 -18.09 9.84 -0.49
N HIS A 25 -18.31 9.25 0.68
CA HIS A 25 -17.86 7.88 0.97
C HIS A 25 -18.31 6.87 -0.09
N GLU A 26 -19.56 6.94 -0.51
CA GLU A 26 -20.08 5.94 -1.44
C GLU A 26 -19.82 6.33 -2.89
N ALA A 27 -19.37 7.55 -3.10
CA ALA A 27 -19.04 8.02 -4.45
C ALA A 27 -17.89 7.20 -5.02
N CYS A 28 -16.98 6.78 -4.14
CA CYS A 28 -15.86 5.94 -4.56
C CYS A 28 -16.42 4.64 -5.13
N GLN A 29 -17.49 4.14 -4.51
CA GLN A 29 -18.12 2.89 -4.91
C GLN A 29 -18.58 2.98 -6.36
N LYS A 30 -18.88 4.20 -6.80
CA LYS A 30 -19.44 4.41 -8.12
C LYS A 30 -18.45 4.05 -9.22
N LEU A 31 -17.15 4.08 -8.92
CA LEU A 31 -16.16 3.74 -9.93
C LEU A 31 -16.27 2.25 -10.27
N CYS A 32 -16.80 1.48 -9.34
CA CYS A 32 -17.02 0.05 -9.55
C CYS A 32 -18.41 -0.23 -10.10
N THR A 33 -19.18 0.83 -10.35
CA THR A 33 -20.52 0.66 -10.90
C THR A 33 -20.46 0.45 -12.40
N ASN A 34 -19.50 1.11 -13.03
CA ASN A 34 -19.29 0.96 -14.47
C ASN A 34 -18.29 -0.15 -14.74
N ALA A 35 -17.39 -0.36 -13.79
CA ALA A 35 -16.40 -1.42 -13.88
C ALA A 35 -16.29 -2.15 -12.55
N VAL A 36 -16.96 -3.28 -12.45
CA VAL A 36 -16.98 -4.08 -11.23
C VAL A 36 -15.65 -4.85 -11.04
N ARG A 37 -14.55 -4.13 -11.16
CA ARG A 37 -13.22 -4.72 -11.10
C ARG A 37 -12.54 -4.41 -9.78
N CYS A 38 -13.31 -4.46 -8.71
CA CYS A 38 -12.77 -4.26 -7.38
C CYS A 38 -13.35 -5.31 -6.43
N GLN A 39 -12.52 -5.80 -5.53
CA GLN A 39 -12.96 -6.84 -4.60
C GLN A 39 -13.05 -6.27 -3.19
N PHE A 40 -12.26 -5.24 -2.93
CA PHE A 40 -12.34 -4.50 -1.68
C PHE A 40 -11.67 -3.15 -1.84
N PHE A 41 -12.26 -2.12 -1.25
CA PHE A 41 -11.61 -0.82 -1.23
C PHE A 41 -11.41 -0.39 0.21
N THR A 42 -10.17 -0.04 0.56
CA THR A 42 -9.88 0.31 1.93
C THR A 42 -10.17 1.79 2.19
N TYR A 43 -11.33 2.03 2.75
CA TYR A 43 -11.81 3.37 3.01
C TYR A 43 -11.35 3.84 4.38
N THR A 44 -10.73 5.00 4.41
CA THR A 44 -10.29 5.58 5.65
C THR A 44 -10.60 7.08 5.64
N PRO A 45 -11.57 7.53 6.46
CA PRO A 45 -11.93 8.94 6.55
C PRO A 45 -10.74 9.81 6.94
N ALA A 46 -10.02 9.37 7.97
CA ALA A 46 -8.83 10.06 8.47
C ALA A 46 -9.14 11.51 8.86
N GLN A 47 -8.92 12.42 7.90
CA GLN A 47 -9.16 13.84 8.10
C GLN A 47 -8.21 14.42 9.16
N ALA A 48 -8.39 15.71 9.45
CA ALA A 48 -7.58 16.40 10.43
C ALA A 48 -8.21 17.76 10.73
N SER A 49 -7.69 18.44 11.73
CA SER A 49 -8.25 19.72 12.16
C SER A 49 -8.09 20.81 11.08
N CYS A 50 -7.28 20.52 10.06
CA CYS A 50 -7.02 21.49 9.01
C CYS A 50 -7.17 20.87 7.63
N ASN A 51 -7.92 19.77 7.55
CA ASN A 51 -8.08 19.06 6.29
C ASN A 51 -9.55 18.89 5.92
N GLU A 52 -9.83 19.08 4.64
CA GLU A 52 -11.19 18.95 4.13
C GLU A 52 -11.20 18.01 2.92
N GLY A 53 -12.38 17.70 2.42
CA GLY A 53 -12.50 16.86 1.24
C GLY A 53 -12.47 15.38 1.55
N LYS A 54 -12.59 15.05 2.84
CA LYS A 54 -12.58 13.65 3.29
C LYS A 54 -11.20 13.03 3.10
N GLY A 55 -11.15 11.70 3.18
CA GLY A 55 -9.87 11.02 3.18
C GLY A 55 -9.61 10.17 1.94
N LYS A 56 -9.29 8.90 2.18
CA LYS A 56 -8.77 8.04 1.14
C LYS A 56 -9.60 6.76 0.98
N CYS A 57 -9.83 6.38 -0.28
CA CYS A 57 -10.39 5.06 -0.58
C CYS A 57 -9.45 4.34 -1.55
N TYR A 58 -8.93 3.19 -1.14
CA TYR A 58 -7.95 2.48 -1.93
C TYR A 58 -8.60 1.40 -2.77
N LEU A 59 -8.49 1.52 -4.09
CA LEU A 59 -8.99 0.51 -5.00
C LEU A 59 -8.01 -0.64 -5.07
N LYS A 60 -8.41 -1.80 -4.57
CA LYS A 60 -7.55 -2.97 -4.60
C LYS A 60 -8.32 -4.19 -5.08
N LEU A 61 -7.60 -5.13 -5.68
CA LEU A 61 -8.22 -6.27 -6.31
C LEU A 61 -7.41 -7.54 -6.02
N SER A 62 -8.07 -8.69 -6.14
CA SER A 62 -7.42 -9.97 -5.91
C SER A 62 -8.21 -11.10 -6.59
N SER A 63 -7.93 -11.31 -7.87
CA SER A 63 -8.65 -12.31 -8.64
C SER A 63 -7.96 -13.67 -8.62
N ASN A 64 -7.11 -13.91 -9.61
CA ASN A 64 -6.37 -15.16 -9.73
C ASN A 64 -4.93 -14.99 -9.28
N GLY A 65 -4.17 -14.23 -10.05
CA GLY A 65 -2.74 -14.10 -9.83
C GLY A 65 -2.40 -12.99 -8.86
N SER A 66 -3.19 -12.85 -7.83
CA SER A 66 -3.00 -11.81 -6.84
C SER A 66 -2.31 -12.36 -5.59
N PRO A 67 -1.07 -11.95 -5.33
CA PRO A 67 -0.39 -12.27 -4.08
C PRO A 67 -1.00 -11.49 -2.92
N THR A 68 -1.84 -12.15 -2.15
CA THR A 68 -2.59 -11.49 -1.09
C THR A 68 -1.73 -11.27 0.14
N LYS A 69 -1.75 -10.05 0.65
CA LYS A 69 -1.05 -9.69 1.85
C LYS A 69 -1.84 -8.65 2.64
N ILE A 70 -1.43 -8.38 3.87
CA ILE A 70 -2.16 -7.45 4.72
C ILE A 70 -1.25 -6.32 5.21
N LEU A 71 -1.80 -5.13 5.25
CA LEU A 71 -1.10 -3.96 5.74
C LEU A 71 -1.75 -3.49 7.03
N HIS A 72 -1.17 -2.47 7.65
CA HIS A 72 -1.66 -2.01 8.94
C HIS A 72 -1.74 -0.49 8.96
N GLY A 73 -2.47 0.04 9.93
CA GLY A 73 -2.49 1.47 10.15
C GLY A 73 -3.52 2.21 9.32
N ARG A 74 -3.26 2.34 8.02
CA ARG A 74 -4.06 3.21 7.17
C ARG A 74 -5.18 2.46 6.46
N GLY A 75 -5.50 1.28 6.95
CA GLY A 75 -6.63 0.54 6.45
C GLY A 75 -7.80 0.63 7.41
N GLY A 76 -8.61 1.67 7.27
CA GLY A 76 -9.67 1.90 8.23
C GLY A 76 -10.80 0.92 8.07
N ILE A 77 -11.38 0.92 6.89
CA ILE A 77 -12.43 -0.03 6.57
C ILE A 77 -12.16 -0.64 5.20
N SER A 78 -11.74 -1.89 5.20
CA SER A 78 -11.47 -2.60 3.96
C SER A 78 -12.64 -3.52 3.64
N GLY A 79 -13.52 -3.09 2.77
CA GLY A 79 -14.71 -3.86 2.53
C GLY A 79 -15.27 -3.74 1.14
N TYR A 80 -15.90 -4.83 0.70
CA TYR A 80 -16.72 -4.85 -0.49
C TYR A 80 -17.64 -6.06 -0.43
N THR A 81 -18.61 -6.11 -1.32
CA THR A 81 -19.69 -7.09 -1.21
C THR A 81 -20.39 -7.24 -2.56
N LEU A 82 -21.56 -7.88 -2.54
CA LEU A 82 -22.38 -8.11 -3.72
C LEU A 82 -21.73 -9.14 -4.63
N ARG A 83 -22.18 -9.21 -5.86
CA ARG A 83 -21.80 -10.28 -6.77
C ARG A 83 -20.40 -10.09 -7.34
N LEU A 84 -19.75 -8.99 -6.95
CA LEU A 84 -18.36 -8.75 -7.32
C LEU A 84 -17.47 -9.81 -6.69
N CYS A 85 -17.97 -10.38 -5.60
CA CYS A 85 -17.28 -11.39 -4.82
C CYS A 85 -16.65 -12.46 -5.69
N LYS A 86 -17.40 -12.94 -6.69
CA LYS A 86 -17.06 -14.15 -7.42
C LYS A 86 -15.78 -14.00 -8.26
N MET A 87 -15.26 -12.80 -8.37
CA MET A 87 -13.99 -12.63 -9.07
C MET A 87 -12.83 -12.69 -8.10
N ASP A 88 -13.10 -13.10 -6.86
CA ASP A 88 -12.03 -13.54 -5.96
C ASP A 88 -11.76 -15.02 -6.26
N ASN A 89 -11.68 -15.29 -7.57
CA ASN A 89 -11.50 -16.62 -8.12
C ASN A 89 -10.63 -17.50 -7.24
N GLU A 90 -9.47 -16.97 -6.84
CA GLU A 90 -8.53 -17.72 -5.99
C GLU A 90 -7.20 -16.99 -5.84
N PHE B 1 26.16 -3.99 -12.77
CA PHE B 1 25.51 -4.39 -11.50
C PHE B 1 24.44 -3.37 -11.13
N CYS B 2 23.85 -3.53 -9.96
CA CYS B 2 22.77 -2.66 -9.52
C CYS B 2 23.28 -1.74 -8.41
N HIS B 3 23.06 -0.45 -8.56
CA HIS B 3 23.59 0.54 -7.63
C HIS B 3 22.47 1.15 -6.80
N SER B 4 22.80 1.58 -5.59
CA SER B 4 21.85 2.27 -4.71
C SER B 4 21.24 3.48 -5.43
N SER B 5 19.93 3.43 -5.63
CA SER B 5 19.25 4.49 -6.36
C SER B 5 18.02 4.97 -5.58
N PHE B 6 17.58 6.18 -5.90
CA PHE B 6 16.43 6.79 -5.24
C PHE B 6 15.51 7.43 -6.29
N TYR B 7 14.25 7.03 -6.32
CA TYR B 7 13.31 7.63 -7.27
C TYR B 7 12.19 8.35 -6.51
N HIS B 8 11.63 9.38 -7.13
CA HIS B 8 10.61 10.21 -6.49
C HIS B 8 9.20 9.81 -6.95
N ASP B 9 8.28 9.70 -5.98
CA ASP B 9 6.84 9.50 -6.23
C ASP B 9 6.51 8.12 -6.78
N THR B 10 7.52 7.33 -7.12
CA THR B 10 7.27 6.00 -7.63
C THR B 10 7.58 4.96 -6.57
N ASP B 11 6.64 4.05 -6.35
CA ASP B 11 6.74 3.09 -5.27
C ASP B 11 6.37 1.70 -5.77
N PHE B 12 7.02 0.68 -5.23
CA PHE B 12 6.83 -0.70 -5.66
C PHE B 12 6.53 -1.60 -4.45
N LEU B 13 5.47 -2.40 -4.54
CA LEU B 13 5.16 -3.38 -3.49
C LEU B 13 5.53 -4.78 -3.95
N GLY B 14 5.76 -5.68 -2.98
CA GLY B 14 6.10 -7.05 -3.29
C GLY B 14 5.34 -8.05 -2.43
N GLU B 15 6.08 -8.79 -1.60
CA GLU B 15 5.49 -9.83 -0.77
C GLU B 15 5.41 -9.39 0.69
N GLU B 16 6.56 -9.15 1.30
CA GLU B 16 6.60 -8.64 2.67
C GLU B 16 6.54 -7.13 2.65
N LEU B 17 5.74 -6.55 3.51
CA LEU B 17 5.79 -5.12 3.72
C LEU B 17 5.31 -4.79 5.13
N ASP B 18 6.07 -3.97 5.81
CA ASP B 18 5.65 -3.45 7.10
C ASP B 18 5.84 -1.95 7.11
N ILE B 19 4.81 -1.23 7.51
CA ILE B 19 4.83 0.22 7.44
C ILE B 19 5.30 0.81 8.77
N VAL B 20 6.61 0.99 8.87
CA VAL B 20 7.23 1.50 10.07
C VAL B 20 7.06 3.03 10.15
N ALA B 21 7.17 3.60 11.33
CA ALA B 21 7.05 5.04 11.50
C ALA B 21 8.34 5.72 11.06
N ALA B 22 8.21 6.75 10.24
CA ALA B 22 9.36 7.39 9.64
C ALA B 22 9.75 8.67 10.38
N LYS B 23 10.77 8.57 11.19
CA LYS B 23 11.35 9.72 11.87
C LYS B 23 12.87 9.61 11.74
N SER B 24 13.47 10.60 11.07
CA SER B 24 14.86 10.53 10.64
C SER B 24 14.99 9.62 9.41
N HIS B 25 15.30 10.24 8.27
CA HIS B 25 15.32 9.58 6.95
C HIS B 25 15.94 8.17 6.99
N GLU B 26 17.20 8.10 7.35
CA GLU B 26 17.96 6.86 7.24
C GLU B 26 17.72 5.91 8.41
N ALA B 27 16.86 6.31 9.34
CA ALA B 27 16.55 5.45 10.48
C ALA B 27 15.94 4.14 9.97
N CYS B 28 15.07 4.24 8.99
CA CYS B 28 14.41 3.07 8.42
C CYS B 28 15.43 2.16 7.73
N GLN B 29 16.54 2.76 7.29
CA GLN B 29 17.59 2.00 6.63
C GLN B 29 18.21 1.03 7.62
N LYS B 30 18.27 1.46 8.89
CA LYS B 30 18.84 0.64 9.95
C LYS B 30 18.02 -0.63 10.16
N LEU B 31 16.77 -0.63 9.68
CA LEU B 31 15.91 -1.79 9.84
C LEU B 31 16.46 -2.97 9.03
N CYS B 32 17.26 -2.65 8.02
CA CYS B 32 17.82 -3.67 7.16
C CYS B 32 19.09 -4.26 7.76
N THR B 33 19.57 -3.64 8.84
CA THR B 33 20.78 -4.12 9.52
C THR B 33 20.47 -5.41 10.28
N ASN B 34 19.23 -5.54 10.73
CA ASN B 34 18.80 -6.71 11.47
C ASN B 34 18.64 -7.89 10.53
N ALA B 35 17.98 -7.64 9.41
CA ALA B 35 17.79 -8.65 8.39
C ALA B 35 17.99 -8.04 7.01
N VAL B 36 19.14 -8.34 6.41
CA VAL B 36 19.46 -7.83 5.08
C VAL B 36 18.62 -8.53 4.02
N ARG B 37 17.38 -8.05 3.87
CA ARG B 37 16.44 -8.58 2.90
C ARG B 37 15.60 -7.45 2.35
N CYS B 38 16.07 -6.23 2.53
CA CYS B 38 15.31 -5.05 2.15
C CYS B 38 15.47 -4.77 0.66
N GLN B 39 14.39 -4.98 -0.08
CA GLN B 39 14.40 -4.69 -1.50
C GLN B 39 14.05 -3.24 -1.74
N PHE B 40 12.96 -2.81 -1.13
CA PHE B 40 12.51 -1.45 -1.27
C PHE B 40 12.20 -0.87 0.11
N PHE B 41 12.80 0.25 0.43
CA PHE B 41 12.38 1.00 1.60
C PHE B 41 11.98 2.39 1.14
N THR B 42 10.69 2.65 1.13
CA THR B 42 10.17 3.89 0.58
C THR B 42 9.73 4.82 1.69
N TYR B 43 10.20 6.05 1.60
CA TYR B 43 9.96 7.05 2.62
C TYR B 43 8.88 8.03 2.17
N THR B 44 7.87 8.23 3.00
CA THR B 44 6.88 9.26 2.72
C THR B 44 6.94 10.34 3.79
N PRO B 45 7.12 11.61 3.38
CA PRO B 45 7.15 12.75 4.30
C PRO B 45 5.96 12.77 5.25
N ALA B 46 4.77 12.92 4.68
CA ALA B 46 3.50 12.89 5.42
C ALA B 46 3.52 13.82 6.64
N GLN B 47 3.09 15.07 6.44
CA GLN B 47 3.03 16.03 7.53
C GLN B 47 1.90 17.02 7.27
N ALA B 48 1.95 17.64 6.10
CA ALA B 48 0.93 18.60 5.66
C ALA B 48 0.90 19.83 6.56
N SER B 49 -0.04 19.87 7.50
CA SER B 49 -0.18 21.01 8.40
C SER B 49 -1.00 20.61 9.63
N CYS B 50 -0.70 21.26 10.76
CA CYS B 50 -1.48 21.09 12.00
C CYS B 50 -1.29 19.70 12.60
N ASN B 51 -0.24 19.00 12.18
CA ASN B 51 0.02 17.66 12.68
C ASN B 51 1.49 17.28 12.46
N GLU B 52 2.19 17.02 13.55
CA GLU B 52 3.57 16.59 13.46
C GLU B 52 3.72 15.17 14.01
N GLY B 53 2.99 14.24 13.41
CA GLY B 53 3.17 12.84 13.74
C GLY B 53 4.10 12.18 12.75
N LYS B 54 4.42 12.94 11.71
CA LYS B 54 5.28 12.50 10.61
C LYS B 54 4.67 11.33 9.85
N GLY B 55 5.48 10.78 8.96
CA GLY B 55 5.00 9.78 8.05
C GLY B 55 5.52 8.41 8.38
N LYS B 56 5.70 7.60 7.36
CA LYS B 56 6.04 6.21 7.54
C LYS B 56 6.99 5.75 6.44
N CYS B 57 7.54 4.56 6.60
CA CYS B 57 8.44 4.00 5.60
C CYS B 57 8.10 2.54 5.37
N TYR B 58 7.95 2.18 4.10
CA TYR B 58 7.56 0.83 3.74
C TYR B 58 8.78 -0.07 3.59
N LEU B 59 9.01 -0.90 4.59
CA LEU B 59 10.07 -1.91 4.51
C LEU B 59 9.50 -3.14 3.83
N LYS B 60 9.93 -3.39 2.60
CA LYS B 60 9.34 -4.47 1.81
C LYS B 60 10.40 -5.32 1.11
N LEU B 61 9.93 -6.42 0.52
CA LEU B 61 10.79 -7.50 0.07
C LEU B 61 10.13 -8.29 -1.06
N SER B 62 10.96 -8.86 -1.93
CA SER B 62 10.48 -9.74 -3.00
C SER B 62 11.50 -10.85 -3.21
N SER B 63 11.08 -12.09 -2.95
CA SER B 63 11.97 -13.25 -3.04
C SER B 63 11.90 -13.87 -4.43
N ASN B 64 10.70 -14.19 -4.88
CA ASN B 64 10.52 -14.73 -6.22
C ASN B 64 9.97 -13.65 -7.14
N GLY B 65 10.18 -13.83 -8.44
CA GLY B 65 9.69 -12.89 -9.43
C GLY B 65 8.18 -12.97 -9.61
N SER B 66 7.45 -12.63 -8.56
CA SER B 66 6.00 -12.66 -8.59
C SER B 66 5.46 -11.34 -9.16
N PRO B 67 4.19 -11.34 -9.62
CA PRO B 67 3.56 -10.13 -10.15
C PRO B 67 3.67 -8.94 -9.18
N THR B 68 4.53 -8.00 -9.53
CA THR B 68 4.76 -6.83 -8.71
C THR B 68 3.64 -5.82 -8.92
N LYS B 69 3.51 -4.92 -7.97
CA LYS B 69 2.46 -3.92 -7.99
C LYS B 69 3.07 -2.56 -7.74
N ILE B 70 2.59 -1.55 -8.45
CA ILE B 70 3.28 -0.27 -8.52
C ILE B 70 2.36 0.88 -8.20
N LEU B 71 2.90 1.86 -7.50
CA LEU B 71 2.16 3.08 -7.21
C LEU B 71 2.69 4.21 -8.06
N HIS B 72 1.94 4.49 -9.10
CA HIS B 72 2.35 5.45 -10.12
C HIS B 72 2.11 6.88 -9.67
N GLY B 73 3.19 7.52 -9.20
CA GLY B 73 3.11 8.91 -8.79
C GLY B 73 2.36 9.08 -7.48
N ARG B 74 2.54 8.15 -6.57
CA ARG B 74 1.87 8.21 -5.28
C ARG B 74 2.84 7.99 -4.11
N GLY B 75 4.01 7.44 -4.40
CA GLY B 75 4.98 7.21 -3.37
C GLY B 75 5.71 8.48 -3.00
N GLY B 76 6.67 8.37 -2.10
CA GLY B 76 7.46 9.53 -1.73
C GLY B 76 8.82 9.46 -2.36
N ILE B 77 9.71 8.72 -1.74
CA ILE B 77 11.04 8.48 -2.28
C ILE B 77 11.48 7.05 -1.97
N SER B 78 11.71 6.29 -3.03
CA SER B 78 12.09 4.90 -2.90
C SER B 78 13.60 4.74 -2.82
N GLY B 79 14.07 4.27 -1.67
CA GLY B 79 15.49 4.09 -1.49
C GLY B 79 15.92 2.65 -1.67
N TYR B 80 16.90 2.44 -2.54
CA TYR B 80 17.42 1.12 -2.80
C TYR B 80 18.90 1.05 -2.45
N THR B 81 19.32 -0.06 -1.87
CA THR B 81 20.73 -0.28 -1.60
C THR B 81 21.27 -1.29 -2.61
N LEU B 82 22.50 -1.08 -3.08
CA LEU B 82 23.09 -1.91 -4.14
C LEU B 82 23.00 -3.41 -3.83
N ARG B 83 22.91 -3.75 -2.55
CA ARG B 83 22.91 -5.15 -2.13
C ARG B 83 21.59 -5.85 -2.47
N LEU B 84 20.51 -5.06 -2.61
CA LEU B 84 19.17 -5.63 -2.70
C LEU B 84 18.95 -6.39 -4.02
N CYS B 85 19.69 -6.01 -5.05
CA CYS B 85 19.46 -6.57 -6.38
C CYS B 85 19.63 -8.08 -6.36
N LYS B 86 20.68 -8.55 -5.69
CA LYS B 86 20.95 -9.97 -5.60
C LYS B 86 19.82 -10.71 -4.91
N MET B 87 19.29 -10.13 -3.85
CA MET B 87 18.27 -10.77 -3.02
C MET B 87 16.97 -11.00 -3.81
N ASP B 88 16.81 -10.26 -4.90
CA ASP B 88 15.57 -10.30 -5.70
C ASP B 88 15.29 -11.71 -6.23
N ASN B 89 16.32 -12.53 -6.33
CA ASN B 89 16.13 -13.92 -6.78
C ASN B 89 16.61 -14.94 -5.75
N GLU B 90 17.10 -14.48 -4.62
CA GLU B 90 17.67 -15.39 -3.61
C GLU B 90 17.45 -14.86 -2.19
N PHE A 1 -21.53 -17.99 -1.76
CA PHE A 1 -20.13 -18.14 -2.20
C PHE A 1 -19.22 -17.15 -1.47
N CYS A 2 -19.75 -15.98 -1.13
CA CYS A 2 -18.98 -14.96 -0.42
C CYS A 2 -19.90 -14.14 0.48
N HIS A 3 -19.39 -13.06 1.05
CA HIS A 3 -20.17 -12.26 1.99
C HIS A 3 -19.58 -10.85 2.14
N SER A 4 -20.44 -9.85 1.96
CA SER A 4 -20.04 -8.47 2.17
C SER A 4 -19.69 -8.23 3.65
N SER A 5 -18.40 -8.06 3.91
CA SER A 5 -17.92 -7.93 5.28
C SER A 5 -17.00 -6.72 5.41
N PHE A 6 -16.93 -6.14 6.61
CA PHE A 6 -16.10 -4.95 6.82
C PHE A 6 -14.95 -5.24 7.80
N TYR A 7 -13.81 -4.63 7.51
CA TYR A 7 -12.59 -4.79 8.31
C TYR A 7 -12.05 -3.43 8.74
N HIS A 8 -11.35 -3.38 9.87
CA HIS A 8 -10.81 -2.13 10.38
C HIS A 8 -9.31 -2.28 10.64
N ASP A 9 -8.54 -1.25 10.28
CA ASP A 9 -7.08 -1.24 10.50
C ASP A 9 -6.39 -2.30 9.65
N THR A 10 -6.87 -2.49 8.44
CA THR A 10 -6.35 -3.50 7.54
C THR A 10 -6.09 -2.96 6.14
N ASP A 11 -5.05 -3.49 5.49
CA ASP A 11 -4.81 -3.28 4.08
C ASP A 11 -4.63 -4.63 3.41
N PHE A 12 -5.06 -4.78 2.17
CA PHE A 12 -5.00 -6.09 1.52
C PHE A 12 -4.21 -6.03 0.23
N LEU A 13 -3.48 -7.09 -0.04
CA LEU A 13 -2.58 -7.13 -1.18
C LEU A 13 -3.12 -8.02 -2.28
N GLY A 14 -3.44 -7.39 -3.41
CA GLY A 14 -3.71 -8.12 -4.62
C GLY A 14 -2.70 -7.76 -5.69
N GLU A 15 -3.16 -7.44 -6.89
CA GLU A 15 -2.24 -7.11 -7.97
C GLU A 15 -2.12 -5.60 -8.16
N GLU A 16 -3.16 -5.01 -8.72
CA GLU A 16 -3.14 -3.59 -9.01
C GLU A 16 -3.62 -2.79 -7.81
N LEU A 17 -2.93 -1.70 -7.51
CA LEU A 17 -3.24 -0.89 -6.35
C LEU A 17 -3.66 0.51 -6.79
N ASP A 18 -4.84 0.94 -6.38
CA ASP A 18 -5.30 2.28 -6.72
C ASP A 18 -6.07 2.89 -5.54
N ILE A 19 -6.13 4.20 -5.49
CA ILE A 19 -6.85 4.89 -4.44
C ILE A 19 -7.14 6.33 -4.85
N VAL A 20 -8.41 6.72 -4.82
CA VAL A 20 -8.82 8.05 -5.25
C VAL A 20 -9.24 8.90 -4.04
N ALA A 21 -9.03 10.21 -4.15
CA ALA A 21 -9.33 11.10 -3.04
C ALA A 21 -10.65 11.83 -3.26
N ALA A 22 -11.65 11.49 -2.45
CA ALA A 22 -12.97 12.09 -2.54
C ALA A 22 -13.74 11.84 -1.24
N LYS A 23 -14.94 12.38 -1.16
CA LYS A 23 -15.81 12.14 -0.02
C LYS A 23 -17.08 11.45 -0.49
N SER A 24 -17.85 10.92 0.46
CA SER A 24 -19.01 10.09 0.16
C SER A 24 -18.55 8.77 -0.48
N HIS A 25 -18.19 7.81 0.38
CA HIS A 25 -17.61 6.54 -0.08
C HIS A 25 -18.60 5.75 -0.94
N GLU A 26 -19.87 6.03 -0.77
CA GLU A 26 -20.89 5.34 -1.56
C GLU A 26 -20.75 5.74 -3.02
N ALA A 27 -20.38 6.99 -3.26
CA ALA A 27 -20.22 7.49 -4.62
C ALA A 27 -19.20 6.65 -5.38
N CYS A 28 -18.03 6.48 -4.79
CA CYS A 28 -16.97 5.71 -5.44
C CYS A 28 -17.34 4.24 -5.56
N GLN A 29 -18.33 3.80 -4.79
CA GLN A 29 -18.79 2.42 -4.88
C GLN A 29 -19.42 2.15 -6.25
N LYS A 30 -19.57 3.23 -7.04
CA LYS A 30 -20.01 3.13 -8.43
C LYS A 30 -19.10 2.19 -9.21
N LEU A 31 -17.91 1.91 -8.66
CA LEU A 31 -16.98 0.95 -9.26
C LEU A 31 -17.70 -0.37 -9.57
N CYS A 32 -18.57 -0.77 -8.66
CA CYS A 32 -19.28 -2.03 -8.79
C CYS A 32 -20.71 -1.83 -9.28
N THR A 33 -21.00 -0.63 -9.73
CA THR A 33 -22.25 -0.36 -10.40
C THR A 33 -22.05 -0.56 -11.90
N ASN A 34 -20.92 -0.08 -12.39
CA ASN A 34 -20.54 -0.23 -13.80
C ASN A 34 -19.53 -1.36 -13.93
N ALA A 35 -20.04 -2.59 -13.84
CA ALA A 35 -19.22 -3.79 -13.94
C ALA A 35 -18.40 -3.98 -12.68
N VAL A 36 -18.97 -4.74 -11.75
CA VAL A 36 -18.38 -4.97 -10.43
C VAL A 36 -16.90 -5.36 -10.49
N ARG A 37 -16.04 -4.37 -10.23
CA ARG A 37 -14.60 -4.59 -10.20
C ARG A 37 -13.99 -4.02 -8.93
N CYS A 38 -14.82 -3.76 -7.93
CA CYS A 38 -14.32 -3.31 -6.64
C CYS A 38 -14.01 -4.54 -5.78
N GLN A 39 -12.86 -5.14 -6.05
CA GLN A 39 -12.47 -6.37 -5.38
C GLN A 39 -12.15 -6.10 -3.92
N PHE A 40 -11.31 -5.11 -3.70
CA PHE A 40 -11.06 -4.63 -2.37
C PHE A 40 -11.35 -3.14 -2.32
N PHE A 41 -12.32 -2.77 -1.50
CA PHE A 41 -12.64 -1.37 -1.29
C PHE A 41 -12.38 -1.03 0.16
N THR A 42 -11.93 0.17 0.42
CA THR A 42 -11.69 0.63 1.78
C THR A 42 -11.88 2.13 1.88
N TYR A 43 -12.62 2.55 2.86
CA TYR A 43 -12.82 3.96 3.10
C TYR A 43 -11.80 4.43 4.12
N THR A 44 -11.03 5.44 3.77
CA THR A 44 -10.12 6.01 4.73
C THR A 44 -10.63 7.39 5.18
N PRO A 45 -11.22 7.45 6.38
CA PRO A 45 -11.85 8.66 6.90
C PRO A 45 -10.84 9.63 7.49
N ALA A 46 -10.55 10.69 6.76
CA ALA A 46 -9.71 11.76 7.27
C ALA A 46 -10.56 13.00 7.52
N GLN A 47 -10.77 13.78 6.46
CA GLN A 47 -11.63 14.98 6.49
C GLN A 47 -11.07 16.08 7.39
N ALA A 48 -10.98 15.81 8.68
CA ALA A 48 -10.41 16.77 9.61
C ALA A 48 -8.89 16.71 9.58
N SER A 49 -8.30 17.47 8.66
CA SER A 49 -6.87 17.46 8.49
C SER A 49 -6.35 18.87 8.20
N CYS A 50 -6.99 19.86 8.85
CA CYS A 50 -6.60 21.26 8.75
C CYS A 50 -6.97 21.87 7.40
N ASN A 51 -7.94 22.79 7.44
CA ASN A 51 -8.42 23.52 6.26
C ASN A 51 -9.28 22.63 5.37
N GLU A 52 -8.65 21.70 4.68
CA GLU A 52 -9.37 20.77 3.82
C GLU A 52 -8.66 19.43 3.78
N GLY A 53 -9.03 18.55 4.69
CA GLY A 53 -8.48 17.22 4.68
C GLY A 53 -9.34 16.29 3.87
N LYS A 54 -8.71 15.42 3.10
CA LYS A 54 -9.44 14.53 2.24
C LYS A 54 -9.25 13.08 2.59
N GLY A 55 -10.35 12.36 2.63
CA GLY A 55 -10.29 10.92 2.74
C GLY A 55 -9.89 10.31 1.42
N LYS A 56 -10.16 9.02 1.27
CA LYS A 56 -9.78 8.30 0.06
C LYS A 56 -10.56 7.01 -0.08
N CYS A 57 -10.97 6.74 -1.31
CA CYS A 57 -11.58 5.47 -1.66
C CYS A 57 -10.52 4.51 -2.17
N TYR A 58 -10.22 3.52 -1.35
CA TYR A 58 -9.22 2.50 -1.66
C TYR A 58 -9.81 1.46 -2.60
N LEU A 59 -9.08 1.14 -3.66
CA LEU A 59 -9.55 0.18 -4.65
C LEU A 59 -8.38 -0.67 -5.15
N LYS A 60 -8.52 -1.98 -5.02
CA LYS A 60 -7.52 -2.89 -5.56
C LYS A 60 -8.20 -3.98 -6.38
N LEU A 61 -7.60 -4.30 -7.51
CA LEU A 61 -8.14 -5.27 -8.44
C LEU A 61 -7.15 -6.40 -8.62
N SER A 62 -7.57 -7.59 -8.28
CA SER A 62 -6.73 -8.76 -8.48
C SER A 62 -7.27 -9.59 -9.63
N SER A 63 -6.71 -9.40 -10.80
CA SER A 63 -7.11 -10.17 -11.96
C SER A 63 -6.55 -11.59 -11.83
N ASN A 64 -5.48 -11.70 -11.07
CA ASN A 64 -4.87 -12.98 -10.76
C ASN A 64 -5.46 -13.51 -9.44
N GLY A 65 -6.20 -14.61 -9.54
CA GLY A 65 -6.84 -15.18 -8.37
C GLY A 65 -5.90 -15.90 -7.43
N SER A 66 -4.93 -15.17 -6.91
CA SER A 66 -4.04 -15.69 -5.90
C SER A 66 -4.48 -15.20 -4.52
N PRO A 67 -4.16 -15.94 -3.44
CA PRO A 67 -4.53 -15.57 -2.08
C PRO A 67 -4.07 -14.16 -1.73
N THR A 68 -5.00 -13.34 -1.26
CA THR A 68 -4.70 -11.97 -0.92
C THR A 68 -4.01 -11.91 0.44
N LYS A 69 -3.13 -10.95 0.60
CA LYS A 69 -2.35 -10.84 1.83
C LYS A 69 -2.79 -9.64 2.64
N ILE A 70 -2.58 -9.71 3.94
CA ILE A 70 -2.97 -8.62 4.83
C ILE A 70 -1.75 -7.76 5.14
N LEU A 71 -1.74 -6.58 4.56
CA LEU A 71 -0.63 -5.65 4.69
C LEU A 71 -0.79 -4.83 5.96
N HIS A 72 0.32 -4.27 6.43
CA HIS A 72 0.33 -3.57 7.70
C HIS A 72 0.01 -2.09 7.51
N GLY A 73 -0.51 -1.47 8.56
CA GLY A 73 -0.96 -0.09 8.47
C GLY A 73 -2.42 0.04 8.86
N ARG A 74 -2.75 1.13 9.52
CA ARG A 74 -4.08 1.34 10.09
C ARG A 74 -5.06 1.93 9.08
N GLY A 75 -5.36 1.19 8.03
CA GLY A 75 -6.39 1.60 7.10
C GLY A 75 -7.70 1.87 7.81
N GLY A 76 -8.60 2.61 7.17
CA GLY A 76 -9.79 3.05 7.84
C GLY A 76 -10.80 1.92 8.01
N ILE A 77 -11.68 1.79 7.04
CA ILE A 77 -12.70 0.76 7.10
C ILE A 77 -12.85 0.09 5.74
N SER A 78 -12.45 -1.18 5.69
CA SER A 78 -12.45 -1.94 4.46
C SER A 78 -13.79 -2.63 4.24
N GLY A 79 -14.25 -2.61 3.00
CA GLY A 79 -15.50 -3.25 2.67
C GLY A 79 -15.31 -4.28 1.58
N TYR A 80 -15.66 -5.51 1.89
CA TYR A 80 -15.54 -6.60 0.94
C TYR A 80 -16.89 -6.84 0.28
N THR A 81 -16.91 -6.74 -1.04
CA THR A 81 -18.14 -6.88 -1.82
C THR A 81 -18.61 -8.35 -1.84
N LEU A 82 -19.75 -8.61 -2.45
CA LEU A 82 -20.25 -9.98 -2.58
C LEU A 82 -19.83 -10.59 -3.91
N ARG A 83 -20.37 -10.04 -5.00
CA ARG A 83 -20.23 -10.65 -6.31
C ARG A 83 -18.88 -10.37 -6.96
N LEU A 84 -18.01 -9.63 -6.27
CA LEU A 84 -16.69 -9.33 -6.81
C LEU A 84 -15.85 -10.59 -6.92
N CYS A 85 -16.20 -11.56 -6.08
CA CYS A 85 -15.48 -12.81 -5.98
C CYS A 85 -15.30 -13.49 -7.34
N LYS A 86 -16.37 -13.52 -8.12
CA LYS A 86 -16.36 -14.17 -9.44
C LYS A 86 -15.36 -13.50 -10.39
N MET A 87 -14.99 -12.27 -10.06
CA MET A 87 -14.12 -11.49 -10.91
C MET A 87 -12.65 -11.70 -10.54
N ASP A 88 -12.35 -11.86 -9.26
CA ASP A 88 -10.95 -11.86 -8.82
C ASP A 88 -10.34 -13.26 -8.84
N ASN A 89 -11.16 -14.28 -8.65
CA ASN A 89 -10.64 -15.65 -8.56
C ASN A 89 -10.23 -16.21 -9.92
N GLU A 90 -10.50 -15.48 -11.00
CA GLU A 90 -10.19 -15.97 -12.32
C GLU A 90 -9.07 -15.14 -12.95
N PHE B 1 25.71 -5.86 -10.80
CA PHE B 1 24.89 -5.59 -9.59
C PHE B 1 23.60 -4.89 -9.98
N CYS B 2 22.77 -4.61 -8.98
CA CYS B 2 21.57 -3.80 -9.18
C CYS B 2 21.78 -2.46 -8.49
N HIS B 3 21.98 -1.41 -9.29
CA HIS B 3 22.22 -0.08 -8.75
C HIS B 3 21.14 0.30 -7.75
N SER B 4 21.57 0.87 -6.62
CA SER B 4 20.66 1.30 -5.57
C SER B 4 19.45 2.01 -6.16
N SER B 5 18.30 1.35 -6.09
CA SER B 5 17.11 1.81 -6.76
C SER B 5 16.34 2.80 -5.89
N PHE B 6 16.55 4.09 -6.14
CA PHE B 6 15.85 5.13 -5.42
C PHE B 6 14.79 5.77 -6.31
N TYR B 7 13.53 5.41 -6.06
CA TYR B 7 12.42 5.94 -6.82
C TYR B 7 11.94 7.24 -6.18
N HIS B 8 11.41 8.12 -7.01
CA HIS B 8 10.90 9.42 -6.56
C HIS B 8 9.45 9.59 -6.98
N ASP B 9 8.60 9.96 -6.01
CA ASP B 9 7.20 10.26 -6.29
C ASP B 9 6.49 9.07 -6.92
N THR B 10 6.93 7.87 -6.57
CA THR B 10 6.41 6.65 -7.17
C THR B 10 6.39 5.52 -6.17
N ASP B 11 5.34 4.72 -6.23
CA ASP B 11 5.21 3.59 -5.33
C ASP B 11 5.33 2.28 -6.08
N PHE B 12 6.52 1.71 -6.06
CA PHE B 12 6.71 0.36 -6.57
C PHE B 12 6.44 -0.63 -5.46
N LEU B 13 5.71 -1.67 -5.77
CA LEU B 13 5.24 -2.60 -4.78
C LEU B 13 5.50 -4.03 -5.26
N GLY B 14 5.69 -4.94 -4.33
CA GLY B 14 5.91 -6.32 -4.68
C GLY B 14 4.97 -7.26 -3.94
N GLU B 15 5.16 -7.34 -2.62
CA GLU B 15 4.38 -8.26 -1.82
C GLU B 15 3.97 -7.63 -0.48
N GLU B 16 4.92 -7.54 0.44
CA GLU B 16 4.61 -7.14 1.82
C GLU B 16 4.83 -5.64 2.05
N LEU B 17 4.01 -5.06 2.93
CA LEU B 17 4.11 -3.66 3.31
C LEU B 17 4.19 -3.53 4.83
N ASP B 18 5.35 -3.13 5.33
CA ASP B 18 5.55 -2.98 6.77
C ASP B 18 5.79 -1.51 7.11
N ILE B 19 5.46 -1.11 8.32
CA ILE B 19 5.53 0.30 8.71
C ILE B 19 6.27 0.47 10.03
N VAL B 20 7.20 1.41 10.06
CA VAL B 20 7.99 1.71 11.25
C VAL B 20 7.99 3.20 11.53
N ALA B 21 8.00 3.58 12.80
CA ALA B 21 8.03 4.98 13.20
C ALA B 21 9.26 5.27 14.04
N ALA B 22 10.04 6.26 13.61
CA ALA B 22 11.27 6.61 14.29
C ALA B 22 11.66 8.05 13.97
N LYS B 23 12.95 8.35 14.06
CA LYS B 23 13.48 9.65 13.67
C LYS B 23 14.80 9.46 12.94
N SER B 24 15.09 10.37 11.99
CA SER B 24 16.24 10.23 11.10
C SER B 24 16.06 9.00 10.22
N HIS B 25 15.51 9.21 9.04
CA HIS B 25 15.15 8.12 8.13
C HIS B 25 16.35 7.24 7.81
N GLU B 26 17.51 7.87 7.75
CA GLU B 26 18.76 7.18 7.52
C GLU B 26 19.06 6.24 8.68
N ALA B 27 18.92 6.73 9.90
CA ALA B 27 19.18 5.90 11.08
C ALA B 27 18.14 4.79 11.13
N CYS B 28 16.93 5.14 10.72
CA CYS B 28 15.82 4.20 10.66
C CYS B 28 16.17 2.98 9.79
N GLN B 29 17.13 3.15 8.86
CA GLN B 29 17.53 2.06 7.96
C GLN B 29 18.03 0.84 8.74
N LYS B 30 18.34 1.04 10.03
CA LYS B 30 18.75 -0.06 10.89
C LYS B 30 17.70 -1.18 10.92
N LEU B 31 16.47 -0.86 10.50
CA LEU B 31 15.39 -1.84 10.49
C LEU B 31 15.71 -2.99 9.53
N CYS B 32 16.55 -2.73 8.54
CA CYS B 32 16.91 -3.76 7.58
C CYS B 32 18.24 -4.41 7.96
N THR B 33 18.87 -3.88 9.02
CA THR B 33 20.11 -4.46 9.52
C THR B 33 19.80 -5.69 10.36
N ASN B 34 18.54 -5.80 10.78
CA ASN B 34 18.09 -6.94 11.56
C ASN B 34 18.00 -8.17 10.68
N ALA B 35 17.71 -7.92 9.41
CA ALA B 35 17.60 -8.96 8.42
C ALA B 35 17.70 -8.35 7.03
N VAL B 36 18.86 -8.47 6.41
CA VAL B 36 19.07 -7.90 5.08
C VAL B 36 18.28 -8.69 4.04
N ARG B 37 17.03 -8.29 3.87
CA ARG B 37 16.12 -8.91 2.91
C ARG B 37 15.04 -7.91 2.52
N CYS B 38 15.47 -6.68 2.29
CA CYS B 38 14.58 -5.62 1.83
C CYS B 38 14.88 -5.34 0.37
N GLN B 39 14.17 -4.38 -0.24
CA GLN B 39 14.44 -4.03 -1.64
C GLN B 39 14.37 -2.53 -1.84
N PHE B 40 13.34 -1.89 -1.32
CA PHE B 40 13.28 -0.43 -1.32
C PHE B 40 12.62 0.11 -0.05
N PHE B 41 13.32 1.05 0.57
CA PHE B 41 12.87 1.66 1.80
C PHE B 41 12.21 3.00 1.50
N THR B 42 11.02 3.20 2.02
CA THR B 42 10.26 4.42 1.74
C THR B 42 10.61 5.51 2.75
N TYR B 43 11.14 6.60 2.20
CA TYR B 43 11.38 7.80 2.97
C TYR B 43 10.20 8.75 2.77
N THR B 44 9.47 9.03 3.84
CA THR B 44 8.40 10.00 3.76
C THR B 44 8.79 11.28 4.48
N PRO B 45 8.51 12.44 3.86
CA PRO B 45 8.82 13.75 4.45
C PRO B 45 8.24 13.90 5.85
N ALA B 46 6.92 13.74 5.96
CA ALA B 46 6.22 13.73 7.23
C ALA B 46 6.44 15.03 8.01
N GLN B 47 6.66 16.11 7.29
CA GLN B 47 6.93 17.40 7.89
C GLN B 47 5.85 18.40 7.50
N ALA B 48 5.34 19.12 8.49
CA ALA B 48 4.26 20.10 8.29
C ALA B 48 3.01 19.40 7.74
N SER B 49 2.15 20.18 7.08
CA SER B 49 0.90 19.65 6.51
C SER B 49 -0.02 19.12 7.61
N CYS B 50 -0.14 19.90 8.69
CA CYS B 50 -1.11 19.66 9.77
C CYS B 50 -0.63 18.57 10.75
N ASN B 51 -0.08 17.48 10.23
CA ASN B 51 0.37 16.38 11.09
C ASN B 51 1.87 16.15 10.96
N GLU B 52 2.57 16.31 12.08
CA GLU B 52 4.00 16.07 12.13
C GLU B 52 4.31 14.60 12.42
N GLY B 53 4.87 13.92 11.44
CA GLY B 53 5.20 12.52 11.60
C GLY B 53 6.69 12.32 11.80
N LYS B 54 7.46 13.33 11.37
CA LYS B 54 8.91 13.37 11.56
C LYS B 54 9.65 12.30 10.74
N GLY B 55 9.86 11.14 11.34
CA GLY B 55 10.65 10.12 10.68
C GLY B 55 9.87 8.84 10.49
N LYS B 56 8.94 8.85 9.56
CA LYS B 56 8.12 7.68 9.32
C LYS B 56 8.76 6.81 8.24
N CYS B 57 8.76 5.51 8.46
CA CYS B 57 9.43 4.60 7.56
C CYS B 57 8.48 3.52 7.05
N TYR B 58 8.68 3.11 5.80
CA TYR B 58 7.85 2.07 5.22
C TYR B 58 8.71 1.08 4.44
N LEU B 59 8.44 -0.20 4.62
CA LEU B 59 9.17 -1.24 3.90
C LEU B 59 8.28 -1.92 2.89
N LYS B 60 8.73 -1.95 1.65
CA LYS B 60 8.06 -2.72 0.62
C LYS B 60 9.07 -3.59 -0.12
N LEU B 61 8.71 -4.85 -0.31
CA LEU B 61 9.61 -5.82 -0.92
C LEU B 61 8.87 -6.64 -1.97
N SER B 62 9.55 -6.89 -3.08
CA SER B 62 9.09 -7.82 -4.08
C SER B 62 9.76 -9.17 -3.84
N SER B 63 8.98 -10.22 -3.73
CA SER B 63 9.53 -11.54 -3.52
C SER B 63 9.83 -12.18 -4.87
N ASN B 64 10.43 -13.34 -4.85
CA ASN B 64 10.80 -14.00 -6.11
C ASN B 64 9.56 -14.39 -6.88
N GLY B 65 8.53 -14.83 -6.16
CA GLY B 65 7.28 -15.22 -6.80
C GLY B 65 6.29 -14.08 -6.92
N SER B 66 6.75 -12.85 -6.67
CA SER B 66 5.88 -11.69 -6.71
C SER B 66 6.00 -10.93 -8.04
N PRO B 67 4.87 -10.57 -8.65
CA PRO B 67 4.85 -9.76 -9.87
C PRO B 67 5.09 -8.28 -9.58
N THR B 68 5.58 -7.56 -10.59
CA THR B 68 5.87 -6.14 -10.43
C THR B 68 4.59 -5.31 -10.54
N LYS B 69 4.36 -4.46 -9.55
CA LYS B 69 3.19 -3.59 -9.53
C LYS B 69 3.61 -2.19 -9.04
N ILE B 70 2.89 -1.16 -9.48
CA ILE B 70 3.27 0.22 -9.18
C ILE B 70 2.03 1.10 -9.07
N LEU B 71 2.07 2.03 -8.13
CA LEU B 71 0.99 2.98 -7.88
C LEU B 71 1.58 4.31 -7.45
N HIS B 72 0.70 5.28 -7.19
CA HIS B 72 1.14 6.60 -6.76
C HIS B 72 0.31 7.08 -5.57
N GLY B 73 0.98 7.49 -4.50
CA GLY B 73 0.28 8.18 -3.43
C GLY B 73 0.39 7.50 -2.07
N ARG B 74 1.38 6.63 -1.89
CA ARG B 74 1.60 6.03 -0.58
C ARG B 74 3.01 6.36 -0.09
N GLY B 75 3.88 6.73 -1.01
CA GLY B 75 5.24 7.09 -0.65
C GLY B 75 5.74 8.28 -1.44
N GLY B 76 6.94 8.74 -1.08
CA GLY B 76 7.56 9.84 -1.78
C GLY B 76 8.94 9.44 -2.27
N ILE B 77 9.80 9.04 -1.34
CA ILE B 77 11.09 8.48 -1.71
C ILE B 77 11.09 7.00 -1.36
N SER B 78 11.65 6.17 -2.24
CA SER B 78 11.77 4.75 -1.93
C SER B 78 13.01 4.17 -2.60
N GLY B 79 14.04 3.94 -1.82
CA GLY B 79 15.29 3.44 -2.35
C GLY B 79 15.99 2.51 -1.40
N TYR B 80 16.88 1.67 -1.92
CA TYR B 80 17.64 0.76 -1.07
C TYR B 80 18.89 0.23 -1.77
N THR B 81 19.72 -0.43 -0.97
CA THR B 81 21.09 -0.80 -1.34
C THR B 81 21.15 -1.73 -2.55
N LEU B 82 22.27 -1.65 -3.27
CA LEU B 82 22.49 -2.44 -4.47
C LEU B 82 22.51 -3.94 -4.22
N ARG B 83 22.77 -4.35 -2.99
CA ARG B 83 22.90 -5.76 -2.67
C ARG B 83 21.54 -6.43 -2.51
N LEU B 84 20.66 -5.80 -1.74
CA LEU B 84 19.39 -6.40 -1.38
C LEU B 84 18.38 -6.32 -2.53
N CYS B 85 18.72 -5.59 -3.58
CA CYS B 85 17.88 -5.51 -4.78
C CYS B 85 17.71 -6.92 -5.38
N LYS B 86 18.60 -7.82 -4.98
CA LYS B 86 18.60 -9.19 -5.49
C LYS B 86 17.46 -10.04 -4.89
N MET B 87 16.61 -9.42 -4.06
CA MET B 87 15.41 -10.12 -3.61
C MET B 87 14.33 -10.03 -4.66
N ASP B 88 14.50 -9.08 -5.57
CA ASP B 88 13.82 -9.16 -6.85
C ASP B 88 14.61 -10.18 -7.66
N ASN B 89 14.60 -11.39 -7.13
CA ASN B 89 15.53 -12.44 -7.49
C ASN B 89 15.33 -12.91 -8.91
N GLU B 90 14.10 -12.75 -9.39
CA GLU B 90 13.69 -13.17 -10.72
C GLU B 90 14.14 -14.61 -11.00
N PHE A 1 -20.61 -18.76 -0.24
CA PHE A 1 -20.82 -17.45 -0.89
C PHE A 1 -19.89 -16.42 -0.25
N CYS A 2 -20.14 -15.14 -0.49
CA CYS A 2 -19.30 -14.10 0.09
C CYS A 2 -20.08 -13.34 1.17
N HIS A 3 -19.45 -13.17 2.32
CA HIS A 3 -20.09 -12.49 3.43
C HIS A 3 -19.85 -10.99 3.33
N SER A 4 -20.93 -10.24 3.13
CA SER A 4 -20.87 -8.79 3.05
C SER A 4 -20.32 -8.21 4.34
N SER A 5 -19.06 -7.80 4.32
CA SER A 5 -18.39 -7.33 5.51
C SER A 5 -17.71 -5.99 5.26
N PHE A 6 -17.62 -5.17 6.31
CA PHE A 6 -16.94 -3.89 6.25
C PHE A 6 -15.93 -3.79 7.38
N TYR A 7 -14.72 -4.26 7.13
CA TYR A 7 -13.67 -4.25 8.13
C TYR A 7 -12.34 -3.89 7.48
N HIS A 8 -11.45 -3.28 8.25
CA HIS A 8 -10.12 -2.95 7.74
C HIS A 8 -9.12 -2.82 8.88
N ASP A 9 -8.69 -1.59 9.20
CA ASP A 9 -7.57 -1.33 10.13
C ASP A 9 -6.31 -2.09 9.65
N THR A 10 -6.42 -2.62 8.45
CA THR A 10 -5.48 -3.60 7.91
C THR A 10 -5.63 -3.61 6.41
N ASP A 11 -4.64 -3.12 5.69
CA ASP A 11 -4.79 -3.01 4.26
C ASP A 11 -4.37 -4.29 3.57
N PHE A 12 -5.19 -4.73 2.64
CA PHE A 12 -4.96 -5.98 1.93
C PHE A 12 -4.37 -5.71 0.56
N LEU A 13 -3.28 -6.39 0.25
CA LEU A 13 -2.61 -6.23 -1.04
C LEU A 13 -2.81 -7.47 -1.92
N GLY A 14 -3.40 -7.26 -3.09
CA GLY A 14 -3.55 -8.32 -4.06
C GLY A 14 -2.81 -8.01 -5.35
N GLU A 15 -3.42 -7.20 -6.20
CA GLU A 15 -2.76 -6.73 -7.42
C GLU A 15 -2.95 -5.23 -7.61
N GLU A 16 -3.98 -4.87 -8.36
CA GLU A 16 -4.18 -3.48 -8.75
C GLU A 16 -4.60 -2.62 -7.58
N LEU A 17 -4.03 -1.44 -7.53
CA LEU A 17 -4.30 -0.51 -6.45
C LEU A 17 -4.13 0.91 -6.97
N ASP A 18 -5.21 1.67 -6.97
CA ASP A 18 -5.17 3.06 -7.40
C ASP A 18 -6.08 3.88 -6.51
N ILE A 19 -5.68 5.11 -6.23
CA ILE A 19 -6.41 5.95 -5.30
C ILE A 19 -7.32 6.91 -6.06
N VAL A 20 -8.59 6.92 -5.69
CA VAL A 20 -9.55 7.84 -6.28
C VAL A 20 -9.85 8.98 -5.33
N ALA A 21 -9.77 10.21 -5.83
CA ALA A 21 -9.96 11.38 -4.99
C ALA A 21 -11.41 11.84 -5.03
N ALA A 22 -12.21 11.26 -4.16
CA ALA A 22 -13.62 11.61 -4.05
C ALA A 22 -14.17 11.19 -2.69
N LYS A 23 -15.01 12.03 -2.12
CA LYS A 23 -15.67 11.68 -0.88
C LYS A 23 -17.11 11.28 -1.15
N SER A 24 -17.88 11.05 -0.08
CA SER A 24 -19.20 10.44 -0.20
C SER A 24 -19.05 9.02 -0.73
N HIS A 25 -18.85 8.07 0.18
CA HIS A 25 -18.53 6.69 -0.17
C HIS A 25 -19.50 6.09 -1.18
N GLU A 26 -20.76 6.49 -1.08
CA GLU A 26 -21.79 6.04 -2.02
C GLU A 26 -21.34 6.33 -3.44
N ALA A 27 -21.03 7.60 -3.69
CA ALA A 27 -20.66 8.08 -5.02
C ALA A 27 -19.50 7.28 -5.59
N CYS A 28 -18.45 7.14 -4.80
CA CYS A 28 -17.25 6.43 -5.25
C CYS A 28 -17.61 4.97 -5.53
N GLN A 29 -18.54 4.42 -4.74
CA GLN A 29 -18.91 3.02 -4.89
C GLN A 29 -19.61 2.81 -6.23
N LYS A 30 -20.23 3.87 -6.74
CA LYS A 30 -20.93 3.78 -8.02
C LYS A 30 -19.96 3.47 -9.15
N LEU A 31 -18.68 3.78 -8.96
CA LEU A 31 -17.70 3.49 -10.00
C LEU A 31 -17.61 1.99 -10.22
N CYS A 32 -17.97 1.22 -9.20
CA CYS A 32 -17.94 -0.23 -9.28
C CYS A 32 -19.30 -0.79 -9.68
N THR A 33 -20.36 0.02 -9.61
CA THR A 33 -21.69 -0.46 -9.95
C THR A 33 -21.90 -0.42 -11.46
N ASN A 34 -21.14 0.43 -12.12
CA ASN A 34 -21.24 0.58 -13.57
C ASN A 34 -20.34 -0.45 -14.23
N ALA A 35 -19.22 -0.73 -13.57
CA ALA A 35 -18.25 -1.68 -14.05
C ALA A 35 -17.49 -2.27 -12.88
N VAL A 36 -17.78 -3.53 -12.56
CA VAL A 36 -17.13 -4.20 -11.45
C VAL A 36 -15.67 -4.55 -11.77
N ARG A 37 -14.78 -3.59 -11.56
CA ARG A 37 -13.35 -3.84 -11.75
C ARG A 37 -12.65 -3.85 -10.39
N CYS A 38 -13.41 -3.64 -9.33
CA CYS A 38 -12.85 -3.66 -8.00
C CYS A 38 -13.27 -4.92 -7.29
N GLN A 39 -12.50 -5.35 -6.30
CA GLN A 39 -12.92 -6.46 -5.45
C GLN A 39 -13.25 -5.91 -4.08
N PHE A 40 -12.22 -5.58 -3.32
CA PHE A 40 -12.44 -4.94 -2.04
C PHE A 40 -12.16 -3.44 -2.17
N PHE A 41 -13.21 -2.68 -1.91
CA PHE A 41 -13.15 -1.23 -2.00
C PHE A 41 -12.75 -0.65 -0.65
N THR A 42 -11.63 0.05 -0.60
CA THR A 42 -11.10 0.55 0.64
C THR A 42 -11.38 2.04 0.79
N TYR A 43 -11.71 2.44 2.01
CA TYR A 43 -12.11 3.80 2.31
C TYR A 43 -11.45 4.25 3.59
N THR A 44 -11.40 5.56 3.80
CA THR A 44 -10.91 6.11 5.05
C THR A 44 -11.89 7.17 5.58
N PRO A 45 -12.46 6.93 6.77
CA PRO A 45 -13.44 7.82 7.38
C PRO A 45 -12.81 8.85 8.31
N ALA A 46 -13.65 9.51 9.11
CA ALA A 46 -13.20 10.48 10.12
C ALA A 46 -12.30 11.56 9.52
N GLN A 47 -11.11 11.72 10.10
CA GLN A 47 -10.16 12.71 9.66
C GLN A 47 -8.78 12.06 9.55
N ALA A 48 -7.91 12.65 8.73
CA ALA A 48 -6.54 12.17 8.66
C ALA A 48 -5.69 12.85 9.71
N SER A 49 -5.86 14.16 9.82
CA SER A 49 -5.22 14.95 10.87
C SER A 49 -6.02 16.23 11.09
N CYS A 50 -5.94 17.13 10.10
CA CYS A 50 -6.72 18.36 10.12
C CYS A 50 -7.29 18.61 8.72
N ASN A 51 -7.30 17.54 7.93
CA ASN A 51 -7.80 17.59 6.56
C ASN A 51 -8.80 16.46 6.35
N GLU A 52 -9.58 16.54 5.28
CA GLU A 52 -10.61 15.53 5.02
C GLU A 52 -10.00 14.21 4.56
N GLY A 53 -10.21 13.18 5.36
CA GLY A 53 -9.84 11.84 4.95
C GLY A 53 -10.95 11.18 4.15
N LYS A 54 -12.12 11.84 4.15
CA LYS A 54 -13.31 11.31 3.48
C LYS A 54 -13.06 11.09 1.99
N GLY A 55 -12.19 11.91 1.42
CA GLY A 55 -11.99 11.88 -0.02
C GLY A 55 -10.98 10.85 -0.47
N LYS A 56 -10.73 9.86 0.39
CA LYS A 56 -9.77 8.82 0.07
C LYS A 56 -10.48 7.48 -0.12
N CYS A 57 -10.89 7.21 -1.34
CA CYS A 57 -11.46 5.92 -1.68
C CYS A 57 -10.58 5.25 -2.72
N TYR A 58 -10.01 4.11 -2.37
CA TYR A 58 -9.06 3.46 -3.26
C TYR A 58 -9.41 2.00 -3.47
N LEU A 59 -9.11 1.54 -4.66
CA LEU A 59 -9.57 0.23 -5.12
C LEU A 59 -8.45 -0.78 -5.19
N LYS A 60 -8.77 -2.03 -4.91
CA LYS A 60 -7.87 -3.13 -5.20
C LYS A 60 -8.62 -4.26 -5.85
N LEU A 61 -7.97 -4.92 -6.80
CA LEU A 61 -8.53 -6.08 -7.47
C LEU A 61 -7.48 -7.16 -7.55
N SER A 62 -7.85 -8.37 -7.20
CA SER A 62 -6.98 -9.51 -7.38
C SER A 62 -7.53 -10.36 -8.51
N SER A 63 -7.15 -10.01 -9.73
CA SER A 63 -7.60 -10.75 -10.90
C SER A 63 -6.97 -12.12 -10.88
N ASN A 64 -5.69 -12.14 -10.49
CA ASN A 64 -5.01 -13.37 -10.20
C ASN A 64 -4.96 -13.52 -8.68
N GLY A 65 -5.34 -14.69 -8.19
CA GLY A 65 -5.37 -14.94 -6.75
C GLY A 65 -3.97 -14.98 -6.13
N SER A 66 -3.31 -13.84 -6.15
CA SER A 66 -2.00 -13.71 -5.53
C SER A 66 -2.13 -13.73 -4.02
N PRO A 67 -1.20 -14.40 -3.32
CA PRO A 67 -1.19 -14.44 -1.86
C PRO A 67 -1.38 -13.05 -1.26
N THR A 68 -2.40 -12.91 -0.42
CA THR A 68 -2.80 -11.61 0.07
C THR A 68 -1.87 -11.14 1.17
N LYS A 69 -1.25 -9.99 0.95
CA LYS A 69 -0.33 -9.42 1.90
C LYS A 69 -1.07 -8.46 2.82
N ILE A 70 -0.71 -8.46 4.09
CA ILE A 70 -1.43 -7.67 5.08
C ILE A 70 -0.50 -6.73 5.84
N LEU A 71 -1.00 -5.54 6.11
CA LEU A 71 -0.30 -4.57 6.94
C LEU A 71 -1.30 -3.78 7.77
N HIS A 72 -0.89 -3.39 8.97
CA HIS A 72 -1.78 -2.75 9.93
C HIS A 72 -1.39 -1.29 10.12
N GLY A 73 -2.23 -0.55 10.84
CA GLY A 73 -1.88 0.82 11.19
C GLY A 73 -2.86 1.86 10.71
N ARG A 74 -2.48 2.59 9.67
CA ARG A 74 -3.22 3.79 9.28
C ARG A 74 -4.08 3.58 8.04
N GLY A 75 -5.06 2.70 8.15
CA GLY A 75 -6.02 2.51 7.09
C GLY A 75 -7.43 2.53 7.63
N GLY A 76 -8.41 2.80 6.78
CA GLY A 76 -9.76 3.00 7.24
C GLY A 76 -10.58 1.73 7.26
N ILE A 77 -11.46 1.59 6.28
CA ILE A 77 -12.37 0.45 6.20
C ILE A 77 -12.31 -0.15 4.80
N SER A 78 -12.89 -1.33 4.61
CA SER A 78 -13.00 -1.92 3.28
C SER A 78 -14.26 -2.77 3.19
N GLY A 79 -14.89 -2.77 2.02
CA GLY A 79 -16.12 -3.51 1.84
C GLY A 79 -15.96 -4.71 0.95
N TYR A 80 -16.46 -5.85 1.41
CA TYR A 80 -16.50 -7.07 0.63
C TYR A 80 -17.94 -7.36 0.22
N THR A 81 -18.20 -7.30 -1.08
CA THR A 81 -19.55 -7.51 -1.60
C THR A 81 -19.66 -8.85 -2.33
N LEU A 82 -20.78 -9.53 -2.12
CA LEU A 82 -21.04 -10.82 -2.77
C LEU A 82 -21.31 -10.64 -4.26
N ARG A 83 -20.25 -10.49 -5.03
CA ARG A 83 -20.33 -10.30 -6.47
C ARG A 83 -18.94 -10.25 -7.08
N LEU A 84 -18.19 -9.24 -6.68
CA LEU A 84 -16.86 -8.98 -7.23
C LEU A 84 -15.80 -9.86 -6.59
N CYS A 85 -16.14 -10.44 -5.44
CA CYS A 85 -15.26 -11.37 -4.74
C CYS A 85 -14.88 -12.56 -5.63
N LYS A 86 -15.75 -12.83 -6.60
CA LYS A 86 -15.56 -13.97 -7.49
C LYS A 86 -14.46 -13.69 -8.52
N MET A 87 -13.66 -12.65 -8.27
CA MET A 87 -12.49 -12.38 -9.09
C MET A 87 -11.25 -13.04 -8.48
N ASP A 88 -11.11 -12.97 -7.16
CA ASP A 88 -9.89 -13.48 -6.53
C ASP A 88 -10.06 -14.95 -6.15
N ASN A 89 -10.28 -15.77 -7.17
CA ASN A 89 -10.47 -17.20 -6.96
C ASN A 89 -9.15 -17.92 -7.11
N GLU A 90 -8.44 -17.61 -8.18
CA GLU A 90 -7.23 -18.34 -8.53
C GLU A 90 -6.17 -17.42 -9.08
N PHE B 1 23.49 -2.38 -13.54
CA PHE B 1 23.79 -1.16 -12.77
C PHE B 1 22.65 -0.84 -11.81
N CYS B 2 22.94 -0.82 -10.53
CA CYS B 2 21.93 -0.49 -9.53
C CYS B 2 22.52 0.39 -8.44
N HIS B 3 23.23 -0.24 -7.49
CA HIS B 3 23.78 0.45 -6.33
C HIS B 3 22.67 1.21 -5.58
N SER B 4 22.51 2.49 -5.88
CA SER B 4 21.47 3.28 -5.27
C SER B 4 20.42 3.68 -6.31
N SER B 5 19.41 2.86 -6.50
CA SER B 5 18.36 3.16 -7.45
C SER B 5 17.16 3.75 -6.73
N PHE B 6 17.21 5.04 -6.48
CA PHE B 6 16.14 5.72 -5.78
C PHE B 6 15.14 6.33 -6.76
N TYR B 7 14.01 5.65 -6.89
CA TYR B 7 12.94 6.10 -7.76
C TYR B 7 11.86 6.76 -6.91
N HIS B 8 11.57 8.03 -7.19
CA HIS B 8 10.64 8.79 -6.38
C HIS B 8 9.30 8.96 -7.08
N ASP B 9 8.29 9.40 -6.33
CA ASP B 9 6.92 9.61 -6.84
C ASP B 9 6.19 8.28 -7.01
N THR B 10 6.94 7.26 -7.36
CA THR B 10 6.39 5.95 -7.61
C THR B 10 6.78 5.00 -6.50
N ASP B 11 5.79 4.54 -5.75
CA ASP B 11 6.05 3.57 -4.70
C ASP B 11 4.93 2.56 -4.62
N PHE B 12 5.29 1.31 -4.78
CA PHE B 12 4.35 0.21 -4.69
C PHE B 12 5.05 -1.04 -4.23
N LEU B 13 4.26 -1.95 -3.72
CA LEU B 13 4.76 -3.13 -3.03
C LEU B 13 4.85 -4.32 -3.98
N GLY B 14 5.56 -5.35 -3.54
CA GLY B 14 5.64 -6.57 -4.31
C GLY B 14 5.19 -7.78 -3.50
N GLU B 15 5.79 -7.97 -2.33
CA GLU B 15 5.44 -9.10 -1.48
C GLU B 15 5.19 -8.65 -0.04
N GLU B 16 6.21 -8.75 0.82
CA GLU B 16 6.02 -8.46 2.23
C GLU B 16 6.39 -7.01 2.54
N LEU B 17 5.70 -6.42 3.52
CA LEU B 17 5.98 -5.04 3.91
C LEU B 17 5.65 -4.81 5.38
N ASP B 18 6.51 -4.06 6.06
CA ASP B 18 6.30 -3.68 7.45
C ASP B 18 6.48 -2.18 7.61
N ILE B 19 5.47 -1.51 8.14
CA ILE B 19 5.50 -0.07 8.32
C ILE B 19 5.69 0.30 9.79
N VAL B 20 6.70 1.11 10.05
CA VAL B 20 6.93 1.61 11.40
C VAL B 20 6.77 3.12 11.42
N ALA B 21 6.19 3.63 12.50
CA ALA B 21 5.98 5.06 12.66
C ALA B 21 6.99 5.64 13.64
N ALA B 22 8.00 6.30 13.11
CA ALA B 22 9.04 6.91 13.92
C ALA B 22 9.87 7.86 13.08
N LYS B 23 10.45 8.87 13.71
CA LYS B 23 11.30 9.82 13.01
C LYS B 23 12.72 9.27 12.94
N SER B 24 13.66 10.09 12.47
CA SER B 24 15.06 9.69 12.29
C SER B 24 15.17 8.66 11.16
N HIS B 25 15.34 9.16 9.95
CA HIS B 25 15.41 8.31 8.75
C HIS B 25 16.55 7.31 8.84
N GLU B 26 17.62 7.68 9.55
CA GLU B 26 18.77 6.80 9.69
C GLU B 26 18.41 5.59 10.55
N ALA B 27 17.47 5.78 11.47
CA ALA B 27 17.05 4.69 12.36
C ALA B 27 16.51 3.53 11.54
N CYS B 28 15.74 3.86 10.50
CA CYS B 28 15.17 2.85 9.61
C CYS B 28 16.24 1.93 9.06
N GLN B 29 17.44 2.45 8.85
CA GLN B 29 18.51 1.68 8.21
C GLN B 29 18.88 0.45 9.03
N LYS B 30 18.42 0.39 10.28
CA LYS B 30 18.63 -0.78 11.13
C LYS B 30 18.07 -2.03 10.47
N LEU B 31 17.05 -1.86 9.62
CA LEU B 31 16.40 -2.99 8.98
C LEU B 31 17.33 -3.68 8.00
N CYS B 32 18.34 -2.97 7.53
CA CYS B 32 19.35 -3.59 6.66
C CYS B 32 20.61 -3.92 7.47
N THR B 33 20.65 -3.44 8.70
CA THR B 33 21.80 -3.68 9.58
C THR B 33 21.59 -4.96 10.41
N ASN B 34 20.33 -5.25 10.72
CA ASN B 34 19.99 -6.44 11.49
C ASN B 34 20.02 -7.67 10.61
N ALA B 35 19.21 -7.63 9.57
CA ALA B 35 19.14 -8.71 8.62
C ALA B 35 19.20 -8.14 7.21
N VAL B 36 20.33 -8.33 6.55
CA VAL B 36 20.53 -7.81 5.21
C VAL B 36 19.75 -8.65 4.20
N ARG B 37 18.44 -8.49 4.24
CA ARG B 37 17.54 -9.13 3.29
C ARG B 37 16.45 -8.14 2.89
N CYS B 38 16.75 -6.86 3.13
CA CYS B 38 15.86 -5.77 2.75
C CYS B 38 15.88 -5.59 1.24
N GLN B 39 14.96 -4.80 0.71
CA GLN B 39 14.95 -4.55 -0.72
C GLN B 39 14.65 -3.10 -1.03
N PHE B 40 13.57 -2.57 -0.47
CA PHE B 40 13.26 -1.16 -0.68
C PHE B 40 13.15 -0.44 0.65
N PHE B 41 13.72 0.74 0.70
CA PHE B 41 13.50 1.65 1.81
C PHE B 41 12.69 2.85 1.31
N THR B 42 11.49 3.01 1.80
CA THR B 42 10.62 4.08 1.35
C THR B 42 10.62 5.26 2.32
N TYR B 43 10.93 6.41 1.77
CA TYR B 43 11.02 7.66 2.49
C TYR B 43 9.81 8.52 2.16
N THR B 44 8.88 8.66 3.10
CA THR B 44 7.75 9.55 2.87
C THR B 44 7.65 10.60 3.98
N PRO B 45 8.24 11.78 3.75
CA PRO B 45 8.23 12.88 4.70
C PRO B 45 7.08 13.85 4.47
N ALA B 46 6.26 14.03 5.50
CA ALA B 46 5.14 14.97 5.42
C ALA B 46 5.54 16.30 6.04
N GLN B 47 5.21 17.39 5.36
CA GLN B 47 5.55 18.72 5.86
C GLN B 47 4.29 19.47 6.26
N ALA B 48 3.17 18.77 6.27
CA ALA B 48 1.89 19.38 6.53
C ALA B 48 1.14 18.61 7.60
N SER B 49 -0.07 19.09 7.93
CA SER B 49 -0.96 18.45 8.90
C SER B 49 -0.53 18.74 10.33
N CYS B 50 -1.52 19.11 11.13
CA CYS B 50 -1.32 19.48 12.53
C CYS B 50 -0.63 18.37 13.34
N ASN B 51 -0.92 17.11 12.98
CA ASN B 51 -0.36 15.96 13.70
C ASN B 51 1.13 15.80 13.40
N GLU B 52 1.56 16.34 12.25
CA GLU B 52 2.93 16.18 11.77
C GLU B 52 3.25 14.70 11.56
N GLY B 53 3.84 14.08 12.59
CA GLY B 53 4.34 12.72 12.46
C GLY B 53 5.49 12.65 11.49
N LYS B 54 5.14 12.56 10.20
CA LYS B 54 6.06 12.59 9.06
C LYS B 54 7.14 11.49 9.12
N GLY B 55 7.08 10.63 10.12
CA GLY B 55 8.00 9.53 10.22
C GLY B 55 7.38 8.24 9.78
N LYS B 56 7.00 8.18 8.51
CA LYS B 56 6.41 6.97 7.96
C LYS B 56 7.47 6.20 7.19
N CYS B 57 7.78 5.01 7.66
CA CYS B 57 8.89 4.25 7.13
C CYS B 57 8.40 2.91 6.55
N TYR B 58 8.72 2.66 5.28
CA TYR B 58 8.31 1.41 4.63
C TYR B 58 9.46 0.45 4.49
N LEU B 59 9.32 -0.73 5.10
CA LEU B 59 10.22 -1.84 4.87
C LEU B 59 9.52 -2.83 3.94
N LYS B 60 9.92 -2.87 2.68
CA LYS B 60 9.23 -3.74 1.73
C LYS B 60 10.21 -4.60 0.93
N LEU B 61 9.65 -5.58 0.23
CA LEU B 61 10.40 -6.61 -0.46
C LEU B 61 9.53 -7.19 -1.57
N SER B 62 10.14 -7.66 -2.66
CA SER B 62 9.37 -8.26 -3.75
C SER B 62 10.17 -9.35 -4.45
N SER B 63 9.64 -10.56 -4.44
CA SER B 63 10.18 -11.64 -5.24
C SER B 63 9.49 -11.64 -6.61
N ASN B 64 10.19 -12.14 -7.63
CA ASN B 64 9.64 -12.15 -8.99
C ASN B 64 8.48 -13.14 -9.11
N GLY B 65 8.28 -13.94 -8.05
CA GLY B 65 7.14 -14.82 -7.99
C GLY B 65 5.86 -14.04 -7.71
N SER B 66 6.00 -12.88 -7.09
CA SER B 66 4.87 -12.03 -6.78
C SER B 66 4.77 -10.90 -7.81
N PRO B 67 3.58 -10.29 -7.96
CA PRO B 67 3.38 -9.16 -8.85
C PRO B 67 3.98 -7.87 -8.28
N THR B 68 5.19 -7.55 -8.69
CA THR B 68 5.85 -6.34 -8.23
C THR B 68 5.37 -5.14 -9.07
N LYS B 69 4.69 -4.22 -8.41
CA LYS B 69 4.10 -3.08 -9.09
C LYS B 69 4.57 -1.78 -8.48
N ILE B 70 4.39 -0.67 -9.23
CA ILE B 70 4.77 0.67 -8.78
C ILE B 70 3.58 1.63 -8.88
N LEU B 71 3.45 2.53 -7.91
CA LEU B 71 2.32 3.46 -7.88
C LEU B 71 2.71 4.78 -8.54
N HIS B 72 1.77 5.38 -9.24
CA HIS B 72 2.04 6.57 -10.03
C HIS B 72 1.79 7.87 -9.25
N GLY B 73 2.87 8.50 -8.81
CA GLY B 73 2.79 9.84 -8.25
C GLY B 73 2.21 9.90 -6.85
N ARG B 74 2.06 8.75 -6.20
CA ARG B 74 1.47 8.72 -4.86
C ARG B 74 2.48 8.22 -3.83
N GLY B 75 3.73 8.07 -4.25
CA GLY B 75 4.77 7.63 -3.34
C GLY B 75 5.71 8.75 -2.97
N GLY B 76 6.75 8.43 -2.21
CA GLY B 76 7.70 9.43 -1.83
C GLY B 76 9.03 9.18 -2.49
N ILE B 77 10.01 8.77 -1.70
CA ILE B 77 11.31 8.43 -2.23
C ILE B 77 11.65 6.99 -1.89
N SER B 78 11.64 6.11 -2.87
CA SER B 78 11.96 4.71 -2.62
C SER B 78 13.28 4.37 -3.31
N GLY B 79 14.00 3.40 -2.78
CA GLY B 79 15.31 3.11 -3.34
C GLY B 79 15.73 1.67 -3.22
N TYR B 80 16.38 1.18 -4.26
CA TYR B 80 17.04 -0.12 -4.24
C TYR B 80 18.45 0.05 -3.66
N THR B 81 19.07 -1.05 -3.29
CA THR B 81 20.41 -1.02 -2.72
C THR B 81 21.30 -2.06 -3.42
N LEU B 82 22.62 -1.90 -3.27
CA LEU B 82 23.62 -2.64 -4.05
C LEU B 82 23.29 -4.13 -4.27
N ARG B 83 23.55 -4.96 -3.28
CA ARG B 83 23.42 -6.41 -3.45
C ARG B 83 21.97 -6.87 -3.58
N LEU B 84 21.12 -6.33 -2.72
CA LEU B 84 19.74 -6.79 -2.62
C LEU B 84 18.87 -6.31 -3.78
N CYS B 85 19.45 -5.53 -4.68
CA CYS B 85 18.76 -5.11 -5.88
C CYS B 85 18.37 -6.34 -6.69
N LYS B 86 19.32 -7.26 -6.83
CA LYS B 86 19.12 -8.48 -7.59
C LYS B 86 18.11 -9.40 -6.89
N MET B 87 17.82 -9.09 -5.63
CA MET B 87 16.94 -9.92 -4.82
C MET B 87 15.47 -9.69 -5.21
N ASP B 88 15.24 -8.82 -6.19
CA ASP B 88 13.90 -8.59 -6.73
C ASP B 88 13.33 -9.89 -7.33
N ASN B 89 14.20 -10.88 -7.47
CA ASN B 89 13.79 -12.17 -8.00
C ASN B 89 13.42 -13.13 -6.87
N GLU B 90 14.38 -13.39 -5.98
CA GLU B 90 14.19 -14.38 -4.93
C GLU B 90 15.18 -14.16 -3.78
N PHE A 1 -17.65 -18.05 -1.16
CA PHE A 1 -18.14 -16.76 -1.69
C PHE A 1 -17.90 -15.65 -0.67
N CYS A 2 -18.52 -14.50 -0.89
CA CYS A 2 -18.27 -13.34 -0.06
C CYS A 2 -19.56 -12.66 0.35
N HIS A 3 -19.46 -11.80 1.35
CA HIS A 3 -20.57 -10.99 1.81
C HIS A 3 -20.03 -9.60 2.15
N SER A 4 -20.85 -8.58 1.96
CA SER A 4 -20.41 -7.21 2.19
C SER A 4 -20.05 -6.99 3.67
N SER A 5 -18.77 -7.07 3.96
CA SER A 5 -18.27 -6.87 5.30
C SER A 5 -17.10 -5.89 5.26
N PHE A 6 -16.82 -5.23 6.37
CA PHE A 6 -15.81 -4.19 6.40
C PHE A 6 -14.79 -4.41 7.51
N TYR A 7 -13.56 -4.70 7.11
CA TYR A 7 -12.46 -4.89 8.05
C TYR A 7 -11.87 -3.54 8.44
N HIS A 8 -12.19 -3.11 9.64
CA HIS A 8 -11.76 -1.81 10.14
C HIS A 8 -10.32 -1.85 10.62
N ASP A 9 -9.51 -0.96 10.06
CA ASP A 9 -8.08 -0.86 10.39
C ASP A 9 -7.38 -2.14 9.97
N THR A 10 -7.56 -2.53 8.71
CA THR A 10 -7.04 -3.80 8.22
C THR A 10 -6.91 -3.75 6.71
N ASP A 11 -5.73 -4.10 6.20
CA ASP A 11 -5.49 -4.07 4.77
C ASP A 11 -5.24 -5.44 4.20
N PHE A 12 -6.18 -5.91 3.41
CA PHE A 12 -5.95 -7.06 2.56
C PHE A 12 -5.50 -6.59 1.20
N LEU A 13 -4.28 -6.94 0.82
CA LEU A 13 -3.72 -6.53 -0.46
C LEU A 13 -3.40 -7.72 -1.33
N GLY A 14 -3.51 -7.52 -2.62
CA GLY A 14 -3.15 -8.55 -3.57
C GLY A 14 -2.15 -8.04 -4.59
N GLU A 15 -2.65 -7.44 -5.67
CA GLU A 15 -1.77 -6.92 -6.71
C GLU A 15 -1.90 -5.41 -6.90
N GLU A 16 -3.09 -4.97 -7.28
CA GLU A 16 -3.30 -3.61 -7.74
C GLU A 16 -3.61 -2.66 -6.58
N LEU A 17 -3.02 -1.48 -6.64
CA LEU A 17 -3.27 -0.42 -5.66
C LEU A 17 -3.53 0.89 -6.40
N ASP A 18 -4.80 1.24 -6.54
CA ASP A 18 -5.19 2.47 -7.22
C ASP A 18 -5.93 3.38 -6.25
N ILE A 19 -6.04 4.67 -6.59
CA ILE A 19 -6.68 5.63 -5.70
C ILE A 19 -7.75 6.43 -6.42
N VAL A 20 -8.91 6.58 -5.80
CA VAL A 20 -9.94 7.44 -6.31
C VAL A 20 -10.17 8.62 -5.38
N ALA A 21 -9.91 9.82 -5.89
CA ALA A 21 -10.03 11.03 -5.10
C ALA A 21 -11.40 11.66 -5.26
N ALA A 22 -12.29 11.36 -4.32
CA ALA A 22 -13.62 11.92 -4.33
C ALA A 22 -14.15 12.03 -2.90
N LYS A 23 -14.94 13.07 -2.64
CA LYS A 23 -15.53 13.24 -1.33
C LYS A 23 -16.83 12.46 -1.22
N SER A 24 -17.24 12.16 0.01
CA SER A 24 -18.28 11.18 0.29
C SER A 24 -17.80 9.78 -0.13
N HIS A 25 -17.46 8.95 0.85
CA HIS A 25 -16.94 7.61 0.57
C HIS A 25 -18.00 6.75 -0.12
N GLU A 26 -19.25 7.19 -0.02
CA GLU A 26 -20.34 6.57 -0.74
C GLU A 26 -20.15 6.78 -2.24
N ALA A 27 -19.79 8.00 -2.61
CA ALA A 27 -19.57 8.36 -4.00
C ALA A 27 -18.37 7.60 -4.57
N CYS A 28 -17.39 7.34 -3.70
CA CYS A 28 -16.23 6.53 -4.08
C CYS A 28 -16.67 5.20 -4.66
N GLN A 29 -17.80 4.68 -4.17
CA GLN A 29 -18.28 3.36 -4.56
C GLN A 29 -18.60 3.30 -6.06
N LYS A 30 -18.75 4.47 -6.69
CA LYS A 30 -19.00 4.52 -8.12
C LYS A 30 -17.85 3.90 -8.91
N LEU A 31 -16.69 3.76 -8.26
CA LEU A 31 -15.53 3.15 -8.89
C LEU A 31 -15.83 1.70 -9.29
N CYS A 32 -16.80 1.10 -8.60
CA CYS A 32 -17.16 -0.28 -8.86
C CYS A 32 -18.40 -0.36 -9.74
N THR A 33 -19.09 0.76 -9.92
CA THR A 33 -20.23 0.81 -10.82
C THR A 33 -19.76 1.05 -12.24
N ASN A 34 -18.52 1.51 -12.36
CA ASN A 34 -17.89 1.69 -13.66
C ASN A 34 -17.32 0.35 -14.10
N ALA A 35 -16.80 -0.38 -13.13
CA ALA A 35 -16.24 -1.70 -13.36
C ALA A 35 -16.35 -2.52 -12.09
N VAL A 36 -17.20 -3.55 -12.12
CA VAL A 36 -17.37 -4.43 -10.98
C VAL A 36 -16.14 -5.30 -10.72
N ARG A 37 -15.11 -4.66 -10.21
CA ARG A 37 -13.86 -5.34 -9.85
C ARG A 37 -13.33 -4.80 -8.54
N CYS A 38 -14.24 -4.30 -7.71
CA CYS A 38 -13.87 -3.80 -6.39
C CYS A 38 -13.67 -4.97 -5.43
N GLN A 39 -12.56 -5.65 -5.59
CA GLN A 39 -12.25 -6.82 -4.77
C GLN A 39 -11.99 -6.38 -3.34
N PHE A 40 -11.15 -5.37 -3.21
CA PHE A 40 -10.89 -4.76 -1.92
C PHE A 40 -11.08 -3.25 -2.03
N PHE A 41 -12.03 -2.72 -1.29
CA PHE A 41 -12.30 -1.29 -1.30
C PHE A 41 -12.16 -0.74 0.11
N THR A 42 -11.17 0.11 0.32
CA THR A 42 -10.91 0.64 1.63
C THR A 42 -10.96 2.16 1.62
N TYR A 43 -11.35 2.74 2.73
CA TYR A 43 -11.28 4.17 2.91
C TYR A 43 -10.85 4.47 4.33
N THR A 44 -10.20 5.61 4.53
CA THR A 44 -9.72 5.94 5.86
C THR A 44 -10.85 6.51 6.72
N PRO A 45 -11.04 5.94 7.93
CA PRO A 45 -12.10 6.37 8.86
C PRO A 45 -11.95 7.84 9.24
N ALA A 46 -10.71 8.26 9.41
CA ALA A 46 -10.42 9.66 9.66
C ALA A 46 -10.37 10.40 8.33
N GLN A 47 -11.53 10.87 7.90
CA GLN A 47 -11.64 11.58 6.63
C GLN A 47 -11.30 13.06 6.80
N ALA A 48 -11.04 13.46 8.04
CA ALA A 48 -10.69 14.83 8.33
C ALA A 48 -9.68 14.88 9.47
N SER A 49 -8.54 15.48 9.20
CA SER A 49 -7.49 15.67 10.21
C SER A 49 -6.55 16.76 9.72
N CYS A 50 -6.24 17.71 10.62
CA CYS A 50 -5.40 18.89 10.32
C CYS A 50 -6.10 19.85 9.35
N ASN A 51 -6.70 19.30 8.31
CA ASN A 51 -7.47 20.06 7.34
C ASN A 51 -8.75 19.29 7.03
N GLU A 52 -9.84 20.01 6.78
CA GLU A 52 -11.11 19.37 6.49
C GLU A 52 -11.18 18.95 5.02
N GLY A 53 -10.39 17.95 4.67
CA GLY A 53 -10.38 17.46 3.32
C GLY A 53 -11.29 16.25 3.15
N LYS A 54 -10.72 15.16 2.67
CA LYS A 54 -11.49 13.94 2.45
C LYS A 54 -10.59 12.71 2.57
N GLY A 55 -11.11 11.70 3.26
CA GLY A 55 -10.42 10.43 3.34
C GLY A 55 -10.40 9.74 2.00
N LYS A 56 -9.22 9.49 1.47
CA LYS A 56 -9.07 9.04 0.11
C LYS A 56 -9.38 7.56 -0.01
N CYS A 57 -10.20 7.21 -0.99
CA CYS A 57 -10.68 5.86 -1.14
C CYS A 57 -9.73 5.06 -2.04
N TYR A 58 -9.42 3.85 -1.62
CA TYR A 58 -8.40 3.05 -2.26
C TYR A 58 -8.99 1.84 -2.98
N LEU A 59 -8.56 1.62 -4.21
CA LEU A 59 -9.01 0.48 -5.01
C LEU A 59 -7.92 -0.58 -5.02
N LYS A 60 -8.27 -1.81 -4.65
CA LYS A 60 -7.31 -2.90 -4.69
C LYS A 60 -7.90 -4.10 -5.43
N LEU A 61 -7.06 -4.75 -6.23
CA LEU A 61 -7.51 -5.80 -7.16
C LEU A 61 -6.46 -6.89 -7.25
N SER A 62 -6.89 -8.13 -7.50
CA SER A 62 -5.97 -9.24 -7.69
C SER A 62 -6.39 -10.08 -8.89
N SER A 63 -5.41 -10.63 -9.60
CA SER A 63 -5.66 -11.59 -10.66
C SER A 63 -5.54 -13.03 -10.12
N ASN A 64 -5.59 -14.01 -11.02
CA ASN A 64 -5.52 -15.43 -10.66
C ASN A 64 -4.38 -15.73 -9.69
N GLY A 65 -3.22 -15.19 -9.98
CA GLY A 65 -2.05 -15.41 -9.14
C GLY A 65 -1.93 -14.36 -8.06
N SER A 66 -2.97 -14.25 -7.24
CA SER A 66 -3.05 -13.22 -6.21
C SER A 66 -2.17 -13.55 -5.02
N PRO A 67 -1.19 -12.69 -4.73
CA PRO A 67 -0.43 -12.77 -3.49
C PRO A 67 -1.26 -12.22 -2.34
N THR A 68 -1.33 -12.96 -1.26
CA THR A 68 -2.25 -12.62 -0.19
C THR A 68 -1.50 -12.28 1.10
N LYS A 69 -1.45 -11.00 1.41
CA LYS A 69 -0.72 -10.55 2.59
C LYS A 69 -1.54 -9.52 3.35
N ILE A 70 -1.32 -9.45 4.66
CA ILE A 70 -2.07 -8.54 5.50
C ILE A 70 -1.15 -7.49 6.10
N LEU A 71 -1.54 -6.24 5.95
CA LEU A 71 -0.78 -5.13 6.47
C LEU A 71 -1.73 -4.07 6.98
N HIS A 72 -1.19 -3.00 7.52
CA HIS A 72 -1.98 -1.88 7.98
C HIS A 72 -1.43 -0.59 7.39
N GLY A 73 -2.23 0.46 7.38
CA GLY A 73 -1.74 1.77 7.00
C GLY A 73 -2.00 2.10 5.54
N ARG A 74 -2.18 1.07 4.71
CA ARG A 74 -2.43 1.26 3.30
C ARG A 74 -3.85 1.77 3.09
N GLY A 75 -4.68 1.50 4.10
CA GLY A 75 -6.04 1.99 4.11
C GLY A 75 -6.54 2.15 5.52
N GLY A 76 -7.84 2.30 5.68
CA GLY A 76 -8.44 2.30 6.99
C GLY A 76 -9.34 1.11 7.16
N ILE A 77 -10.61 1.29 6.84
CA ILE A 77 -11.57 0.20 6.92
C ILE A 77 -11.81 -0.37 5.52
N SER A 78 -11.32 -1.59 5.29
CA SER A 78 -11.39 -2.21 3.98
C SER A 78 -12.60 -3.15 3.90
N GLY A 79 -13.50 -2.85 2.98
CA GLY A 79 -14.66 -3.70 2.79
C GLY A 79 -14.65 -4.38 1.45
N TYR A 80 -15.26 -5.55 1.38
CA TYR A 80 -15.44 -6.24 0.12
C TYR A 80 -16.93 -6.37 -0.17
N THR A 81 -17.30 -6.16 -1.42
CA THR A 81 -18.69 -5.93 -1.78
C THR A 81 -19.48 -7.20 -2.09
N LEU A 82 -19.50 -7.59 -3.36
CA LEU A 82 -20.42 -8.61 -3.84
C LEU A 82 -19.73 -9.69 -4.67
N ARG A 83 -20.54 -10.43 -5.42
CA ARG A 83 -20.14 -11.62 -6.20
C ARG A 83 -18.86 -11.43 -7.01
N LEU A 84 -18.52 -10.20 -7.37
CA LEU A 84 -17.32 -9.94 -8.18
C LEU A 84 -16.05 -10.38 -7.47
N CYS A 85 -16.15 -10.68 -6.18
CA CYS A 85 -15.03 -11.18 -5.40
C CYS A 85 -14.49 -12.48 -6.01
N LYS A 86 -15.38 -13.23 -6.65
CA LYS A 86 -15.02 -14.52 -7.22
C LYS A 86 -14.04 -14.38 -8.39
N MET A 87 -14.04 -13.20 -9.00
CA MET A 87 -13.18 -12.95 -10.16
C MET A 87 -11.74 -12.66 -9.74
N ASP A 88 -11.55 -12.48 -8.43
CA ASP A 88 -10.23 -12.10 -7.89
C ASP A 88 -9.15 -13.10 -8.28
N ASN A 89 -9.51 -14.37 -8.46
CA ASN A 89 -8.52 -15.37 -8.85
C ASN A 89 -8.89 -16.04 -10.17
N GLU A 90 -9.50 -15.30 -11.08
CA GLU A 90 -9.86 -15.85 -12.39
C GLU A 90 -8.89 -15.36 -13.46
N PHE B 1 24.54 -5.12 -13.95
CA PHE B 1 24.99 -5.10 -12.54
C PHE B 1 23.85 -4.63 -11.64
N CYS B 2 24.10 -4.53 -10.34
CA CYS B 2 23.08 -4.12 -9.40
C CYS B 2 23.36 -2.71 -8.91
N HIS B 3 22.32 -1.92 -8.70
CA HIS B 3 22.48 -0.56 -8.21
C HIS B 3 21.34 -0.21 -7.27
N SER B 4 21.52 0.86 -6.51
CA SER B 4 20.46 1.34 -5.62
C SER B 4 19.34 1.96 -6.44
N SER B 5 18.12 1.85 -5.95
CA SER B 5 16.97 2.31 -6.68
C SER B 5 16.14 3.28 -5.83
N PHE B 6 15.94 4.49 -6.32
CA PHE B 6 15.16 5.49 -5.62
C PHE B 6 14.06 6.06 -6.51
N TYR B 7 12.82 5.76 -6.14
CA TYR B 7 11.65 6.23 -6.87
C TYR B 7 11.03 7.43 -6.17
N HIS B 8 10.75 8.48 -6.91
CA HIS B 8 10.15 9.69 -6.36
C HIS B 8 8.72 9.82 -6.87
N ASP B 9 7.77 10.00 -5.96
CA ASP B 9 6.35 10.15 -6.32
C ASP B 9 5.81 8.85 -6.93
N THR B 10 6.43 7.73 -6.56
CA THR B 10 6.02 6.43 -7.08
C THR B 10 6.25 5.36 -6.02
N ASP B 11 5.28 4.47 -5.87
CA ASP B 11 5.36 3.41 -4.87
C ASP B 11 5.27 2.05 -5.55
N PHE B 12 5.86 1.02 -4.94
CA PHE B 12 5.87 -0.32 -5.51
C PHE B 12 5.47 -1.36 -4.46
N LEU B 13 4.73 -2.37 -4.89
CA LEU B 13 4.28 -3.44 -4.00
C LEU B 13 5.14 -4.68 -4.17
N GLY B 14 5.21 -5.49 -3.12
CA GLY B 14 5.94 -6.74 -3.19
C GLY B 14 5.34 -7.78 -2.27
N GLU B 15 6.19 -8.64 -1.73
CA GLU B 15 5.74 -9.71 -0.83
C GLU B 15 5.79 -9.29 0.61
N GLU B 16 6.97 -8.91 1.07
CA GLU B 16 7.17 -8.58 2.47
C GLU B 16 6.75 -7.14 2.74
N LEU B 17 5.65 -6.97 3.44
CA LEU B 17 5.09 -5.64 3.70
C LEU B 17 5.22 -5.26 5.17
N ASP B 18 6.10 -4.33 5.46
CA ASP B 18 6.20 -3.76 6.82
C ASP B 18 6.22 -2.25 6.76
N ILE B 19 5.28 -1.64 7.47
CA ILE B 19 5.22 -0.18 7.56
C ILE B 19 5.42 0.25 8.99
N VAL B 20 6.39 1.14 9.21
CA VAL B 20 6.66 1.66 10.54
C VAL B 20 6.81 3.17 10.52
N ALA B 21 6.20 3.83 11.49
CA ALA B 21 6.41 5.25 11.71
C ALA B 21 7.70 5.43 12.50
N ALA B 22 8.80 5.58 11.78
CA ALA B 22 10.11 5.57 12.41
C ALA B 22 10.64 6.99 12.56
N LYS B 23 11.37 7.19 13.64
CA LYS B 23 12.07 8.44 13.87
C LYS B 23 13.38 8.44 13.06
N SER B 24 13.62 9.52 12.34
CA SER B 24 14.79 9.64 11.47
C SER B 24 14.71 8.64 10.31
N HIS B 25 14.51 9.16 9.09
CA HIS B 25 14.40 8.32 7.90
C HIS B 25 15.67 7.51 7.66
N GLU B 26 16.79 7.98 8.22
CA GLU B 26 18.04 7.23 8.15
C GLU B 26 17.88 5.90 8.88
N ALA B 27 17.27 5.97 10.05
CA ALA B 27 17.12 4.80 10.92
C ALA B 27 16.45 3.65 10.20
N CYS B 28 15.49 3.97 9.32
CA CYS B 28 14.79 2.93 8.56
C CYS B 28 15.80 2.06 7.82
N GLN B 29 16.73 2.66 7.09
CA GLN B 29 17.66 1.86 6.30
C GLN B 29 18.61 1.09 7.22
N LYS B 30 18.76 1.59 8.44
CA LYS B 30 19.68 0.98 9.38
C LYS B 30 19.09 -0.32 9.91
N LEU B 31 17.76 -0.46 9.84
CA LEU B 31 17.14 -1.70 10.27
C LEU B 31 17.58 -2.82 9.33
N CYS B 32 17.92 -2.45 8.09
CA CYS B 32 18.36 -3.43 7.11
C CYS B 32 19.84 -3.75 7.28
N THR B 33 20.55 -2.91 8.03
CA THR B 33 21.98 -3.07 8.19
C THR B 33 22.33 -4.39 8.86
N ASN B 34 21.44 -4.83 9.76
CA ASN B 34 21.65 -6.08 10.49
C ASN B 34 21.88 -7.24 9.54
N ALA B 35 20.86 -7.54 8.75
CA ALA B 35 20.92 -8.63 7.77
C ALA B 35 19.64 -8.63 6.94
N VAL B 36 19.10 -7.44 6.74
CA VAL B 36 17.78 -7.31 6.14
C VAL B 36 17.88 -6.95 4.66
N ARG B 37 17.67 -7.95 3.82
CA ARG B 37 17.54 -7.73 2.39
C ARG B 37 16.23 -6.99 2.09
N CYS B 38 16.34 -5.69 1.88
CA CYS B 38 15.17 -4.86 1.61
C CYS B 38 15.36 -4.13 0.28
N GLN B 39 14.26 -3.90 -0.43
CA GLN B 39 14.35 -3.39 -1.80
C GLN B 39 14.08 -1.90 -1.84
N PHE B 40 13.04 -1.44 -1.16
CA PHE B 40 12.73 -0.03 -1.09
C PHE B 40 11.82 0.30 0.09
N PHE B 41 12.14 1.36 0.81
CA PHE B 41 11.24 1.85 1.84
C PHE B 41 10.61 3.15 1.36
N THR B 42 9.30 3.19 1.36
CA THR B 42 8.56 4.36 0.93
C THR B 42 8.43 5.34 2.06
N TYR B 43 9.23 6.39 2.00
CA TYR B 43 9.26 7.41 3.04
C TYR B 43 8.31 8.55 2.72
N THR B 44 7.56 8.97 3.72
CA THR B 44 6.74 10.16 3.61
C THR B 44 7.25 11.20 4.61
N PRO B 45 7.23 12.50 4.23
CA PRO B 45 7.72 13.60 5.06
C PRO B 45 7.33 13.46 6.54
N ALA B 46 8.35 13.32 7.38
CA ALA B 46 8.16 13.01 8.80
C ALA B 46 7.56 14.18 9.57
N GLN B 47 7.68 15.38 9.01
CA GLN B 47 7.17 16.56 9.69
C GLN B 47 6.06 17.23 8.89
N ALA B 48 5.71 16.65 7.75
CA ALA B 48 4.74 17.26 6.85
C ALA B 48 3.48 16.41 6.73
N SER B 49 3.33 15.44 7.62
CA SER B 49 2.13 14.63 7.65
C SER B 49 1.08 15.29 8.54
N CYS B 50 0.54 16.41 8.04
CA CYS B 50 -0.41 17.24 8.80
C CYS B 50 0.23 17.75 10.09
N ASN B 51 -0.08 17.10 11.20
CA ASN B 51 0.48 17.48 12.48
C ASN B 51 1.57 16.49 12.86
N GLU B 52 2.81 16.83 12.47
CA GLU B 52 3.95 15.93 12.64
C GLU B 52 3.75 14.65 11.80
N GLY B 53 3.02 13.69 12.37
CA GLY B 53 2.73 12.46 11.66
C GLY B 53 3.84 11.45 11.78
N LYS B 54 5.08 11.92 11.68
CA LYS B 54 6.28 11.09 11.76
C LYS B 54 6.48 10.31 10.46
N GLY B 55 7.73 10.03 10.13
CA GLY B 55 8.06 9.43 8.85
C GLY B 55 7.74 7.96 8.80
N LYS B 56 6.69 7.62 8.10
CA LYS B 56 6.37 6.23 7.85
C LYS B 56 7.23 5.71 6.71
N CYS B 57 8.04 4.72 6.97
CA CYS B 57 8.80 4.09 5.91
C CYS B 57 8.20 2.72 5.56
N TYR B 58 7.58 2.65 4.39
CA TYR B 58 6.95 1.43 3.90
C TYR B 58 7.99 0.52 3.27
N LEU B 59 8.42 -0.48 4.00
CA LEU B 59 9.46 -1.39 3.53
C LEU B 59 8.82 -2.63 2.88
N LYS B 60 9.18 -2.87 1.63
CA LYS B 60 8.75 -4.09 0.95
C LYS B 60 9.82 -4.62 0.01
N LEU B 61 9.64 -5.86 -0.43
CA LEU B 61 10.62 -6.57 -1.24
C LEU B 61 9.92 -7.58 -2.14
N SER B 62 10.67 -8.08 -3.13
CA SER B 62 10.31 -9.24 -3.97
C SER B 62 9.86 -8.82 -5.37
N SER B 63 10.83 -8.36 -6.15
CA SER B 63 10.64 -8.19 -7.59
C SER B 63 11.12 -9.45 -8.32
N ASN B 64 11.11 -10.57 -7.60
CA ASN B 64 11.61 -11.84 -8.10
C ASN B 64 10.51 -12.60 -8.84
N GLY B 65 10.56 -13.92 -8.80
CA GLY B 65 9.52 -14.73 -9.43
C GLY B 65 8.13 -14.41 -8.92
N SER B 66 8.05 -13.86 -7.71
CA SER B 66 6.78 -13.46 -7.12
C SER B 66 6.29 -12.16 -7.77
N PRO B 67 4.96 -11.95 -7.80
CA PRO B 67 4.36 -10.76 -8.42
C PRO B 67 4.75 -9.45 -7.72
N THR B 68 4.61 -8.35 -8.44
CA THR B 68 4.97 -7.03 -7.96
C THR B 68 4.22 -6.02 -8.80
N LYS B 69 3.95 -4.85 -8.25
CA LYS B 69 3.07 -3.92 -8.94
C LYS B 69 3.45 -2.47 -8.64
N ILE B 70 3.13 -1.58 -9.58
CA ILE B 70 3.40 -0.16 -9.41
C ILE B 70 2.17 0.53 -8.80
N LEU B 71 2.38 1.18 -7.66
CA LEU B 71 1.33 1.89 -6.95
C LEU B 71 1.32 3.35 -7.35
N HIS B 72 0.18 3.99 -7.19
CA HIS B 72 0.01 5.37 -7.66
C HIS B 72 -0.44 6.27 -6.53
N GLY B 73 0.06 7.50 -6.52
CA GLY B 73 -0.46 8.51 -5.63
C GLY B 73 0.11 8.47 -4.22
N ARG B 74 -0.19 7.42 -3.49
CA ARG B 74 0.11 7.38 -2.06
C ARG B 74 1.52 6.82 -1.79
N GLY B 75 2.50 7.40 -2.46
CA GLY B 75 3.89 7.01 -2.27
C GLY B 75 4.82 8.19 -2.36
N GLY B 76 5.70 8.34 -1.37
CA GLY B 76 6.60 9.46 -1.35
C GLY B 76 7.93 9.14 -2.02
N ILE B 77 8.90 8.70 -1.24
CA ILE B 77 10.20 8.36 -1.77
C ILE B 77 10.54 6.92 -1.43
N SER B 78 10.56 6.05 -2.44
CA SER B 78 10.81 4.63 -2.23
C SER B 78 12.23 4.28 -2.69
N GLY B 79 13.13 4.05 -1.74
CA GLY B 79 14.50 3.76 -2.11
C GLY B 79 15.21 2.84 -1.14
N TYR B 80 16.20 2.09 -1.65
CA TYR B 80 17.07 1.25 -0.83
C TYR B 80 18.34 0.89 -1.57
N THR B 81 19.28 0.30 -0.84
CA THR B 81 20.63 0.07 -1.32
C THR B 81 20.74 -1.24 -2.11
N LEU B 82 21.96 -1.52 -2.59
CA LEU B 82 22.24 -2.63 -3.50
C LEU B 82 21.85 -4.00 -2.90
N ARG B 83 21.76 -4.07 -1.57
CA ARG B 83 21.52 -5.35 -0.88
C ARG B 83 20.24 -6.04 -1.39
N LEU B 84 19.34 -5.26 -1.99
CA LEU B 84 18.09 -5.79 -2.51
C LEU B 84 18.31 -6.78 -3.66
N CYS B 85 19.40 -6.59 -4.39
CA CYS B 85 19.61 -7.31 -5.65
C CYS B 85 19.80 -8.81 -5.41
N LYS B 86 20.16 -9.19 -4.20
CA LYS B 86 20.36 -10.60 -3.87
C LYS B 86 19.06 -11.38 -3.97
N MET B 87 17.94 -10.70 -3.68
CA MET B 87 16.64 -11.35 -3.72
C MET B 87 15.93 -11.06 -5.03
N ASP B 88 16.69 -10.59 -6.02
CA ASP B 88 16.11 -10.27 -7.32
C ASP B 88 15.68 -11.52 -8.05
N ASN B 89 16.56 -12.51 -8.14
CA ASN B 89 16.22 -13.77 -8.78
C ASN B 89 16.39 -14.96 -7.83
N GLU B 90 15.49 -15.06 -6.86
CA GLU B 90 15.43 -16.23 -5.98
C GLU B 90 13.98 -16.59 -5.70
N PHE A 1 -18.11 -19.41 -0.12
CA PHE A 1 -18.76 -18.44 -1.04
C PHE A 1 -18.24 -17.04 -0.75
N CYS A 2 -18.66 -16.07 -1.54
CA CYS A 2 -18.26 -14.69 -1.33
C CYS A 2 -19.45 -13.88 -0.84
N HIS A 3 -19.25 -13.10 0.21
CA HIS A 3 -20.29 -12.24 0.75
C HIS A 3 -19.80 -10.81 0.81
N SER A 4 -20.71 -9.89 1.14
CA SER A 4 -20.36 -8.50 1.32
C SER A 4 -19.36 -8.37 2.46
N SER A 5 -18.13 -8.05 2.11
CA SER A 5 -17.05 -8.04 3.09
C SER A 5 -16.81 -6.63 3.63
N PHE A 6 -17.29 -6.40 4.83
CA PHE A 6 -17.08 -5.14 5.52
C PHE A 6 -16.28 -5.37 6.81
N TYR A 7 -14.98 -5.22 6.71
CA TYR A 7 -14.08 -5.43 7.85
C TYR A 7 -13.16 -4.23 7.99
N HIS A 8 -12.74 -3.94 9.22
CA HIS A 8 -12.00 -2.71 9.49
C HIS A 8 -10.68 -3.00 10.19
N ASP A 9 -9.75 -2.02 10.08
CA ASP A 9 -8.37 -2.14 10.57
C ASP A 9 -7.77 -3.51 10.28
N THR A 10 -8.06 -4.00 9.08
CA THR A 10 -7.52 -5.25 8.60
C THR A 10 -7.17 -5.11 7.13
N ASP A 11 -5.90 -5.30 6.81
CA ASP A 11 -5.42 -5.12 5.45
C ASP A 11 -4.89 -6.42 4.89
N PHE A 12 -5.49 -6.89 3.81
CA PHE A 12 -4.98 -8.06 3.12
C PHE A 12 -4.27 -7.64 1.85
N LEU A 13 -3.27 -8.42 1.46
CA LEU A 13 -2.46 -8.07 0.31
C LEU A 13 -2.35 -9.25 -0.66
N GLY A 14 -2.66 -8.97 -1.92
CA GLY A 14 -2.48 -9.94 -2.98
C GLY A 14 -2.22 -9.25 -4.31
N GLU A 15 -3.26 -8.67 -4.87
CA GLU A 15 -3.17 -7.91 -6.11
C GLU A 15 -3.73 -6.52 -5.86
N GLU A 16 -3.18 -5.89 -4.83
CA GLU A 16 -3.67 -4.62 -4.33
C GLU A 16 -3.58 -3.53 -5.38
N LEU A 17 -4.30 -2.47 -5.14
CA LEU A 17 -4.49 -1.40 -6.10
C LEU A 17 -4.39 -0.07 -5.36
N ASP A 18 -4.73 1.03 -6.02
CA ASP A 18 -4.23 2.33 -5.59
C ASP A 18 -5.21 3.05 -4.67
N ILE A 19 -4.75 4.14 -4.08
CA ILE A 19 -5.52 4.90 -3.11
C ILE A 19 -6.29 6.03 -3.80
N VAL A 20 -7.59 6.04 -3.63
CA VAL A 20 -8.42 7.07 -4.25
C VAL A 20 -8.95 8.05 -3.20
N ALA A 21 -8.54 9.30 -3.32
CA ALA A 21 -9.04 10.33 -2.43
C ALA A 21 -10.38 10.85 -2.94
N ALA A 22 -11.46 10.23 -2.47
CA ALA A 22 -12.79 10.57 -2.96
C ALA A 22 -13.73 10.86 -1.80
N LYS A 23 -14.31 12.05 -1.81
CA LYS A 23 -15.33 12.40 -0.84
C LYS A 23 -16.63 11.66 -1.14
N SER A 24 -17.40 11.41 -0.08
CA SER A 24 -18.57 10.52 -0.15
C SER A 24 -18.13 9.09 -0.44
N HIS A 25 -18.24 8.21 0.55
CA HIS A 25 -17.70 6.86 0.43
C HIS A 25 -18.43 6.06 -0.64
N GLU A 26 -19.66 6.46 -0.96
CA GLU A 26 -20.44 5.81 -2.01
C GLU A 26 -19.83 6.11 -3.38
N ALA A 27 -19.25 7.30 -3.50
CA ALA A 27 -18.68 7.74 -4.78
C ALA A 27 -17.63 6.76 -5.28
N CYS A 28 -16.86 6.21 -4.35
CA CYS A 28 -15.85 5.24 -4.69
C CYS A 28 -16.49 4.06 -5.43
N GLN A 29 -17.59 3.54 -4.91
CA GLN A 29 -18.19 2.34 -5.49
C GLN A 29 -18.86 2.65 -6.81
N LYS A 30 -18.94 3.95 -7.14
CA LYS A 30 -19.47 4.37 -8.43
C LYS A 30 -18.56 3.87 -9.55
N LEU A 31 -17.26 3.71 -9.28
CA LEU A 31 -16.35 3.24 -10.31
C LEU A 31 -16.61 1.76 -10.60
N CYS A 32 -17.43 1.13 -9.76
CA CYS A 32 -17.81 -0.25 -9.97
C CYS A 32 -19.20 -0.34 -10.60
N THR A 33 -19.91 0.78 -10.64
CA THR A 33 -21.28 0.78 -11.14
C THR A 33 -21.31 0.93 -12.66
N ASN A 34 -20.14 1.13 -13.25
CA ASN A 34 -20.02 1.17 -14.70
C ASN A 34 -19.47 -0.16 -15.20
N ALA A 35 -18.78 -0.86 -14.30
CA ALA A 35 -18.18 -2.15 -14.61
C ALA A 35 -17.86 -2.88 -13.32
N VAL A 36 -18.58 -3.97 -13.07
CA VAL A 36 -18.39 -4.75 -11.85
C VAL A 36 -17.10 -5.58 -11.94
N ARG A 37 -15.98 -4.92 -11.65
CA ARG A 37 -14.69 -5.58 -11.58
C ARG A 37 -13.99 -5.15 -10.30
N CYS A 38 -14.75 -4.50 -9.43
CA CYS A 38 -14.21 -3.96 -8.19
C CYS A 38 -14.00 -5.08 -7.17
N GLN A 39 -13.33 -4.76 -6.07
CA GLN A 39 -12.94 -5.78 -5.10
C GLN A 39 -13.31 -5.36 -3.69
N PHE A 40 -12.55 -4.42 -3.13
CA PHE A 40 -12.91 -3.83 -1.85
C PHE A 40 -12.18 -2.50 -1.69
N PHE A 41 -12.89 -1.48 -1.23
CA PHE A 41 -12.26 -0.20 -0.98
C PHE A 41 -12.14 0.02 0.51
N THR A 42 -10.92 0.18 0.96
CA THR A 42 -10.64 0.42 2.35
C THR A 42 -10.70 1.92 2.64
N TYR A 43 -11.85 2.38 3.09
CA TYR A 43 -12.07 3.80 3.30
C TYR A 43 -11.65 4.20 4.70
N THR A 44 -10.96 5.31 4.79
CA THR A 44 -10.52 5.83 6.07
C THR A 44 -10.97 7.28 6.21
N PRO A 45 -11.56 7.64 7.37
CA PRO A 45 -11.99 9.01 7.65
C PRO A 45 -10.92 10.03 7.28
N ALA A 46 -9.82 10.05 8.05
CA ALA A 46 -8.62 10.85 7.73
C ALA A 46 -8.86 12.37 7.86
N GLN A 47 -10.05 12.82 7.52
CA GLN A 47 -10.39 14.23 7.54
C GLN A 47 -10.38 14.79 8.97
N ALA A 48 -10.23 13.90 9.94
CA ALA A 48 -10.19 14.29 11.34
C ALA A 48 -8.96 15.14 11.64
N SER A 49 -7.96 15.08 10.79
CA SER A 49 -6.77 15.90 10.94
C SER A 49 -7.00 17.27 10.30
N CYS A 50 -6.72 17.39 9.01
CA CYS A 50 -6.93 18.63 8.29
C CYS A 50 -7.37 18.37 6.86
N ASN A 51 -8.67 18.20 6.66
CA ASN A 51 -9.25 17.98 5.34
C ASN A 51 -10.76 18.01 5.43
N GLU A 52 -11.41 18.78 4.56
CA GLU A 52 -12.86 18.87 4.57
C GLU A 52 -13.45 18.10 3.41
N GLY A 53 -12.60 17.68 2.48
CA GLY A 53 -13.04 16.93 1.33
C GLY A 53 -12.96 15.44 1.56
N LYS A 54 -13.18 15.05 2.81
CA LYS A 54 -13.09 13.66 3.25
C LYS A 54 -11.66 13.16 3.18
N GLY A 55 -11.50 11.86 3.40
CA GLY A 55 -10.19 11.27 3.39
C GLY A 55 -9.88 10.54 2.11
N LYS A 56 -9.93 9.22 2.17
CA LYS A 56 -9.57 8.39 1.03
C LYS A 56 -10.12 6.97 1.14
N CYS A 57 -10.43 6.39 0.00
CA CYS A 57 -10.81 5.00 -0.08
C CYS A 57 -9.74 4.22 -0.85
N TYR A 58 -9.15 3.24 -0.17
CA TYR A 58 -8.09 2.45 -0.76
C TYR A 58 -8.70 1.37 -1.66
N LEU A 59 -8.61 1.55 -2.97
CA LEU A 59 -9.25 0.64 -3.88
C LEU A 59 -8.23 -0.40 -4.29
N LYS A 60 -8.32 -1.58 -3.68
CA LYS A 60 -7.31 -2.59 -3.90
C LYS A 60 -7.91 -3.97 -4.09
N LEU A 61 -7.08 -4.91 -4.58
CA LEU A 61 -7.56 -6.26 -4.82
C LEU A 61 -6.78 -7.27 -3.98
N SER A 62 -7.52 -8.11 -3.26
CA SER A 62 -6.95 -9.14 -2.41
C SER A 62 -8.01 -10.17 -2.00
N SER A 63 -8.71 -10.73 -2.98
CA SER A 63 -9.71 -11.73 -2.70
C SER A 63 -9.11 -13.15 -2.78
N ASN A 64 -9.05 -13.69 -3.99
CA ASN A 64 -8.53 -15.04 -4.19
C ASN A 64 -7.10 -14.99 -4.73
N GLY A 65 -6.81 -13.92 -5.47
CA GLY A 65 -5.46 -13.71 -5.99
C GLY A 65 -4.43 -13.59 -4.89
N SER A 66 -4.88 -13.20 -3.71
CA SER A 66 -4.02 -13.07 -2.55
C SER A 66 -3.85 -14.40 -1.85
N PRO A 67 -2.60 -14.86 -1.69
CA PRO A 67 -2.31 -16.05 -0.89
C PRO A 67 -2.63 -15.80 0.58
N THR A 68 -1.71 -15.17 1.28
CA THR A 68 -1.95 -14.71 2.63
C THR A 68 -0.93 -13.66 3.06
N LYS A 69 -1.13 -12.42 2.61
CA LYS A 69 -0.30 -11.33 3.08
C LYS A 69 -1.15 -10.43 3.97
N ILE A 70 -0.82 -10.36 5.25
CA ILE A 70 -1.65 -9.64 6.21
C ILE A 70 -0.95 -8.42 6.77
N LEU A 71 -1.46 -7.26 6.42
CA LEU A 71 -1.01 -5.99 6.97
C LEU A 71 -1.93 -5.58 8.09
N HIS A 72 -1.50 -4.66 8.93
CA HIS A 72 -2.32 -4.24 10.07
C HIS A 72 -2.33 -2.73 10.25
N GLY A 73 -3.47 -2.12 9.95
CA GLY A 73 -3.67 -0.72 10.26
C GLY A 73 -3.12 0.22 9.21
N ARG A 74 -3.21 -0.15 7.95
CA ARG A 74 -2.79 0.72 6.87
C ARG A 74 -4.00 1.39 6.24
N GLY A 75 -5.16 0.78 6.44
CA GLY A 75 -6.39 1.35 5.95
C GLY A 75 -7.34 1.71 7.07
N GLY A 76 -8.63 1.64 6.79
CA GLY A 76 -9.64 1.89 7.81
C GLY A 76 -10.75 0.87 7.76
N ILE A 77 -11.74 1.13 6.93
CA ILE A 77 -12.89 0.25 6.80
C ILE A 77 -12.95 -0.31 5.38
N SER A 78 -12.68 -1.59 5.21
CA SER A 78 -12.72 -2.22 3.90
C SER A 78 -14.12 -2.75 3.62
N GLY A 79 -14.76 -2.23 2.58
CA GLY A 79 -16.11 -2.66 2.26
C GLY A 79 -16.37 -2.73 0.77
N TYR A 80 -16.93 -3.86 0.33
CA TYR A 80 -17.40 -4.03 -1.04
C TYR A 80 -18.35 -5.23 -1.13
N THR A 81 -18.98 -5.42 -2.27
CA THR A 81 -20.12 -6.33 -2.37
C THR A 81 -19.66 -7.78 -2.60
N LEU A 82 -20.63 -8.67 -2.78
CA LEU A 82 -20.34 -10.10 -2.87
C LEU A 82 -20.18 -10.57 -4.32
N ARG A 83 -21.14 -10.24 -5.18
CA ARG A 83 -21.17 -10.75 -6.55
C ARG A 83 -19.88 -10.40 -7.32
N LEU A 84 -19.21 -9.34 -6.89
CA LEU A 84 -18.02 -8.88 -7.57
C LEU A 84 -16.90 -9.91 -7.49
N CYS A 85 -16.98 -10.84 -6.54
CA CYS A 85 -15.86 -11.76 -6.23
C CYS A 85 -15.38 -12.51 -7.47
N LYS A 86 -16.26 -12.67 -8.46
CA LYS A 86 -15.92 -13.37 -9.69
C LYS A 86 -14.86 -12.58 -10.49
N MET A 87 -14.61 -11.34 -10.09
CA MET A 87 -13.65 -10.48 -10.76
C MET A 87 -12.23 -10.99 -10.56
N ASP A 88 -12.01 -11.70 -9.46
CA ASP A 88 -10.67 -12.10 -9.07
C ASP A 88 -10.17 -13.23 -9.96
N ASN A 89 -10.91 -14.33 -9.99
CA ASN A 89 -10.48 -15.54 -10.66
C ASN A 89 -10.70 -15.48 -12.17
N GLU A 90 -11.17 -14.34 -12.65
CA GLU A 90 -11.44 -14.15 -14.07
C GLU A 90 -10.34 -13.30 -14.69
N PHE B 1 26.61 -5.20 -7.10
CA PHE B 1 25.56 -5.42 -8.13
C PHE B 1 24.45 -4.36 -8.06
N CYS B 2 24.44 -3.56 -7.00
CA CYS B 2 23.46 -2.50 -6.89
C CYS B 2 24.08 -1.24 -6.30
N HIS B 3 23.52 -0.10 -6.67
CA HIS B 3 23.99 1.19 -6.20
C HIS B 3 22.81 1.96 -5.65
N SER B 4 23.05 2.76 -4.60
CA SER B 4 22.02 3.60 -4.02
C SER B 4 21.35 4.46 -5.08
N SER B 5 20.14 4.08 -5.46
CA SER B 5 19.40 4.75 -6.51
C SER B 5 18.06 5.24 -5.96
N PHE B 6 17.95 6.54 -5.77
CA PHE B 6 16.75 7.13 -5.19
C PHE B 6 15.90 7.81 -6.26
N TYR B 7 14.67 7.37 -6.36
CA TYR B 7 13.74 7.89 -7.36
C TYR B 7 12.50 8.46 -6.69
N HIS B 8 11.92 9.49 -7.29
CA HIS B 8 10.77 10.17 -6.70
C HIS B 8 9.47 9.71 -7.35
N ASP B 9 8.48 9.46 -6.50
CA ASP B 9 7.14 9.04 -6.91
C ASP B 9 7.17 7.77 -7.76
N THR B 10 7.43 6.66 -7.10
CA THR B 10 7.34 5.35 -7.73
C THR B 10 7.14 4.30 -6.65
N ASP B 11 5.90 3.88 -6.46
CA ASP B 11 5.57 2.89 -5.44
C ASP B 11 5.30 1.56 -6.09
N PHE B 12 5.70 0.49 -5.43
CA PHE B 12 5.49 -0.85 -5.95
C PHE B 12 4.69 -1.67 -4.96
N LEU B 13 3.82 -2.50 -5.50
CA LEU B 13 3.06 -3.44 -4.69
C LEU B 13 3.80 -4.77 -4.70
N GLY B 14 4.04 -5.32 -3.52
CA GLY B 14 4.80 -6.54 -3.43
C GLY B 14 4.24 -7.49 -2.40
N GLU B 15 5.13 -8.12 -1.64
CA GLU B 15 4.71 -9.12 -0.66
C GLU B 15 4.51 -8.49 0.72
N GLU B 16 5.61 -8.27 1.44
CA GLU B 16 5.52 -7.72 2.79
C GLU B 16 5.62 -6.21 2.79
N LEU B 17 4.52 -5.56 3.14
CA LEU B 17 4.49 -4.13 3.35
C LEU B 17 4.48 -3.84 4.85
N ASP B 18 5.65 -3.52 5.39
CA ASP B 18 5.79 -3.25 6.82
C ASP B 18 6.37 -1.85 7.02
N ILE B 19 5.82 -1.11 7.98
CA ILE B 19 6.17 0.29 8.16
C ILE B 19 6.65 0.58 9.58
N VAL B 20 7.62 1.46 9.70
CA VAL B 20 8.16 1.85 10.99
C VAL B 20 8.28 3.38 11.09
N ALA B 21 7.93 3.93 12.24
CA ALA B 21 8.07 5.36 12.47
C ALA B 21 9.37 5.62 13.21
N ALA B 22 10.38 6.07 12.48
CA ALA B 22 11.70 6.24 13.05
C ALA B 22 12.09 7.70 13.11
N LYS B 23 12.67 8.08 14.24
CA LYS B 23 13.23 9.41 14.40
C LYS B 23 14.63 9.41 13.78
N SER B 24 14.95 10.48 13.06
CA SER B 24 16.15 10.52 12.22
C SER B 24 15.95 9.59 11.03
N HIS B 25 15.61 10.17 9.89
CA HIS B 25 15.24 9.40 8.70
C HIS B 25 16.39 8.52 8.20
N GLU B 26 17.61 8.88 8.56
CA GLU B 26 18.77 8.07 8.21
C GLU B 26 18.79 6.77 9.02
N ALA B 27 18.28 6.83 10.24
CA ALA B 27 18.28 5.68 11.13
C ALA B 27 17.42 4.55 10.56
N CYS B 28 16.48 4.92 9.68
CA CYS B 28 15.65 3.95 8.98
C CYS B 28 16.52 2.91 8.28
N GLN B 29 17.66 3.35 7.75
CA GLN B 29 18.59 2.50 7.02
C GLN B 29 18.96 1.27 7.84
N LYS B 30 18.99 1.43 9.16
CA LYS B 30 19.45 0.38 10.06
C LYS B 30 18.53 -0.84 10.03
N LEU B 31 17.34 -0.71 9.45
CA LEU B 31 16.44 -1.85 9.35
C LEU B 31 17.02 -2.90 8.39
N CYS B 32 17.88 -2.44 7.49
CA CYS B 32 18.56 -3.33 6.57
C CYS B 32 19.85 -3.88 7.18
N THR B 33 20.11 -3.48 8.42
CA THR B 33 21.28 -3.97 9.13
C THR B 33 20.94 -5.26 9.87
N ASN B 34 19.74 -5.29 10.45
CA ASN B 34 19.28 -6.46 11.18
C ASN B 34 18.93 -7.57 10.18
N ALA B 35 18.20 -7.17 9.15
CA ALA B 35 17.85 -8.07 8.07
C ALA B 35 18.30 -7.48 6.75
N VAL B 36 19.44 -7.97 6.26
CA VAL B 36 19.98 -7.49 4.99
C VAL B 36 19.20 -8.10 3.82
N ARG B 37 17.94 -7.69 3.70
CA ARG B 37 17.07 -8.21 2.67
C ARG B 37 16.04 -7.17 2.28
N CYS B 38 16.53 -6.03 1.82
CA CYS B 38 15.65 -4.95 1.41
C CYS B 38 15.72 -4.80 -0.11
N GLN B 39 14.63 -5.13 -0.79
CA GLN B 39 14.57 -4.97 -2.23
C GLN B 39 14.51 -3.48 -2.54
N PHE B 40 13.41 -2.85 -2.19
CA PHE B 40 13.28 -1.40 -2.34
C PHE B 40 12.76 -0.78 -1.05
N PHE B 41 13.53 0.16 -0.53
CA PHE B 41 13.17 0.85 0.69
C PHE B 41 12.55 2.19 0.34
N THR B 42 11.37 2.46 0.87
CA THR B 42 10.61 3.63 0.46
C THR B 42 10.29 4.54 1.65
N TYR B 43 10.51 5.82 1.45
CA TYR B 43 10.24 6.83 2.44
C TYR B 43 9.20 7.80 1.89
N THR B 44 8.31 8.27 2.75
CA THR B 44 7.25 9.14 2.29
C THR B 44 7.59 10.60 2.54
N PRO B 45 7.10 11.50 1.67
CA PRO B 45 7.31 12.95 1.81
C PRO B 45 6.30 13.57 2.78
N ALA B 46 5.74 12.74 3.64
CA ALA B 46 4.70 13.15 4.57
C ALA B 46 5.31 13.63 5.89
N GLN B 47 6.39 14.38 5.80
CA GLN B 47 7.02 14.98 6.97
C GLN B 47 6.40 16.34 7.29
N ALA B 48 5.30 16.62 6.63
CA ALA B 48 4.55 17.85 6.86
C ALA B 48 3.06 17.60 6.64
N SER B 49 2.30 17.59 7.73
CA SER B 49 0.86 17.31 7.66
C SER B 49 0.13 17.91 8.86
N CYS B 50 0.18 19.24 8.97
CA CYS B 50 -0.58 19.97 9.98
C CYS B 50 -0.17 19.60 11.41
N ASN B 51 1.02 19.01 11.54
CA ASN B 51 1.51 18.52 12.84
C ASN B 51 2.82 17.79 12.66
N GLU B 52 2.94 17.13 11.50
CA GLU B 52 4.08 16.30 11.13
C GLU B 52 4.44 15.29 12.21
N GLY B 53 3.79 14.13 12.14
CA GLY B 53 4.06 13.06 13.08
C GLY B 53 5.32 12.29 12.70
N LYS B 54 6.41 13.02 12.53
CA LYS B 54 7.70 12.47 12.17
C LYS B 54 7.70 11.77 10.81
N GLY B 55 8.81 11.11 10.51
CA GLY B 55 8.96 10.48 9.23
C GLY B 55 8.73 8.99 9.28
N LYS B 56 7.79 8.53 8.49
CA LYS B 56 7.46 7.12 8.43
C LYS B 56 8.10 6.48 7.22
N CYS B 57 9.03 5.59 7.47
CA CYS B 57 9.73 4.85 6.44
C CYS B 57 9.24 3.40 6.47
N TYR B 58 9.16 2.76 5.32
CA TYR B 58 8.69 1.39 5.29
C TYR B 58 9.40 0.57 4.23
N LEU B 59 9.34 -0.73 4.39
CA LEU B 59 10.06 -1.66 3.54
C LEU B 59 9.08 -2.53 2.77
N LYS B 60 9.34 -2.70 1.49
CA LYS B 60 8.60 -3.64 0.68
C LYS B 60 9.59 -4.54 -0.05
N LEU B 61 9.41 -5.84 0.09
CA LEU B 61 10.23 -6.79 -0.64
C LEU B 61 9.33 -7.67 -1.49
N SER B 62 9.81 -8.03 -2.67
CA SER B 62 9.02 -8.82 -3.60
C SER B 62 9.90 -9.82 -4.31
N SER B 63 9.48 -11.08 -4.27
CA SER B 63 10.14 -12.11 -5.06
C SER B 63 9.63 -12.01 -6.50
N ASN B 64 10.50 -12.24 -7.46
CA ASN B 64 10.10 -12.14 -8.87
C ASN B 64 9.07 -13.20 -9.24
N GLY B 65 9.08 -14.31 -8.50
CA GLY B 65 8.07 -15.34 -8.69
C GLY B 65 6.74 -14.97 -8.04
N SER B 66 6.72 -13.82 -7.39
CA SER B 66 5.51 -13.33 -6.74
C SER B 66 4.85 -12.25 -7.59
N PRO B 67 3.54 -11.98 -7.37
CA PRO B 67 2.82 -10.91 -8.08
C PRO B 67 3.28 -9.52 -7.65
N THR B 68 3.02 -8.52 -8.49
CA THR B 68 3.45 -7.16 -8.20
C THR B 68 2.64 -6.16 -9.01
N LYS B 69 2.42 -4.98 -8.46
CA LYS B 69 1.64 -3.93 -9.12
C LYS B 69 2.37 -2.59 -9.05
N ILE B 70 2.14 -1.72 -10.02
CA ILE B 70 2.79 -0.41 -10.03
C ILE B 70 1.86 0.65 -9.45
N LEU B 71 2.37 1.44 -8.51
CA LEU B 71 1.57 2.43 -7.81
C LEU B 71 2.30 3.78 -7.77
N HIS B 72 1.58 4.84 -7.42
CA HIS B 72 2.16 6.19 -7.37
C HIS B 72 1.54 7.00 -6.24
N GLY B 73 2.19 8.11 -5.88
CA GLY B 73 1.65 8.99 -4.86
C GLY B 73 1.99 8.56 -3.44
N ARG B 74 2.12 7.25 -3.25
CA ARG B 74 2.38 6.69 -1.93
C ARG B 74 3.86 6.46 -1.71
N GLY B 75 4.61 6.37 -2.79
CA GLY B 75 6.05 6.21 -2.70
C GLY B 75 6.76 7.48 -3.09
N GLY B 76 6.99 8.35 -2.12
CA GLY B 76 7.53 9.67 -2.43
C GLY B 76 8.99 9.61 -2.80
N ILE B 77 9.79 8.99 -1.96
CA ILE B 77 11.19 8.77 -2.29
C ILE B 77 11.60 7.35 -1.91
N SER B 78 11.83 6.53 -2.92
CA SER B 78 12.23 5.14 -2.71
C SER B 78 13.62 4.92 -3.27
N GLY B 79 14.38 4.04 -2.63
CA GLY B 79 15.75 3.84 -3.02
C GLY B 79 16.19 2.39 -2.98
N TYR B 80 16.90 1.99 -4.03
CA TYR B 80 17.59 0.71 -4.04
C TYR B 80 18.90 0.87 -3.27
N THR B 81 19.26 -0.13 -2.47
CA THR B 81 20.40 0.01 -1.59
C THR B 81 21.65 -0.67 -2.15
N LEU B 82 21.97 -1.85 -1.61
CA LEU B 82 23.23 -2.53 -1.92
C LEU B 82 22.97 -3.98 -2.31
N ARG B 83 23.99 -4.83 -2.12
CA ARG B 83 23.98 -6.26 -2.48
C ARG B 83 22.67 -6.97 -2.13
N LEU B 84 22.07 -6.56 -1.02
CA LEU B 84 20.82 -7.16 -0.52
C LEU B 84 19.69 -7.11 -1.55
N CYS B 85 19.82 -6.24 -2.54
CA CYS B 85 18.83 -6.10 -3.60
C CYS B 85 18.56 -7.43 -4.31
N LYS B 86 19.58 -8.28 -4.36
CA LYS B 86 19.53 -9.53 -5.11
C LYS B 86 18.54 -10.52 -4.49
N MET B 87 17.95 -10.13 -3.37
CA MET B 87 16.92 -10.91 -2.71
C MET B 87 15.67 -11.00 -3.56
N ASP B 88 15.60 -10.16 -4.59
CA ASP B 88 14.41 -10.07 -5.44
C ASP B 88 14.13 -11.38 -6.15
N ASN B 89 15.13 -12.26 -6.21
CA ASN B 89 14.92 -13.59 -6.78
C ASN B 89 14.91 -14.63 -5.67
N GLU B 90 15.76 -14.45 -4.68
CA GLU B 90 15.93 -15.42 -3.61
C GLU B 90 16.33 -14.72 -2.31
#